data_7HMO
# 
_entry.id   7HMO 
# 
_audit_conform.dict_name       mmcif_pdbx.dic 
_audit_conform.dict_version    5.399 
_audit_conform.dict_location   http://mmcif.pdb.org/dictionaries/ascii/mmcif_pdbx.dic 
# 
loop_
_database_2.database_id 
_database_2.database_code 
_database_2.pdbx_database_accession 
_database_2.pdbx_DOI 
PDB   7HMO         pdb_00007hmo 10.2210/pdb7hmo/pdb 
WWPDB D_1001407666 ?            ?                   
# 
_pdbx_audit_revision_history.ordinal             1 
_pdbx_audit_revision_history.data_content_type   'Structure model' 
_pdbx_audit_revision_history.major_revision      1 
_pdbx_audit_revision_history.minor_revision      0 
_pdbx_audit_revision_history.revision_date       2024-11-27 
# 
_pdbx_audit_revision_details.ordinal             1 
_pdbx_audit_revision_details.revision_ordinal    1 
_pdbx_audit_revision_details.data_content_type   'Structure model' 
_pdbx_audit_revision_details.provider            repository 
_pdbx_audit_revision_details.type                'Initial release' 
_pdbx_audit_revision_details.description         ? 
_pdbx_audit_revision_details.details             ? 
# 
_pdbx_database_status.entry_id                        7HMO 
_pdbx_database_status.status_code                     REL 
_pdbx_database_status.status_code_sf                  REL 
_pdbx_database_status.status_code_mr                  ? 
_pdbx_database_status.status_code_cs                  ? 
_pdbx_database_status.recvd_initial_deposition_date   2024-11-04 
_pdbx_database_status.status_code_nmr_data            ? 
_pdbx_database_status.deposit_site                    RCSB 
_pdbx_database_status.process_site                    RCSB 
_pdbx_database_status.SG_entry                        ? 
_pdbx_database_status.pdb_format_compatible           Y 
_pdbx_database_status.methods_development_category    ? 
# 
_pdbx_contact_author.id                 1 
_pdbx_contact_author.email              knapp@pharmchem.uni-frankfurt.de 
_pdbx_contact_author.name_first         Stefan 
_pdbx_contact_author.name_last          Knapp 
_pdbx_contact_author.role               'principal investigator/group leader' 
_pdbx_contact_author.identifier_ORCID   0000-0001-5995-6494 
_pdbx_contact_author.name_mi            ? 
# 
loop_
_audit_author.name 
_audit_author.pdbx_ordinal 
'Kim, Y.'                              1 
'Marples, P.'                          2 
'Fearon, D.'                           3 
'von Delft, F.'                        4 
'Knapp, S.'                            5 
'Kraemer, A.'                          6 
'Structural Genomics Consortium (SGC)' 7 
# 
_citation.id                        primary 
_citation.title                     'PanDDA analysis group deposition' 
_citation.journal_abbrev            'To Be Published' 
_citation.journal_volume            ? 
_citation.page_first                ? 
_citation.page_last                 ? 
_citation.year                      ? 
_citation.journal_id_ASTM           ? 
_citation.country                   ? 
_citation.journal_id_ISSN           ? 
_citation.journal_id_CSD            0353 
_citation.book_publisher            ? 
_citation.pdbx_database_id_PubMed   ? 
_citation.pdbx_database_id_DOI      ? 
# 
loop_
_citation_author.citation_id 
_citation_author.name 
_citation_author.identifier_ORCID 
_citation_author.ordinal 
primary 'Kim, Y.'                              ? 1 
primary 'Marples, P.'                          ? 2 
primary 'Fearon, D.'                           ? 3 
primary 'von Delft, F.'                        ? 4 
primary 'Knapp, S.'                            ? 5 
primary 'Kraemer, A.'                          ? 6 
primary 'Structural Genomics Consortium (SGC)' ? 7 
# 
loop_
_entity.id 
_entity.type 
_entity.src_method 
_entity.pdbx_description 
_entity.formula_weight 
_entity.pdbx_number_of_molecules 
_entity.pdbx_ec 
_entity.pdbx_mutation 
_entity.pdbx_fragment 
_entity.details 
1 polymer     man 'E3 ubiquitin-protein ligase TRIM21'         21596.361 1   2.3.2.27 ? ? ? 
2 non-polymer syn 1,2-ETHANEDIOL                               62.068    2   ?        ? ? ? 
3 non-polymer syn '4-(4-fluorophenyl)piperazine-1-carboxamide' 223.247   1   ?        ? ? ? 
4 non-polymer syn 'SULFATE ION'                                96.063    1   ?        ? ? ? 
5 water       nat water                                        18.015    139 ?        ? ? ? 
# 
_entity_name_com.entity_id   1 
_entity_name_com.name        
;52 kDa Ro protein,52 kDa ribonucleoprotein autoantigen Ro/SS-A,Ro(SS-A),Sjoegren syndrome type A antigen,SS-A,Tripartite motif-containing protein 21
;
# 
_entity_poly.entity_id                      1 
_entity_poly.type                           'polypeptide(L)' 
_entity_poly.nstd_linkage                   no 
_entity_poly.nstd_monomer                   no 
_entity_poly.pdbx_seq_one_letter_code       
;MHHHHHHMVHITLDRNTANSWLIISKDRRQVRMGDTHQNVSDNKERFSNYPMVLGAQRFSSGKMYWEVDVTQKEAWDLGV
CRDSVQRKGQFSLSPENGFWTIWLWQDSYEAGTSPQTTLHIQVPPCQIGIFVDYEAGVVSFYNITDHGSLIYTFSECVFA
GPLRPFFNVGFNYSGGNAAPLKLCPLKM
;
_entity_poly.pdbx_seq_one_letter_code_can   
;MHHHHHHMVHITLDRNTANSWLIISKDRRQVRMGDTHQNVSDNKERFSNYPMVLGAQRFSSGKMYWEVDVTQKEAWDLGV
CRDSVQRKGQFSLSPENGFWTIWLWQDSYEAGTSPQTTLHIQVPPCQIGIFVDYEAGVVSFYNITDHGSLIYTFSECVFA
GPLRPFFNVGFNYSGGNAAPLKLCPLKM
;
_entity_poly.pdbx_strand_id                 B 
_entity_poly.pdbx_target_identifier         ? 
# 
loop_
_pdbx_entity_nonpoly.entity_id 
_pdbx_entity_nonpoly.name 
_pdbx_entity_nonpoly.comp_id 
2 1,2-ETHANEDIOL                               EDO 
3 '4-(4-fluorophenyl)piperazine-1-carboxamide' O1M 
4 'SULFATE ION'                                SO4 
5 water                                        HOH 
# 
loop_
_entity_poly_seq.entity_id 
_entity_poly_seq.num 
_entity_poly_seq.mon_id 
_entity_poly_seq.hetero 
1 1   MET n 
1 2   HIS n 
1 3   HIS n 
1 4   HIS n 
1 5   HIS n 
1 6   HIS n 
1 7   HIS n 
1 8   MET n 
1 9   VAL n 
1 10  HIS n 
1 11  ILE n 
1 12  THR n 
1 13  LEU n 
1 14  ASP n 
1 15  ARG n 
1 16  ASN n 
1 17  THR n 
1 18  ALA n 
1 19  ASN n 
1 20  SER n 
1 21  TRP n 
1 22  LEU n 
1 23  ILE n 
1 24  ILE n 
1 25  SER n 
1 26  LYS n 
1 27  ASP n 
1 28  ARG n 
1 29  ARG n 
1 30  GLN n 
1 31  VAL n 
1 32  ARG n 
1 33  MET n 
1 34  GLY n 
1 35  ASP n 
1 36  THR n 
1 37  HIS n 
1 38  GLN n 
1 39  ASN n 
1 40  VAL n 
1 41  SER n 
1 42  ASP n 
1 43  ASN n 
1 44  LYS n 
1 45  GLU n 
1 46  ARG n 
1 47  PHE n 
1 48  SER n 
1 49  ASN n 
1 50  TYR n 
1 51  PRO n 
1 52  MET n 
1 53  VAL n 
1 54  LEU n 
1 55  GLY n 
1 56  ALA n 
1 57  GLN n 
1 58  ARG n 
1 59  PHE n 
1 60  SER n 
1 61  SER n 
1 62  GLY n 
1 63  LYS n 
1 64  MET n 
1 65  TYR n 
1 66  TRP n 
1 67  GLU n 
1 68  VAL n 
1 69  ASP n 
1 70  VAL n 
1 71  THR n 
1 72  GLN n 
1 73  LYS n 
1 74  GLU n 
1 75  ALA n 
1 76  TRP n 
1 77  ASP n 
1 78  LEU n 
1 79  GLY n 
1 80  VAL n 
1 81  CYS n 
1 82  ARG n 
1 83  ASP n 
1 84  SER n 
1 85  VAL n 
1 86  GLN n 
1 87  ARG n 
1 88  LYS n 
1 89  GLY n 
1 90  GLN n 
1 91  PHE n 
1 92  SER n 
1 93  LEU n 
1 94  SER n 
1 95  PRO n 
1 96  GLU n 
1 97  ASN n 
1 98  GLY n 
1 99  PHE n 
1 100 TRP n 
1 101 THR n 
1 102 ILE n 
1 103 TRP n 
1 104 LEU n 
1 105 TRP n 
1 106 GLN n 
1 107 ASP n 
1 108 SER n 
1 109 TYR n 
1 110 GLU n 
1 111 ALA n 
1 112 GLY n 
1 113 THR n 
1 114 SER n 
1 115 PRO n 
1 116 GLN n 
1 117 THR n 
1 118 THR n 
1 119 LEU n 
1 120 HIS n 
1 121 ILE n 
1 122 GLN n 
1 123 VAL n 
1 124 PRO n 
1 125 PRO n 
1 126 CYS n 
1 127 GLN n 
1 128 ILE n 
1 129 GLY n 
1 130 ILE n 
1 131 PHE n 
1 132 VAL n 
1 133 ASP n 
1 134 TYR n 
1 135 GLU n 
1 136 ALA n 
1 137 GLY n 
1 138 VAL n 
1 139 VAL n 
1 140 SER n 
1 141 PHE n 
1 142 TYR n 
1 143 ASN n 
1 144 ILE n 
1 145 THR n 
1 146 ASP n 
1 147 HIS n 
1 148 GLY n 
1 149 SER n 
1 150 LEU n 
1 151 ILE n 
1 152 TYR n 
1 153 THR n 
1 154 PHE n 
1 155 SER n 
1 156 GLU n 
1 157 CYS n 
1 158 VAL n 
1 159 PHE n 
1 160 ALA n 
1 161 GLY n 
1 162 PRO n 
1 163 LEU n 
1 164 ARG n 
1 165 PRO n 
1 166 PHE n 
1 167 PHE n 
1 168 ASN n 
1 169 VAL n 
1 170 GLY n 
1 171 PHE n 
1 172 ASN n 
1 173 TYR n 
1 174 SER n 
1 175 GLY n 
1 176 GLY n 
1 177 ASN n 
1 178 ALA n 
1 179 ALA n 
1 180 PRO n 
1 181 LEU n 
1 182 LYS n 
1 183 LEU n 
1 184 CYS n 
1 185 PRO n 
1 186 LEU n 
1 187 LYS n 
1 188 MET n 
# 
_entity_src_gen.entity_id                          1 
_entity_src_gen.pdbx_src_id                        1 
_entity_src_gen.pdbx_alt_source_flag               sample 
_entity_src_gen.pdbx_seq_type                      'Biological sequence' 
_entity_src_gen.pdbx_beg_seq_num                   1 
_entity_src_gen.pdbx_end_seq_num                   188 
_entity_src_gen.gene_src_common_name               'house mouse' 
_entity_src_gen.gene_src_genus                     ? 
_entity_src_gen.pdbx_gene_src_gene                 'Trim21, Ro52, Ssa1' 
_entity_src_gen.gene_src_species                   ? 
_entity_src_gen.gene_src_strain                    ? 
_entity_src_gen.gene_src_tissue                    ? 
_entity_src_gen.gene_src_tissue_fraction           ? 
_entity_src_gen.gene_src_details                   ? 
_entity_src_gen.pdbx_gene_src_fragment             ? 
_entity_src_gen.pdbx_gene_src_scientific_name      'Mus musculus' 
_entity_src_gen.pdbx_gene_src_ncbi_taxonomy_id     10090 
_entity_src_gen.pdbx_gene_src_variant              ? 
_entity_src_gen.pdbx_gene_src_cell_line            ? 
_entity_src_gen.pdbx_gene_src_atcc                 ? 
_entity_src_gen.pdbx_gene_src_organ                ? 
_entity_src_gen.pdbx_gene_src_organelle            ? 
_entity_src_gen.pdbx_gene_src_cell                 ? 
_entity_src_gen.pdbx_gene_src_cellular_location    ? 
_entity_src_gen.host_org_common_name               ? 
_entity_src_gen.pdbx_host_org_scientific_name      'Escherichia coli' 
_entity_src_gen.pdbx_host_org_ncbi_taxonomy_id     562 
_entity_src_gen.host_org_genus                     ? 
_entity_src_gen.pdbx_host_org_gene                 ? 
_entity_src_gen.pdbx_host_org_organ                ? 
_entity_src_gen.host_org_species                   ? 
_entity_src_gen.pdbx_host_org_tissue               ? 
_entity_src_gen.pdbx_host_org_tissue_fraction      ? 
_entity_src_gen.pdbx_host_org_strain               ? 
_entity_src_gen.pdbx_host_org_variant              ? 
_entity_src_gen.pdbx_host_org_cell_line            ? 
_entity_src_gen.pdbx_host_org_atcc                 ? 
_entity_src_gen.pdbx_host_org_culture_collection   ? 
_entity_src_gen.pdbx_host_org_cell                 ? 
_entity_src_gen.pdbx_host_org_organelle            ? 
_entity_src_gen.pdbx_host_org_cellular_location    ? 
_entity_src_gen.pdbx_host_org_vector_type          ? 
_entity_src_gen.pdbx_host_org_vector               ? 
_entity_src_gen.host_org_details                   ? 
_entity_src_gen.expression_system_id               ? 
_entity_src_gen.plasmid_name                       ? 
_entity_src_gen.plasmid_details                    ? 
_entity_src_gen.pdbx_description                   ? 
# 
loop_
_chem_comp.id 
_chem_comp.type 
_chem_comp.mon_nstd_flag 
_chem_comp.name 
_chem_comp.pdbx_synonyms 
_chem_comp.formula 
_chem_comp.formula_weight 
ALA 'L-peptide linking' y ALANINE                                      ?                 'C3 H7 N O2'     89.093  
ARG 'L-peptide linking' y ARGININE                                     ?                 'C6 H15 N4 O2 1' 175.209 
ASN 'L-peptide linking' y ASPARAGINE                                   ?                 'C4 H8 N2 O3'    132.118 
ASP 'L-peptide linking' y 'ASPARTIC ACID'                              ?                 'C4 H7 N O4'     133.103 
CYS 'L-peptide linking' y CYSTEINE                                     ?                 'C3 H7 N O2 S'   121.158 
EDO non-polymer         . 1,2-ETHANEDIOL                               'ETHYLENE GLYCOL' 'C2 H6 O2'       62.068  
GLN 'L-peptide linking' y GLUTAMINE                                    ?                 'C5 H10 N2 O3'   146.144 
GLU 'L-peptide linking' y 'GLUTAMIC ACID'                              ?                 'C5 H9 N O4'     147.129 
GLY 'peptide linking'   y GLYCINE                                      ?                 'C2 H5 N O2'     75.067  
HIS 'L-peptide linking' y HISTIDINE                                    ?                 'C6 H10 N3 O2 1' 156.162 
HOH non-polymer         . WATER                                        ?                 'H2 O'           18.015  
ILE 'L-peptide linking' y ISOLEUCINE                                   ?                 'C6 H13 N O2'    131.173 
LEU 'L-peptide linking' y LEUCINE                                      ?                 'C6 H13 N O2'    131.173 
LYS 'L-peptide linking' y LYSINE                                       ?                 'C6 H15 N2 O2 1' 147.195 
MET 'L-peptide linking' y METHIONINE                                   ?                 'C5 H11 N O2 S'  149.211 
O1M non-polymer         . '4-(4-fluorophenyl)piperazine-1-carboxamide' ?                 'C11 H14 F N3 O' 223.247 
PHE 'L-peptide linking' y PHENYLALANINE                                ?                 'C9 H11 N O2'    165.189 
PRO 'L-peptide linking' y PROLINE                                      ?                 'C5 H9 N O2'     115.130 
SER 'L-peptide linking' y SERINE                                       ?                 'C3 H7 N O3'     105.093 
SO4 non-polymer         . 'SULFATE ION'                                ?                 'O4 S -2'        96.063  
THR 'L-peptide linking' y THREONINE                                    ?                 'C4 H9 N O3'     119.119 
TRP 'L-peptide linking' y TRYPTOPHAN                                   ?                 'C11 H12 N2 O2'  204.225 
TYR 'L-peptide linking' y TYROSINE                                     ?                 'C9 H11 N O3'    181.189 
VAL 'L-peptide linking' y VALINE                                       ?                 'C5 H11 N O2'    117.146 
# 
loop_
_pdbx_poly_seq_scheme.asym_id 
_pdbx_poly_seq_scheme.entity_id 
_pdbx_poly_seq_scheme.seq_id 
_pdbx_poly_seq_scheme.mon_id 
_pdbx_poly_seq_scheme.ndb_seq_num 
_pdbx_poly_seq_scheme.pdb_seq_num 
_pdbx_poly_seq_scheme.auth_seq_num 
_pdbx_poly_seq_scheme.pdb_mon_id 
_pdbx_poly_seq_scheme.auth_mon_id 
_pdbx_poly_seq_scheme.pdb_strand_id 
_pdbx_poly_seq_scheme.pdb_ins_code 
_pdbx_poly_seq_scheme.hetero 
A 1 1   MET 1   7   ?   ?   ?   B . n 
A 1 2   HIS 2   8   8   HIS HIS B . n 
A 1 3   HIS 3   9   9   HIS HIS B . n 
A 1 4   HIS 4   10  10  HIS HIS B . n 
A 1 5   HIS 5   11  11  HIS HIS B . n 
A 1 6   HIS 6   12  12  HIS HIS B . n 
A 1 7   HIS 7   13  13  HIS HIS B . n 
A 1 8   MET 8   14  14  MET MET B . n 
A 1 9   VAL 9   15  15  VAL VAL B . n 
A 1 10  HIS 10  16  16  HIS HIS B . n 
A 1 11  ILE 11  17  17  ILE ILE B . n 
A 1 12  THR 12  18  18  THR THR B . n 
A 1 13  LEU 13  19  19  LEU LEU B . n 
A 1 14  ASP 14  20  20  ASP ASP B . n 
A 1 15  ARG 15  21  21  ARG ARG B . n 
A 1 16  ASN 16  22  22  ASN ASN B . n 
A 1 17  THR 17  23  23  THR THR B . n 
A 1 18  ALA 18  24  24  ALA ALA B . n 
A 1 19  ASN 19  25  25  ASN ASN B . n 
A 1 20  SER 20  26  26  SER SER B . n 
A 1 21  TRP 21  27  27  TRP TRP B . n 
A 1 22  LEU 22  28  28  LEU LEU B . n 
A 1 23  ILE 23  29  29  ILE ILE B . n 
A 1 24  ILE 24  30  30  ILE ILE B . n 
A 1 25  SER 25  31  31  SER SER B . n 
A 1 26  LYS 26  32  32  LYS LYS B . n 
A 1 27  ASP 27  33  33  ASP ASP B . n 
A 1 28  ARG 28  34  34  ARG ARG B . n 
A 1 29  ARG 29  35  35  ARG ARG B . n 
A 1 30  GLN 30  36  36  GLN GLN B . n 
A 1 31  VAL 31  37  37  VAL VAL B . n 
A 1 32  ARG 32  38  38  ARG ARG B . n 
A 1 33  MET 33  39  39  MET MET B . n 
A 1 34  GLY 34  40  40  GLY GLY B . n 
A 1 35  ASP 35  41  41  ASP ASP B . n 
A 1 36  THR 36  42  42  THR THR B . n 
A 1 37  HIS 37  43  43  HIS HIS B . n 
A 1 38  GLN 38  44  44  GLN GLN B . n 
A 1 39  ASN 39  45  45  ASN ASN B . n 
A 1 40  VAL 40  46  46  VAL VAL B . n 
A 1 41  SER 41  47  47  SER SER B . n 
A 1 42  ASP 42  48  48  ASP ASP B . n 
A 1 43  ASN 43  49  49  ASN ASN B . n 
A 1 44  LYS 44  50  50  LYS LYS B . n 
A 1 45  GLU 45  51  51  GLU GLU B . n 
A 1 46  ARG 46  52  52  ARG ARG B . n 
A 1 47  PHE 47  53  53  PHE PHE B . n 
A 1 48  SER 48  54  54  SER SER B . n 
A 1 49  ASN 49  55  55  ASN ASN B . n 
A 1 50  TYR 50  56  56  TYR TYR B . n 
A 1 51  PRO 51  57  57  PRO PRO B . n 
A 1 52  MET 52  58  58  MET MET B . n 
A 1 53  VAL 53  59  59  VAL VAL B . n 
A 1 54  LEU 54  60  60  LEU LEU B . n 
A 1 55  GLY 55  61  61  GLY GLY B . n 
A 1 56  ALA 56  62  62  ALA ALA B . n 
A 1 57  GLN 57  63  63  GLN GLN B . n 
A 1 58  ARG 58  64  64  ARG ARG B . n 
A 1 59  PHE 59  65  65  PHE PHE B . n 
A 1 60  SER 60  66  66  SER SER B . n 
A 1 61  SER 61  67  67  SER SER B . n 
A 1 62  GLY 62  68  68  GLY GLY B . n 
A 1 63  LYS 63  69  69  LYS LYS B . n 
A 1 64  MET 64  70  70  MET MET B . n 
A 1 65  TYR 65  71  71  TYR TYR B . n 
A 1 66  TRP 66  72  72  TRP TRP B . n 
A 1 67  GLU 67  73  73  GLU GLU B . n 
A 1 68  VAL 68  74  74  VAL VAL B . n 
A 1 69  ASP 69  75  75  ASP ASP B . n 
A 1 70  VAL 70  76  76  VAL VAL B . n 
A 1 71  THR 71  77  77  THR THR B . n 
A 1 72  GLN 72  78  78  GLN GLN B . n 
A 1 73  LYS 73  79  79  LYS LYS B . n 
A 1 74  GLU 74  80  80  GLU GLU B . n 
A 1 75  ALA 75  81  81  ALA ALA B . n 
A 1 76  TRP 76  82  82  TRP TRP B . n 
A 1 77  ASP 77  83  83  ASP ASP B . n 
A 1 78  LEU 78  84  84  LEU LEU B . n 
A 1 79  GLY 79  85  85  GLY GLY B . n 
A 1 80  VAL 80  86  86  VAL VAL B . n 
A 1 81  CYS 81  87  87  CYS CYS B . n 
A 1 82  ARG 82  88  88  ARG ARG B . n 
A 1 83  ASP 83  89  89  ASP ASP B . n 
A 1 84  SER 84  90  90  SER SER B . n 
A 1 85  VAL 85  91  91  VAL VAL B . n 
A 1 86  GLN 86  92  92  GLN GLN B . n 
A 1 87  ARG 87  93  93  ARG ARG B . n 
A 1 88  LYS 88  94  94  LYS LYS B . n 
A 1 89  GLY 89  95  95  GLY GLY B . n 
A 1 90  GLN 90  96  96  GLN GLN B . n 
A 1 91  PHE 91  97  97  PHE PHE B . n 
A 1 92  SER 92  98  98  SER SER B . n 
A 1 93  LEU 93  99  99  LEU LEU B . n 
A 1 94  SER 94  100 100 SER SER B . n 
A 1 95  PRO 95  101 101 PRO PRO B . n 
A 1 96  GLU 96  102 102 GLU GLU B . n 
A 1 97  ASN 97  103 103 ASN ASN B . n 
A 1 98  GLY 98  104 104 GLY GLY B . n 
A 1 99  PHE 99  105 105 PHE PHE B . n 
A 1 100 TRP 100 106 106 TRP TRP B . n 
A 1 101 THR 101 107 107 THR THR B . n 
A 1 102 ILE 102 108 108 ILE ILE B . n 
A 1 103 TRP 103 109 109 TRP TRP B . n 
A 1 104 LEU 104 110 110 LEU LEU B . n 
A 1 105 TRP 105 111 111 TRP TRP B . n 
A 1 106 GLN 106 112 112 GLN GLN B . n 
A 1 107 ASP 107 113 113 ASP ASP B . n 
A 1 108 SER 108 114 114 SER SER B . n 
A 1 109 TYR 109 115 115 TYR TYR B . n 
A 1 110 GLU 110 116 116 GLU GLU B . n 
A 1 111 ALA 111 117 117 ALA ALA B . n 
A 1 112 GLY 112 118 118 GLY GLY B . n 
A 1 113 THR 113 119 119 THR THR B . n 
A 1 114 SER 114 120 120 SER SER B . n 
A 1 115 PRO 115 121 121 PRO PRO B . n 
A 1 116 GLN 116 122 122 GLN GLN B . n 
A 1 117 THR 117 123 123 THR THR B . n 
A 1 118 THR 118 124 124 THR THR B . n 
A 1 119 LEU 119 125 125 LEU LEU B . n 
A 1 120 HIS 120 126 126 HIS HIS B . n 
A 1 121 ILE 121 127 127 ILE ILE B . n 
A 1 122 GLN 122 128 128 GLN GLN B . n 
A 1 123 VAL 123 129 129 VAL VAL B . n 
A 1 124 PRO 124 130 130 PRO PRO B . n 
A 1 125 PRO 125 131 131 PRO PRO B . n 
A 1 126 CYS 126 132 132 CYS CYS B . n 
A 1 127 GLN 127 133 133 GLN GLN B . n 
A 1 128 ILE 128 134 134 ILE ILE B . n 
A 1 129 GLY 129 135 135 GLY GLY B . n 
A 1 130 ILE 130 136 136 ILE ILE B . n 
A 1 131 PHE 131 137 137 PHE PHE B . n 
A 1 132 VAL 132 138 138 VAL VAL B . n 
A 1 133 ASP 133 139 139 ASP ASP B . n 
A 1 134 TYR 134 140 140 TYR TYR B . n 
A 1 135 GLU 135 141 141 GLU GLU B . n 
A 1 136 ALA 136 142 142 ALA ALA B . n 
A 1 137 GLY 137 143 143 GLY GLY B . n 
A 1 138 VAL 138 144 144 VAL VAL B . n 
A 1 139 VAL 139 145 145 VAL VAL B . n 
A 1 140 SER 140 146 146 SER SER B . n 
A 1 141 PHE 141 147 147 PHE PHE B . n 
A 1 142 TYR 142 148 148 TYR TYR B . n 
A 1 143 ASN 143 149 149 ASN ASN B . n 
A 1 144 ILE 144 150 150 ILE ILE B . n 
A 1 145 THR 145 151 151 THR THR B . n 
A 1 146 ASP 146 152 152 ASP ASP B . n 
A 1 147 HIS 147 153 153 HIS HIS B . n 
A 1 148 GLY 148 154 154 GLY GLY B . n 
A 1 149 SER 149 155 155 SER SER B . n 
A 1 150 LEU 150 156 156 LEU LEU B . n 
A 1 151 ILE 151 157 157 ILE ILE B . n 
A 1 152 TYR 152 158 158 TYR TYR B . n 
A 1 153 THR 153 159 159 THR THR B . n 
A 1 154 PHE 154 160 160 PHE PHE B . n 
A 1 155 SER 155 161 161 SER SER B . n 
A 1 156 GLU 156 162 162 GLU GLU B . n 
A 1 157 CYS 157 163 163 CYS CYS B . n 
A 1 158 VAL 158 164 164 VAL VAL B . n 
A 1 159 PHE 159 165 165 PHE PHE B . n 
A 1 160 ALA 160 166 166 ALA ALA B . n 
A 1 161 GLY 161 167 167 GLY GLY B . n 
A 1 162 PRO 162 168 168 PRO PRO B . n 
A 1 163 LEU 163 169 169 LEU LEU B . n 
A 1 164 ARG 164 170 170 ARG ARG B . n 
A 1 165 PRO 165 171 171 PRO PRO B . n 
A 1 166 PHE 166 172 172 PHE PHE B . n 
A 1 167 PHE 167 173 173 PHE PHE B . n 
A 1 168 ASN 168 174 174 ASN ASN B . n 
A 1 169 VAL 169 175 175 VAL VAL B . n 
A 1 170 GLY 170 176 176 GLY GLY B . n 
A 1 171 PHE 171 177 177 PHE PHE B . n 
A 1 172 ASN 172 178 178 ASN ASN B . n 
A 1 173 TYR 173 179 179 TYR TYR B . n 
A 1 174 SER 174 180 180 SER SER B . n 
A 1 175 GLY 175 181 181 GLY GLY B . n 
A 1 176 GLY 176 182 182 GLY GLY B . n 
A 1 177 ASN 177 183 183 ASN ASN B . n 
A 1 178 ALA 178 184 184 ALA ALA B . n 
A 1 179 ALA 179 185 185 ALA ALA B . n 
A 1 180 PRO 180 186 186 PRO PRO B . n 
A 1 181 LEU 181 187 187 LEU LEU B . n 
A 1 182 LYS 182 188 188 LYS LYS B . n 
A 1 183 LEU 183 189 189 LEU LEU B . n 
A 1 184 CYS 184 190 190 CYS CYS B . n 
A 1 185 PRO 185 191 191 PRO PRO B . n 
A 1 186 LEU 186 192 192 LEU LEU B . n 
A 1 187 LYS 187 193 ?   ?   ?   B . n 
A 1 188 MET 188 194 ?   ?   ?   B . n 
# 
_pdbx_entity_instance_feature.ordinal        1 
_pdbx_entity_instance_feature.comp_id        O1M 
_pdbx_entity_instance_feature.asym_id        ? 
_pdbx_entity_instance_feature.seq_num        ? 
_pdbx_entity_instance_feature.auth_comp_id   O1M 
_pdbx_entity_instance_feature.auth_asym_id   ? 
_pdbx_entity_instance_feature.auth_seq_num   ? 
_pdbx_entity_instance_feature.feature_type   'SUBJECT OF INVESTIGATION' 
_pdbx_entity_instance_feature.details        ? 
# 
loop_
_pdbx_nonpoly_scheme.asym_id 
_pdbx_nonpoly_scheme.entity_id 
_pdbx_nonpoly_scheme.mon_id 
_pdbx_nonpoly_scheme.ndb_seq_num 
_pdbx_nonpoly_scheme.pdb_seq_num 
_pdbx_nonpoly_scheme.auth_seq_num 
_pdbx_nonpoly_scheme.pdb_mon_id 
_pdbx_nonpoly_scheme.auth_mon_id 
_pdbx_nonpoly_scheme.pdb_strand_id 
_pdbx_nonpoly_scheme.pdb_ins_code 
B 2 EDO 1   201 202 EDO EDO B . 
C 3 O1M 1   202 302 O1M LIG B . 
D 2 EDO 1   203 305 EDO EDO B . 
E 4 SO4 1   204 1   SO4 SO4 B . 
F 5 HOH 1   301 29  HOH HOH B . 
F 5 HOH 2   302 12  HOH HOH B . 
F 5 HOH 3   303 2   HOH HOH B . 
F 5 HOH 4   304 22  HOH HOH B . 
F 5 HOH 5   305 11  HOH HOH B . 
F 5 HOH 6   306 80  HOH HOH B . 
F 5 HOH 7   307 129 HOH HOH B . 
F 5 HOH 8   308 184 HOH HOH B . 
F 5 HOH 9   309 26  HOH HOH B . 
F 5 HOH 10  310 33  HOH HOH B . 
F 5 HOH 11  311 16  HOH HOH B . 
F 5 HOH 12  312 63  HOH HOH B . 
F 5 HOH 13  313 21  HOH HOH B . 
F 5 HOH 14  314 90  HOH HOH B . 
F 5 HOH 15  315 102 HOH HOH B . 
F 5 HOH 16  316 267 HOH HOH B . 
F 5 HOH 17  317 1   HOH HOH B . 
F 5 HOH 18  318 27  HOH HOH B . 
F 5 HOH 19  319 10  HOH HOH B . 
F 5 HOH 20  320 5   HOH HOH B . 
F 5 HOH 21  321 100 HOH HOH B . 
F 5 HOH 22  322 70  HOH HOH B . 
F 5 HOH 23  323 66  HOH HOH B . 
F 5 HOH 24  324 31  HOH HOH B . 
F 5 HOH 25  325 214 HOH HOH B . 
F 5 HOH 26  326 34  HOH HOH B . 
F 5 HOH 27  327 39  HOH HOH B . 
F 5 HOH 28  328 58  HOH HOH B . 
F 5 HOH 29  329 11  HOH HOH B . 
F 5 HOH 30  330 95  HOH HOH B . 
F 5 HOH 31  331 197 HOH HOH B . 
F 5 HOH 32  332 81  HOH HOH B . 
F 5 HOH 33  333 18  HOH HOH B . 
F 5 HOH 34  334 30  HOH HOH B . 
F 5 HOH 35  335 22  HOH HOH B . 
F 5 HOH 36  336 2   HOH HOH B . 
F 5 HOH 37  337 7   HOH HOH B . 
F 5 HOH 38  338 76  HOH HOH B . 
F 5 HOH 39  339 16  HOH HOH B . 
F 5 HOH 40  340 73  HOH HOH B . 
F 5 HOH 41  341 29  HOH HOH B . 
F 5 HOH 42  342 36  HOH HOH B . 
F 5 HOH 43  343 40  HOH HOH B . 
F 5 HOH 44  344 27  HOH HOH B . 
F 5 HOH 45  345 20  HOH HOH B . 
F 5 HOH 46  346 68  HOH HOH B . 
F 5 HOH 47  347 19  HOH HOH B . 
F 5 HOH 48  348 26  HOH HOH B . 
F 5 HOH 49  349 32  HOH HOH B . 
F 5 HOH 50  350 89  HOH HOH B . 
F 5 HOH 51  351 25  HOH HOH B . 
F 5 HOH 52  352 3   HOH HOH B . 
F 5 HOH 53  353 50  HOH HOH B . 
F 5 HOH 54  354 43  HOH HOH B . 
F 5 HOH 55  355 86  HOH HOH B . 
F 5 HOH 56  356 126 HOH HOH B . 
F 5 HOH 57  357 3   HOH HOH B . 
F 5 HOH 58  358 6   HOH HOH B . 
F 5 HOH 59  359 62  HOH HOH B . 
F 5 HOH 60  360 55  HOH HOH B . 
F 5 HOH 61  361 51  HOH HOH B . 
F 5 HOH 62  362 15  HOH HOH B . 
F 5 HOH 63  363 59  HOH HOH B . 
F 5 HOH 64  364 64  HOH HOH B . 
F 5 HOH 65  365 4   HOH HOH B . 
F 5 HOH 66  366 1   HOH HOH B . 
F 5 HOH 67  367 157 HOH HOH B . 
F 5 HOH 68  368 211 HOH HOH B . 
F 5 HOH 69  369 304 HOH HOH B . 
F 5 HOH 70  370 172 HOH HOH B . 
F 5 HOH 71  371 8   HOH HOH B . 
F 5 HOH 72  372 281 HOH HOH B . 
F 5 HOH 73  373 10  HOH HOH B . 
F 5 HOH 74  374 71  HOH HOH B . 
F 5 HOH 75  375 61  HOH HOH B . 
F 5 HOH 76  376 47  HOH HOH B . 
F 5 HOH 77  377 24  HOH HOH B . 
F 5 HOH 78  378 60  HOH HOH B . 
F 5 HOH 79  379 46  HOH HOH B . 
F 5 HOH 80  380 32  HOH HOH B . 
F 5 HOH 81  381 45  HOH HOH B . 
F 5 HOH 82  382 93  HOH HOH B . 
F 5 HOH 83  383 23  HOH HOH B . 
F 5 HOH 84  384 263 HOH HOH B . 
F 5 HOH 85  385 103 HOH HOH B . 
F 5 HOH 86  386 42  HOH HOH B . 
F 5 HOH 87  387 14  HOH HOH B . 
F 5 HOH 88  388 4   HOH HOH B . 
F 5 HOH 89  389 8   HOH HOH B . 
F 5 HOH 90  390 98  HOH HOH B . 
F 5 HOH 91  391 12  HOH HOH B . 
F 5 HOH 92  392 303 HOH HOH B . 
F 5 HOH 93  393 72  HOH HOH B . 
F 5 HOH 94  394 33  HOH HOH B . 
F 5 HOH 95  395 137 HOH HOH B . 
F 5 HOH 96  396 49  HOH HOH B . 
F 5 HOH 97  397 48  HOH HOH B . 
F 5 HOH 98  398 264 HOH HOH B . 
F 5 HOH 99  399 85  HOH HOH B . 
F 5 HOH 100 400 28  HOH HOH B . 
F 5 HOH 101 401 257 HOH HOH B . 
F 5 HOH 102 402 57  HOH HOH B . 
F 5 HOH 103 403 56  HOH HOH B . 
F 5 HOH 104 404 97  HOH HOH B . 
F 5 HOH 105 405 112 HOH HOH B . 
F 5 HOH 106 406 38  HOH HOH B . 
F 5 HOH 107 407 17  HOH HOH B . 
F 5 HOH 108 408 54  HOH HOH B . 
F 5 HOH 109 409 7   HOH HOH B . 
F 5 HOH 110 410 25  HOH HOH B . 
F 5 HOH 111 411 15  HOH HOH B . 
F 5 HOH 112 412 120 HOH HOH B . 
F 5 HOH 113 413 99  HOH HOH B . 
F 5 HOH 114 414 53  HOH HOH B . 
F 5 HOH 115 415 69  HOH HOH B . 
F 5 HOH 116 416 140 HOH HOH B . 
F 5 HOH 117 417 125 HOH HOH B . 
F 5 HOH 118 418 20  HOH HOH B . 
F 5 HOH 119 419 41  HOH HOH B . 
F 5 HOH 120 420 44  HOH HOH B . 
F 5 HOH 121 421 114 HOH HOH B . 
F 5 HOH 122 422 5   HOH HOH B . 
F 5 HOH 123 423 19  HOH HOH B . 
F 5 HOH 124 424 133 HOH HOH B . 
F 5 HOH 125 425 18  HOH HOH B . 
F 5 HOH 126 426 266 HOH HOH B . 
F 5 HOH 127 427 115 HOH HOH B . 
F 5 HOH 128 428 30  HOH HOH B . 
F 5 HOH 129 429 21  HOH HOH B . 
F 5 HOH 130 430 23  HOH HOH B . 
F 5 HOH 131 431 13  HOH HOH B . 
F 5 HOH 132 432 104 HOH HOH B . 
F 5 HOH 133 433 205 HOH HOH B . 
F 5 HOH 134 434 166 HOH HOH B . 
F 5 HOH 135 435 127 HOH HOH B . 
F 5 HOH 136 436 14  HOH HOH B . 
F 5 HOH 137 437 131 HOH HOH B . 
F 5 HOH 138 438 270 HOH HOH B . 
F 5 HOH 139 439 259 HOH HOH B . 
# 
loop_
_pdbx_unobs_or_zero_occ_atoms.id 
_pdbx_unobs_or_zero_occ_atoms.PDB_model_num 
_pdbx_unobs_or_zero_occ_atoms.polymer_flag 
_pdbx_unobs_or_zero_occ_atoms.occupancy_flag 
_pdbx_unobs_or_zero_occ_atoms.auth_asym_id 
_pdbx_unobs_or_zero_occ_atoms.auth_comp_id 
_pdbx_unobs_or_zero_occ_atoms.auth_seq_id 
_pdbx_unobs_or_zero_occ_atoms.PDB_ins_code 
_pdbx_unobs_or_zero_occ_atoms.auth_atom_id 
_pdbx_unobs_or_zero_occ_atoms.label_alt_id 
_pdbx_unobs_or_zero_occ_atoms.label_asym_id 
_pdbx_unobs_or_zero_occ_atoms.label_comp_id 
_pdbx_unobs_or_zero_occ_atoms.label_seq_id 
_pdbx_unobs_or_zero_occ_atoms.label_atom_id 
1 1 Y 1 B LEU 192 ? CG  ? A LEU 186 CG  
2 1 Y 1 B LEU 192 ? CD1 ? A LEU 186 CD1 
3 1 Y 1 B LEU 192 ? CD2 ? A LEU 186 CD2 
# 
loop_
_software.pdbx_ordinal 
_software.name 
_software.version 
_software.date 
_software.type 
_software.contact_author 
_software.contact_author_email 
_software.classification 
_software.location 
_software.language 
_software.citation_id 
1 REFMAC      5.8.0267 ?               program 'Garib N. Murshudov' garib@ysbl.york.ac.uk    refinement        
http://www.ccp4.ac.uk/dist/html/refmac5.html        Fortran_77 ? 
2 Aimless     0.7.7    23/04/21        program 'Phil Evans'         ?                        'data scaling'    
http://www.mrc-lmb.cam.ac.uk/harry/pre/aimless.html ?          ? 
3 PDB_EXTRACT 3.23     'SEP. 23, 2016' package PDB                  deposit@deposit.rcsb.org 'data extraction' 
http://sw-tools.pdb.org/apps/PDB_EXTRACT/           C++        ? 
4 XDS         .        ?               program ?                    ?                        'data reduction'  ? ?          ? 
5 REFMAC      .        ?               program ?                    ?                        phasing           ? ?          ? 
# 
_cell.entry_id           7HMO 
_cell.length_a           95.648 
_cell.length_b           95.648 
_cell.length_c           45.813 
_cell.angle_alpha        90.000 
_cell.angle_beta         90.000 
_cell.angle_gamma        90.000 
_cell.Z_PDB              8 
_cell.pdbx_unique_axis   ? 
# 
_symmetry.entry_id                         7HMO 
_symmetry.space_group_name_H-M             'I 4' 
_symmetry.pdbx_full_space_group_name_H-M   ? 
_symmetry.cell_setting                     ? 
_symmetry.Int_Tables_number                79 
# 
_exptl.crystals_number   1 
_exptl.entry_id          7HMO 
_exptl.method            'X-RAY DIFFRACTION' 
# 
_exptl_crystal.id                    1 
_exptl_crystal.pdbx_mosaicity        0.000 
_exptl_crystal.pdbx_mosaicity_esd    ? 
_exptl_crystal.density_Matthews      2.43 
_exptl_crystal.density_diffrn        ? 
_exptl_crystal.density_meas          ? 
_exptl_crystal.density_meas_temp     ? 
_exptl_crystal.density_percent_sol   49.30 
_exptl_crystal.size_max              ? 
_exptl_crystal.size_mid              ? 
_exptl_crystal.size_min              ? 
_exptl_crystal.size_rad              ? 
_exptl_crystal.description           ? 
# 
_exptl_crystal_grow.crystal_id      1 
_exptl_crystal_grow.method          'VAPOR DIFFUSION, SITTING DROP' 
_exptl_crystal_grow.pH              8 
_exptl_crystal_grow.temp            293 
_exptl_crystal_grow.pdbx_details    '4 % PEG 400, 2 M AmmSO4, 0.1 M HEPES pH 8' 
_exptl_crystal_grow.temp_details    ? 
_exptl_crystal_grow.pdbx_pH_range   ? 
# 
_diffrn.id                     1 
_diffrn.ambient_temp           100 
_diffrn.crystal_id             1 
_diffrn.ambient_temp_details   ? 
# 
_diffrn_detector.detector               PIXEL 
_diffrn_detector.type                   'DECTRIS EIGER2 XE 9M' 
_diffrn_detector.pdbx_collection_date   2024-05-24 
_diffrn_detector.diffrn_id              1 
_diffrn_detector.details                ? 
# 
_diffrn_radiation.diffrn_id                        1 
_diffrn_radiation.wavelength_id                    1 
_diffrn_radiation.pdbx_diffrn_protocol             'SINGLE WAVELENGTH' 
_diffrn_radiation.pdbx_monochromatic_or_laue_m_l   ? 
_diffrn_radiation.monochromator                    ? 
_diffrn_radiation.pdbx_scattering_type             x-ray 
# 
_diffrn_radiation_wavelength.id           1 
_diffrn_radiation_wavelength.wavelength   0.92124 
_diffrn_radiation_wavelength.wt           1.0 
# 
_diffrn_source.diffrn_id                   1 
_diffrn_source.source                      SYNCHROTRON 
_diffrn_source.type                        'DIAMOND BEAMLINE I04-1' 
_diffrn_source.pdbx_wavelength_list        0.92124 
_diffrn_source.pdbx_synchrotron_site       Diamond 
_diffrn_source.pdbx_synchrotron_beamline   I04-1 
_diffrn_source.pdbx_wavelength             ? 
# 
_reflns.entry_id                     7HMO 
_reflns.pdbx_diffrn_id               1 
_reflns.pdbx_ordinal                 1 
_reflns.observed_criterion_sigma_I   ? 
_reflns.observed_criterion_sigma_F   ? 
_reflns.d_resolution_low             67.620 
_reflns.d_resolution_high            1.300 
_reflns.number_obs                   45987 
_reflns.number_all                   ? 
_reflns.percent_possible_obs         90.200 
_reflns.pdbx_Rmerge_I_obs            0.106 
_reflns.pdbx_Rsym_value              ? 
_reflns.pdbx_netI_over_sigmaI        13.700 
_reflns.B_iso_Wilson_estimate        ? 
_reflns.pdbx_redundancy              12.300 
_reflns.pdbx_Rrim_I_all              0.110 
_reflns.pdbx_Rpim_I_all              0.031 
_reflns.pdbx_CC_half                 0.998 
_reflns.pdbx_netI_over_av_sigmaI     ? 
_reflns.pdbx_number_measured_all     566849 
_reflns.pdbx_scaling_rejects         0 
_reflns.pdbx_chi_squared             ? 
_reflns.Rmerge_F_all                 ? 
_reflns.Rmerge_F_obs                 ? 
_reflns.observed_criterion_F_max     ? 
_reflns.observed_criterion_F_min     ? 
_reflns.observed_criterion_I_max     ? 
_reflns.observed_criterion_I_min     ? 
_reflns.pdbx_d_res_high_opt          ? 
_reflns.pdbx_d_res_low_opt           ? 
_reflns.details                      ? 
# 
loop_
_reflns_shell.pdbx_diffrn_id 
_reflns_shell.pdbx_ordinal 
_reflns_shell.d_res_high 
_reflns_shell.d_res_low 
_reflns_shell.number_measured_obs 
_reflns_shell.number_measured_all 
_reflns_shell.number_unique_obs 
_reflns_shell.pdbx_rejects 
_reflns_shell.Rmerge_I_obs 
_reflns_shell.meanI_over_sigI_obs 
_reflns_shell.pdbx_Rsym_value 
_reflns_shell.pdbx_chi_squared 
_reflns_shell.pdbx_redundancy 
_reflns_shell.percent_possible_obs 
_reflns_shell.pdbx_netI_over_sigmaI_obs 
_reflns_shell.number_possible 
_reflns_shell.number_unique_all 
_reflns_shell.Rmerge_F_all 
_reflns_shell.Rmerge_F_obs 
_reflns_shell.Rmerge_I_all 
_reflns_shell.meanI_over_sigI_all 
_reflns_shell.percent_possible_all 
_reflns_shell.pdbx_Rrim_I_all 
_reflns_shell.pdbx_Rpim_I_all 
_reflns_shell.pdbx_CC_half 
1 1 1.300 1.320  ? 9337 1202 ? 2.097 ? ? ? 7.800  ? 0.600  ? ? ? ? ? ? 48.400 2.248 0.789 0.396 
1 2 7.120 67.620 ? 4271 340  ? 0.056 ? ? ? 12.600 ? 77.700 ? ? ? ? ? ? 99.700 0.058 0.016 1.000 
# 
_refine.entry_id                                 7HMO 
_refine.pdbx_refine_id                           'X-RAY DIFFRACTION' 
_refine.ls_d_res_high                            1.3000 
_refine.ls_d_res_low                             67.6300 
_refine.pdbx_ls_sigma_F                          0.000 
_refine.pdbx_data_cutoff_high_absF               ? 
_refine.pdbx_data_cutoff_low_absF                ? 
_refine.ls_percent_reflns_obs                    90.0500 
_refine.ls_number_reflns_obs                     43710 
_refine.ls_number_reflns_all                     ? 
_refine.pdbx_ls_cross_valid_method               THROUGHOUT 
_refine.ls_matrix_type                           ? 
_refine.pdbx_R_Free_selection_details            RANDOM 
_refine.details                                  
'HYDROGENS HAVE BEEN ADDED IN THE RIDING POSITIONS U VALUES      : REFINED INDIVIDUALLY' 
_refine.ls_R_factor_all                          ? 
_refine.ls_R_factor_obs                          0.1807 
_refine.ls_R_factor_R_work                       0.1796 
_refine.ls_wR_factor_R_work                      ? 
_refine.ls_R_factor_R_free                       0.2010 
_refine.ls_wR_factor_R_free                      ? 
_refine.ls_percent_reflns_R_free                 4.9000 
_refine.ls_number_reflns_R_free                  2244 
_refine.ls_number_reflns_R_work                  ? 
_refine.ls_R_factor_R_free_error                 ? 
_refine.B_iso_mean                               17.3640 
_refine.solvent_model_param_bsol                 ? 
_refine.solvent_model_param_ksol                 ? 
_refine.pdbx_isotropic_thermal_model             ? 
_refine.aniso_B[1][1]                            0.1900 
_refine.aniso_B[2][2]                            0.1900 
_refine.aniso_B[3][3]                            -0.3700 
_refine.aniso_B[1][2]                            -0.0000 
_refine.aniso_B[1][3]                            -0.0000 
_refine.aniso_B[2][3]                            -0.0000 
_refine.correlation_coeff_Fo_to_Fc               0.9660 
_refine.correlation_coeff_Fo_to_Fc_free          0.9570 
_refine.overall_SU_R_Cruickshank_DPI             ? 
_refine.pdbx_overall_SU_R_free_Cruickshank_DPI   ? 
_refine.pdbx_overall_SU_R_Blow_DPI               ? 
_refine.pdbx_overall_SU_R_free_Blow_DPI          ? 
_refine.overall_SU_R_free                        ? 
_refine.pdbx_overall_ESU_R                       0.0580 
_refine.pdbx_overall_ESU_R_Free                  0.0580 
_refine.overall_SU_ML                            0.0480 
_refine.overall_SU_B                             1.2850 
_refine.solvent_model_details                    MASK 
_refine.pdbx_solvent_vdw_probe_radii             1.2000 
_refine.pdbx_solvent_ion_probe_radii             0.8000 
_refine.pdbx_solvent_shrinkage_radii             0.8000 
_refine.ls_number_parameters                     ? 
_refine.ls_number_restraints                     ? 
_refine.pdbx_starting_model                      ? 
_refine.pdbx_method_to_determine_struct          'FOURIER SYNTHESIS' 
_refine.pdbx_stereochemistry_target_values       'MAXIMUM LIKELIHOOD' 
_refine.pdbx_stereochem_target_val_spec_case     ? 
_refine.overall_FOM_work_R_set                   ? 
_refine.B_iso_max                                94.800 
_refine.B_iso_min                                8.860 
_refine.pdbx_overall_phase_error                 ? 
_refine.occupancy_max                            ? 
_refine.occupancy_min                            ? 
_refine.pdbx_diffrn_id                           1 
_refine.pdbx_TLS_residual_ADP_flag               ? 
_refine.pdbx_ls_sigma_I                          ? 
_refine.pdbx_data_cutoff_high_rms_absF           ? 
_refine.ls_R_factor_R_free_error_details         ? 
# 
_refine_hist.cycle_id                         final 
_refine_hist.pdbx_refine_id                   'X-RAY DIFFRACTION' 
_refine_hist.d_res_high                       1.3000 
_refine_hist.d_res_low                        67.6300 
_refine_hist.pdbx_number_atoms_ligand         29 
_refine_hist.number_atoms_solvent             139 
_refine_hist.number_atoms_total               1661 
_refine_hist.pdbx_number_residues_total       185 
_refine_hist.pdbx_B_iso_mean_ligand           31.34 
_refine_hist.pdbx_B_iso_mean_solvent          28.07 
_refine_hist.pdbx_number_atoms_protein        1493 
_refine_hist.pdbx_number_atoms_nucleic_acid   0 
# 
loop_
_refine_ls_restr.pdbx_refine_id 
_refine_ls_restr.type 
_refine_ls_restr.number 
_refine_ls_restr.dev_ideal 
_refine_ls_restr.dev_ideal_target 
_refine_ls_restr.weight 
_refine_ls_restr.pdbx_restraint_function 
'X-RAY DIFFRACTION' r_bond_refined_d       2091 0.011  0.013  ? ? 
'X-RAY DIFFRACTION' r_bond_other_d         1644 0.001  0.015  ? ? 
'X-RAY DIFFRACTION' r_angle_refined_deg    2599 1.748  1.639  ? ? 
'X-RAY DIFFRACTION' r_angle_other_deg      3801 1.454  1.583  ? ? 
'X-RAY DIFFRACTION' r_dihedral_angle_1_deg 247  7.027  5.000  ? ? 
'X-RAY DIFFRACTION' r_dihedral_angle_2_deg 115  28.329 21.478 ? ? 
'X-RAY DIFFRACTION' r_dihedral_angle_3_deg 294  13.405 15.000 ? ? 
'X-RAY DIFFRACTION' r_dihedral_angle_4_deg 15   20.819 15.000 ? ? 
'X-RAY DIFFRACTION' r_chiral_restr         223  0.090  0.200  ? ? 
'X-RAY DIFFRACTION' r_gen_planes_refined   2358 0.011  0.020  ? ? 
'X-RAY DIFFRACTION' r_gen_planes_other     516  0.003  0.020  ? ? 
'X-RAY DIFFRACTION' r_mcbond_it            999  1.491  1.568  ? ? 
'X-RAY DIFFRACTION' r_mcbond_other         988  1.493  1.533  ? ? 
'X-RAY DIFFRACTION' r_mcangle_it           1177 2.421  2.297  ? ? 
# 
_refine_ls_shell.d_res_high                       1.3000 
_refine_ls_shell.d_res_low                        1.3340 
_refine_ls_shell.pdbx_total_number_of_bins_used   20 
_refine_ls_shell.percent_reflns_obs               48.4800 
_refine_ls_shell.number_reflns_R_work             1708 
_refine_ls_shell.R_factor_all                     ? 
_refine_ls_shell.R_factor_R_work                  0.3390 
_refine_ls_shell.R_factor_R_free                  0.3250 
_refine_ls_shell.percent_reflns_R_free            ? 
_refine_ls_shell.number_reflns_R_free             97 
_refine_ls_shell.R_factor_R_free_error            ? 
_refine_ls_shell.number_reflns_all                1805 
_refine_ls_shell.number_reflns_obs                ? 
_refine_ls_shell.pdbx_refine_id                   'X-RAY DIFFRACTION' 
# 
_struct.entry_id                  7HMO 
_struct.title                     'PanDDA analysis group deposition -- Crystal Structure of TRIM21 in complex with Z198194394' 
_struct.pdbx_model_details        ? 
_struct.pdbx_CASP_flag            ? 
_struct.pdbx_model_type_details   ? 
# 
_struct_keywords.entry_id        7HMO 
_struct_keywords.text            'SGC - Diamond I04-1 fragment screening, PanDDA, XChemExplorer, TRIM21, LIGASE' 
_struct_keywords.pdbx_keywords   LIGASE 
# 
loop_
_struct_asym.id 
_struct_asym.pdbx_blank_PDB_chainid_flag 
_struct_asym.pdbx_modified 
_struct_asym.entity_id 
_struct_asym.details 
A N N 1 ? 
B N N 2 ? 
C N N 3 ? 
D N N 2 ? 
E N N 4 ? 
F N N 5 ? 
# 
_struct_ref.id                         1 
_struct_ref.db_name                    UNP 
_struct_ref.db_code                    RO52_MOUSE 
_struct_ref.pdbx_db_accession          Q62191 
_struct_ref.pdbx_db_isoform            ? 
_struct_ref.entity_id                  1 
_struct_ref.pdbx_seq_one_letter_code   
;VHITLDRNTANSWLIISKDRRQVRMGDTHQNVSDNKERFSNYPMVLGAQRFSSGKMYWEVDVTQKEAWDLGVCRDSVQRK
GQFSLSPENGFWTIWLWQDSYEAGTSPQTTLHIQVPPCQIGIFVDYEAGVVSFYNITDHGSLIYTFSECVFAGPLRPFFN
VGFNYSGGNAAPLKLCPLKM
;
_struct_ref.pdbx_align_begin           291 
# 
_struct_ref_seq.align_id                      1 
_struct_ref_seq.ref_id                        1 
_struct_ref_seq.pdbx_PDB_id_code              7HMO 
_struct_ref_seq.pdbx_strand_id                B 
_struct_ref_seq.seq_align_beg                 9 
_struct_ref_seq.pdbx_seq_align_beg_ins_code   ? 
_struct_ref_seq.seq_align_end                 188 
_struct_ref_seq.pdbx_seq_align_end_ins_code   ? 
_struct_ref_seq.pdbx_db_accession             Q62191 
_struct_ref_seq.db_align_beg                  291 
_struct_ref_seq.pdbx_db_align_beg_ins_code    ? 
_struct_ref_seq.db_align_end                  470 
_struct_ref_seq.pdbx_db_align_end_ins_code    ? 
_struct_ref_seq.pdbx_auth_seq_align_beg       15 
_struct_ref_seq.pdbx_auth_seq_align_end       194 
# 
loop_
_struct_ref_seq_dif.align_id 
_struct_ref_seq_dif.pdbx_pdb_id_code 
_struct_ref_seq_dif.mon_id 
_struct_ref_seq_dif.pdbx_pdb_strand_id 
_struct_ref_seq_dif.seq_num 
_struct_ref_seq_dif.pdbx_pdb_ins_code 
_struct_ref_seq_dif.pdbx_seq_db_name 
_struct_ref_seq_dif.pdbx_seq_db_accession_code 
_struct_ref_seq_dif.db_mon_id 
_struct_ref_seq_dif.pdbx_seq_db_seq_num 
_struct_ref_seq_dif.details 
_struct_ref_seq_dif.pdbx_auth_seq_num 
_struct_ref_seq_dif.pdbx_ordinal 
1 7HMO MET B 1 ? UNP Q62191 ? ? 'initiating methionine' 7  1 
1 7HMO HIS B 2 ? UNP Q62191 ? ? 'expression tag'        8  2 
1 7HMO HIS B 3 ? UNP Q62191 ? ? 'expression tag'        9  3 
1 7HMO HIS B 4 ? UNP Q62191 ? ? 'expression tag'        10 4 
1 7HMO HIS B 5 ? UNP Q62191 ? ? 'expression tag'        11 5 
1 7HMO HIS B 6 ? UNP Q62191 ? ? 'expression tag'        12 6 
1 7HMO HIS B 7 ? UNP Q62191 ? ? 'expression tag'        13 7 
1 7HMO MET B 8 ? UNP Q62191 ? ? 'expression tag'        14 8 
# 
_pdbx_struct_assembly.id                   1 
_pdbx_struct_assembly.details              author_defined_assembly 
_pdbx_struct_assembly.method_details       ? 
_pdbx_struct_assembly.oligomeric_details   monomeric 
_pdbx_struct_assembly.oligomeric_count     1 
# 
_pdbx_struct_assembly_gen.assembly_id       1 
_pdbx_struct_assembly_gen.oper_expression   1 
_pdbx_struct_assembly_gen.asym_id_list      A,B,C,D,E,F 
# 
_pdbx_struct_oper_list.id                   1 
_pdbx_struct_oper_list.type                 'identity operation' 
_pdbx_struct_oper_list.name                 1_555 
_pdbx_struct_oper_list.symmetry_operation   x,y,z 
_pdbx_struct_oper_list.matrix[1][1]         1.0000000000 
_pdbx_struct_oper_list.matrix[1][2]         0.0000000000 
_pdbx_struct_oper_list.matrix[1][3]         0.0000000000 
_pdbx_struct_oper_list.vector[1]            0.0000000000 
_pdbx_struct_oper_list.matrix[2][1]         0.0000000000 
_pdbx_struct_oper_list.matrix[2][2]         1.0000000000 
_pdbx_struct_oper_list.matrix[2][3]         0.0000000000 
_pdbx_struct_oper_list.vector[2]            0.0000000000 
_pdbx_struct_oper_list.matrix[3][1]         0.0000000000 
_pdbx_struct_oper_list.matrix[3][2]         0.0000000000 
_pdbx_struct_oper_list.matrix[3][3]         1.0000000000 
_pdbx_struct_oper_list.vector[3]            0.0000000000 
# 
loop_
_struct_conf.conf_type_id 
_struct_conf.id 
_struct_conf.pdbx_PDB_helix_id 
_struct_conf.beg_label_comp_id 
_struct_conf.beg_label_asym_id 
_struct_conf.beg_label_seq_id 
_struct_conf.pdbx_beg_PDB_ins_code 
_struct_conf.end_label_comp_id 
_struct_conf.end_label_asym_id 
_struct_conf.end_label_seq_id 
_struct_conf.pdbx_end_PDB_ins_code 
_struct_conf.beg_auth_comp_id 
_struct_conf.beg_auth_asym_id 
_struct_conf.beg_auth_seq_id 
_struct_conf.end_auth_comp_id 
_struct_conf.end_auth_asym_id 
_struct_conf.end_auth_seq_id 
_struct_conf.pdbx_PDB_helix_class 
_struct_conf.details 
_struct_conf.pdbx_PDB_helix_length 
HELX_P HELX_P1 AA1 HIS A 4  ? MET A 8  ? HIS B 10  MET B 14  5 ? 5 
HELX_P HELX_P2 AA2 ASP A 14 ? ALA A 18 ? ASP B 20  ALA B 24  5 ? 5 
HELX_P HELX_P3 AA3 SER A 94 ? ASN A 97 ? SER B 100 ASN B 103 5 ? 4 
# 
_struct_conf_type.id          HELX_P 
_struct_conf_type.criteria    ? 
_struct_conf_type.reference   ? 
# 
_struct_mon_prot_cis.pdbx_id                1 
_struct_mon_prot_cis.label_comp_id          SER 
_struct_mon_prot_cis.label_seq_id           114 
_struct_mon_prot_cis.label_asym_id          A 
_struct_mon_prot_cis.label_alt_id           . 
_struct_mon_prot_cis.pdbx_PDB_ins_code      ? 
_struct_mon_prot_cis.auth_comp_id           SER 
_struct_mon_prot_cis.auth_seq_id            120 
_struct_mon_prot_cis.auth_asym_id           B 
_struct_mon_prot_cis.pdbx_label_comp_id_2   PRO 
_struct_mon_prot_cis.pdbx_label_seq_id_2    115 
_struct_mon_prot_cis.pdbx_label_asym_id_2   A 
_struct_mon_prot_cis.pdbx_PDB_ins_code_2    ? 
_struct_mon_prot_cis.pdbx_auth_comp_id_2    PRO 
_struct_mon_prot_cis.pdbx_auth_seq_id_2     121 
_struct_mon_prot_cis.pdbx_auth_asym_id_2    B 
_struct_mon_prot_cis.pdbx_PDB_model_num     1 
_struct_mon_prot_cis.pdbx_omega_angle       -2.00 
# 
loop_
_struct_sheet.id 
_struct_sheet.type 
_struct_sheet.number_strands 
_struct_sheet.details 
AA1 ? 7 ? 
AA2 ? 6 ? 
# 
loop_
_struct_sheet_order.sheet_id 
_struct_sheet_order.range_id_1 
_struct_sheet_order.range_id_2 
_struct_sheet_order.offset 
_struct_sheet_order.sense 
AA1 1 2 ? anti-parallel 
AA1 2 3 ? anti-parallel 
AA1 3 4 ? anti-parallel 
AA1 4 5 ? anti-parallel 
AA1 5 6 ? anti-parallel 
AA1 6 7 ? anti-parallel 
AA2 1 2 ? anti-parallel 
AA2 2 3 ? anti-parallel 
AA2 3 4 ? anti-parallel 
AA2 4 5 ? anti-parallel 
AA2 5 6 ? anti-parallel 
# 
loop_
_struct_sheet_range.sheet_id 
_struct_sheet_range.id 
_struct_sheet_range.beg_label_comp_id 
_struct_sheet_range.beg_label_asym_id 
_struct_sheet_range.beg_label_seq_id 
_struct_sheet_range.pdbx_beg_PDB_ins_code 
_struct_sheet_range.end_label_comp_id 
_struct_sheet_range.end_label_asym_id 
_struct_sheet_range.end_label_seq_id 
_struct_sheet_range.pdbx_end_PDB_ins_code 
_struct_sheet_range.beg_auth_comp_id 
_struct_sheet_range.beg_auth_asym_id 
_struct_sheet_range.beg_auth_seq_id 
_struct_sheet_range.end_auth_comp_id 
_struct_sheet_range.end_auth_asym_id 
_struct_sheet_range.end_auth_seq_id 
AA1 1 LEU A 22  ? ILE A 24  ? LEU B 28  ILE B 30  
AA1 2 GLN A 30  ? MET A 33  ? GLN B 36  MET B 39  
AA1 3 LEU A 181 ? LEU A 183 ? LEU B 187 LEU B 189 
AA1 4 LYS A 63  ? ASP A 69  ? LYS B 69  ASP B 75  
AA1 5 GLN A 127 ? ASP A 133 ? GLN B 133 ASP B 139 
AA1 6 VAL A 138 ? ASN A 143 ? VAL B 144 ASN B 149 
AA1 7 SER A 149 ? PHE A 154 ? SER B 155 PHE B 160 
AA2 1 MET A 52  ? LEU A 54  ? MET B 58  LEU B 60  
AA2 2 LEU A 163 ? ASN A 168 ? LEU B 169 ASN B 174 
AA2 3 TRP A 76  ? ARG A 82  ? TRP B 82  ARG B 88  
AA2 4 PHE A 99  ? TRP A 105 ? PHE B 105 TRP B 111 
AA2 5 SER A 108 ? ALA A 111 ? SER B 114 ALA B 117 
AA2 6 THR A 117 ? THR A 118 ? THR B 123 THR B 124 
# 
loop_
_pdbx_struct_sheet_hbond.sheet_id 
_pdbx_struct_sheet_hbond.range_id_1 
_pdbx_struct_sheet_hbond.range_id_2 
_pdbx_struct_sheet_hbond.range_1_label_atom_id 
_pdbx_struct_sheet_hbond.range_1_label_comp_id 
_pdbx_struct_sheet_hbond.range_1_label_asym_id 
_pdbx_struct_sheet_hbond.range_1_label_seq_id 
_pdbx_struct_sheet_hbond.range_1_PDB_ins_code 
_pdbx_struct_sheet_hbond.range_1_auth_atom_id 
_pdbx_struct_sheet_hbond.range_1_auth_comp_id 
_pdbx_struct_sheet_hbond.range_1_auth_asym_id 
_pdbx_struct_sheet_hbond.range_1_auth_seq_id 
_pdbx_struct_sheet_hbond.range_2_label_atom_id 
_pdbx_struct_sheet_hbond.range_2_label_comp_id 
_pdbx_struct_sheet_hbond.range_2_label_asym_id 
_pdbx_struct_sheet_hbond.range_2_label_seq_id 
_pdbx_struct_sheet_hbond.range_2_PDB_ins_code 
_pdbx_struct_sheet_hbond.range_2_auth_atom_id 
_pdbx_struct_sheet_hbond.range_2_auth_comp_id 
_pdbx_struct_sheet_hbond.range_2_auth_asym_id 
_pdbx_struct_sheet_hbond.range_2_auth_seq_id 
AA1 1 2 N ILE A 23  ? N ILE B 29  O ARG A 32  ? O ARG B 38  
AA1 2 3 N VAL A 31  ? N VAL B 37  O LEU A 181 ? O LEU B 187 
AA1 3 4 O LYS A 182 ? O LYS B 188 N ASP A 69  ? N ASP B 75  
AA1 4 5 N TRP A 66  ? N TRP B 72  O ILE A 130 ? O ILE B 136 
AA1 5 6 N PHE A 131 ? N PHE B 137 O SER A 140 ? O SER B 146 
AA1 6 7 N PHE A 141 ? N PHE B 147 O ILE A 151 ? O ILE B 157 
AA2 1 2 N VAL A 53  ? N VAL B 59  O PHE A 167 ? O PHE B 173 
AA2 2 3 O ARG A 164 ? O ARG B 170 N CYS A 81  ? N CYS B 87  
AA2 3 4 N VAL A 80  ? N VAL B 86  O TRP A 100 ? O TRP B 106 
AA2 4 5 N TRP A 103 ? N TRP B 109 O GLU A 110 ? O GLU B 116 
AA2 5 6 N ALA A 111 ? N ALA B 117 O THR A 117 ? O THR B 123 
# 
_pdbx_entry_details.entry_id                   7HMO 
_pdbx_entry_details.compound_details           ? 
_pdbx_entry_details.source_details             ? 
_pdbx_entry_details.nonpolymer_details         ? 
_pdbx_entry_details.sequence_details           ? 
_pdbx_entry_details.has_ligand_of_interest     Y 
_pdbx_entry_details.has_protein_modification   N 
# 
_pdbx_validate_torsion.id              1 
_pdbx_validate_torsion.PDB_model_num   1 
_pdbx_validate_torsion.auth_comp_id    ASP 
_pdbx_validate_torsion.auth_asym_id    B 
_pdbx_validate_torsion.auth_seq_id     152 
_pdbx_validate_torsion.PDB_ins_code    ? 
_pdbx_validate_torsion.label_alt_id    ? 
_pdbx_validate_torsion.phi             -105.70 
_pdbx_validate_torsion.psi             51.15 
# 
_pdbx_struct_special_symmetry.id              1 
_pdbx_struct_special_symmetry.PDB_model_num   1 
_pdbx_struct_special_symmetry.auth_asym_id    B 
_pdbx_struct_special_symmetry.auth_comp_id    HOH 
_pdbx_struct_special_symmetry.auth_seq_id     421 
_pdbx_struct_special_symmetry.PDB_ins_code    ? 
_pdbx_struct_special_symmetry.label_asym_id   F 
_pdbx_struct_special_symmetry.label_comp_id   HOH 
_pdbx_struct_special_symmetry.label_seq_id    . 
# 
_phasing.method   MR 
# 
loop_
_pdbx_unobs_or_zero_occ_residues.id 
_pdbx_unobs_or_zero_occ_residues.PDB_model_num 
_pdbx_unobs_or_zero_occ_residues.polymer_flag 
_pdbx_unobs_or_zero_occ_residues.occupancy_flag 
_pdbx_unobs_or_zero_occ_residues.auth_asym_id 
_pdbx_unobs_or_zero_occ_residues.auth_comp_id 
_pdbx_unobs_or_zero_occ_residues.auth_seq_id 
_pdbx_unobs_or_zero_occ_residues.PDB_ins_code 
_pdbx_unobs_or_zero_occ_residues.label_asym_id 
_pdbx_unobs_or_zero_occ_residues.label_comp_id 
_pdbx_unobs_or_zero_occ_residues.label_seq_id 
1 1 Y 1 B MET 7   ? A MET 1   
2 1 Y 1 B LYS 193 ? A LYS 187 
3 1 Y 1 B MET 194 ? A MET 188 
# 
loop_
_chem_comp_atom.comp_id 
_chem_comp_atom.atom_id 
_chem_comp_atom.type_symbol 
_chem_comp_atom.pdbx_aromatic_flag 
_chem_comp_atom.pdbx_stereo_config 
_chem_comp_atom.pdbx_ordinal 
ALA N    N N N 1   
ALA CA   C N S 2   
ALA C    C N N 3   
ALA O    O N N 4   
ALA CB   C N N 5   
ALA OXT  O N N 6   
ALA H    H N N 7   
ALA H2   H N N 8   
ALA HA   H N N 9   
ALA HB1  H N N 10  
ALA HB2  H N N 11  
ALA HB3  H N N 12  
ALA HXT  H N N 13  
ARG N    N N N 14  
ARG CA   C N S 15  
ARG C    C N N 16  
ARG O    O N N 17  
ARG CB   C N N 18  
ARG CG   C N N 19  
ARG CD   C N N 20  
ARG NE   N N N 21  
ARG CZ   C N N 22  
ARG NH1  N N N 23  
ARG NH2  N N N 24  
ARG OXT  O N N 25  
ARG H    H N N 26  
ARG H2   H N N 27  
ARG HA   H N N 28  
ARG HB2  H N N 29  
ARG HB3  H N N 30  
ARG HG2  H N N 31  
ARG HG3  H N N 32  
ARG HD2  H N N 33  
ARG HD3  H N N 34  
ARG HE   H N N 35  
ARG HH11 H N N 36  
ARG HH12 H N N 37  
ARG HH21 H N N 38  
ARG HH22 H N N 39  
ARG HXT  H N N 40  
ASN N    N N N 41  
ASN CA   C N S 42  
ASN C    C N N 43  
ASN O    O N N 44  
ASN CB   C N N 45  
ASN CG   C N N 46  
ASN OD1  O N N 47  
ASN ND2  N N N 48  
ASN OXT  O N N 49  
ASN H    H N N 50  
ASN H2   H N N 51  
ASN HA   H N N 52  
ASN HB2  H N N 53  
ASN HB3  H N N 54  
ASN HD21 H N N 55  
ASN HD22 H N N 56  
ASN HXT  H N N 57  
ASP N    N N N 58  
ASP CA   C N S 59  
ASP C    C N N 60  
ASP O    O N N 61  
ASP CB   C N N 62  
ASP CG   C N N 63  
ASP OD1  O N N 64  
ASP OD2  O N N 65  
ASP OXT  O N N 66  
ASP H    H N N 67  
ASP H2   H N N 68  
ASP HA   H N N 69  
ASP HB2  H N N 70  
ASP HB3  H N N 71  
ASP HD2  H N N 72  
ASP HXT  H N N 73  
CYS N    N N N 74  
CYS CA   C N R 75  
CYS C    C N N 76  
CYS O    O N N 77  
CYS CB   C N N 78  
CYS SG   S N N 79  
CYS OXT  O N N 80  
CYS H    H N N 81  
CYS H2   H N N 82  
CYS HA   H N N 83  
CYS HB2  H N N 84  
CYS HB3  H N N 85  
CYS HG   H N N 86  
CYS HXT  H N N 87  
EDO C1   C N N 88  
EDO O1   O N N 89  
EDO C2   C N N 90  
EDO O2   O N N 91  
EDO H11  H N N 92  
EDO H12  H N N 93  
EDO HO1  H N N 94  
EDO H21  H N N 95  
EDO H22  H N N 96  
EDO HO2  H N N 97  
GLN N    N N N 98  
GLN CA   C N S 99  
GLN C    C N N 100 
GLN O    O N N 101 
GLN CB   C N N 102 
GLN CG   C N N 103 
GLN CD   C N N 104 
GLN OE1  O N N 105 
GLN NE2  N N N 106 
GLN OXT  O N N 107 
GLN H    H N N 108 
GLN H2   H N N 109 
GLN HA   H N N 110 
GLN HB2  H N N 111 
GLN HB3  H N N 112 
GLN HG2  H N N 113 
GLN HG3  H N N 114 
GLN HE21 H N N 115 
GLN HE22 H N N 116 
GLN HXT  H N N 117 
GLU N    N N N 118 
GLU CA   C N S 119 
GLU C    C N N 120 
GLU O    O N N 121 
GLU CB   C N N 122 
GLU CG   C N N 123 
GLU CD   C N N 124 
GLU OE1  O N N 125 
GLU OE2  O N N 126 
GLU OXT  O N N 127 
GLU H    H N N 128 
GLU H2   H N N 129 
GLU HA   H N N 130 
GLU HB2  H N N 131 
GLU HB3  H N N 132 
GLU HG2  H N N 133 
GLU HG3  H N N 134 
GLU HE2  H N N 135 
GLU HXT  H N N 136 
GLY N    N N N 137 
GLY CA   C N N 138 
GLY C    C N N 139 
GLY O    O N N 140 
GLY OXT  O N N 141 
GLY H    H N N 142 
GLY H2   H N N 143 
GLY HA2  H N N 144 
GLY HA3  H N N 145 
GLY HXT  H N N 146 
HIS N    N N N 147 
HIS CA   C N S 148 
HIS C    C N N 149 
HIS O    O N N 150 
HIS CB   C N N 151 
HIS CG   C Y N 152 
HIS ND1  N Y N 153 
HIS CD2  C Y N 154 
HIS CE1  C Y N 155 
HIS NE2  N Y N 156 
HIS OXT  O N N 157 
HIS H    H N N 158 
HIS H2   H N N 159 
HIS HA   H N N 160 
HIS HB2  H N N 161 
HIS HB3  H N N 162 
HIS HD1  H N N 163 
HIS HD2  H N N 164 
HIS HE1  H N N 165 
HIS HE2  H N N 166 
HIS HXT  H N N 167 
HOH O    O N N 168 
HOH H1   H N N 169 
HOH H2   H N N 170 
ILE N    N N N 171 
ILE CA   C N S 172 
ILE C    C N N 173 
ILE O    O N N 174 
ILE CB   C N S 175 
ILE CG1  C N N 176 
ILE CG2  C N N 177 
ILE CD1  C N N 178 
ILE OXT  O N N 179 
ILE H    H N N 180 
ILE H2   H N N 181 
ILE HA   H N N 182 
ILE HB   H N N 183 
ILE HG12 H N N 184 
ILE HG13 H N N 185 
ILE HG21 H N N 186 
ILE HG22 H N N 187 
ILE HG23 H N N 188 
ILE HD11 H N N 189 
ILE HD12 H N N 190 
ILE HD13 H N N 191 
ILE HXT  H N N 192 
LEU N    N N N 193 
LEU CA   C N S 194 
LEU C    C N N 195 
LEU O    O N N 196 
LEU CB   C N N 197 
LEU CG   C N N 198 
LEU CD1  C N N 199 
LEU CD2  C N N 200 
LEU OXT  O N N 201 
LEU H    H N N 202 
LEU H2   H N N 203 
LEU HA   H N N 204 
LEU HB2  H N N 205 
LEU HB3  H N N 206 
LEU HG   H N N 207 
LEU HD11 H N N 208 
LEU HD12 H N N 209 
LEU HD13 H N N 210 
LEU HD21 H N N 211 
LEU HD22 H N N 212 
LEU HD23 H N N 213 
LEU HXT  H N N 214 
LYS N    N N N 215 
LYS CA   C N S 216 
LYS C    C N N 217 
LYS O    O N N 218 
LYS CB   C N N 219 
LYS CG   C N N 220 
LYS CD   C N N 221 
LYS CE   C N N 222 
LYS NZ   N N N 223 
LYS OXT  O N N 224 
LYS H    H N N 225 
LYS H2   H N N 226 
LYS HA   H N N 227 
LYS HB2  H N N 228 
LYS HB3  H N N 229 
LYS HG2  H N N 230 
LYS HG3  H N N 231 
LYS HD2  H N N 232 
LYS HD3  H N N 233 
LYS HE2  H N N 234 
LYS HE3  H N N 235 
LYS HZ1  H N N 236 
LYS HZ2  H N N 237 
LYS HZ3  H N N 238 
LYS HXT  H N N 239 
MET N    N N N 240 
MET CA   C N S 241 
MET C    C N N 242 
MET O    O N N 243 
MET CB   C N N 244 
MET CG   C N N 245 
MET SD   S N N 246 
MET CE   C N N 247 
MET OXT  O N N 248 
MET H    H N N 249 
MET H2   H N N 250 
MET HA   H N N 251 
MET HB2  H N N 252 
MET HB3  H N N 253 
MET HG2  H N N 254 
MET HG3  H N N 255 
MET HE1  H N N 256 
MET HE2  H N N 257 
MET HE3  H N N 258 
MET HXT  H N N 259 
O1M N1   N N N 260 
O1M C4   C N N 261 
O1M C5   C Y N 262 
O1M C6   C Y N 263 
O1M C7   C Y N 264 
O1M C8   C Y N 265 
O1M C10  C Y N 266 
O1M N    N N N 267 
O1M C    C N N 268 
O1M O    O N N 269 
O1M C1   C N N 270 
O1M C2   C N N 271 
O1M C3   C N N 272 
O1M C9   C Y N 273 
O1M F    F N N 274 
O1M N2   N N N 275 
O1M H1   H N N 276 
O1M H2   H N N 277 
O1M H3   H N N 278 
O1M H4   H N N 279 
O1M H5   H N N 280 
O1M H6   H N N 281 
O1M H7   H N N 282 
O1M H8   H N N 283 
O1M H9   H N N 284 
O1M H10  H N N 285 
O1M H11  H N N 286 
O1M H12  H N N 287 
O1M H13  H N N 288 
O1M H14  H N N 289 
PHE N    N N N 290 
PHE CA   C N S 291 
PHE C    C N N 292 
PHE O    O N N 293 
PHE CB   C N N 294 
PHE CG   C Y N 295 
PHE CD1  C Y N 296 
PHE CD2  C Y N 297 
PHE CE1  C Y N 298 
PHE CE2  C Y N 299 
PHE CZ   C Y N 300 
PHE OXT  O N N 301 
PHE H    H N N 302 
PHE H2   H N N 303 
PHE HA   H N N 304 
PHE HB2  H N N 305 
PHE HB3  H N N 306 
PHE HD1  H N N 307 
PHE HD2  H N N 308 
PHE HE1  H N N 309 
PHE HE2  H N N 310 
PHE HZ   H N N 311 
PHE HXT  H N N 312 
PRO N    N N N 313 
PRO CA   C N S 314 
PRO C    C N N 315 
PRO O    O N N 316 
PRO CB   C N N 317 
PRO CG   C N N 318 
PRO CD   C N N 319 
PRO OXT  O N N 320 
PRO H    H N N 321 
PRO HA   H N N 322 
PRO HB2  H N N 323 
PRO HB3  H N N 324 
PRO HG2  H N N 325 
PRO HG3  H N N 326 
PRO HD2  H N N 327 
PRO HD3  H N N 328 
PRO HXT  H N N 329 
SER N    N N N 330 
SER CA   C N S 331 
SER C    C N N 332 
SER O    O N N 333 
SER CB   C N N 334 
SER OG   O N N 335 
SER OXT  O N N 336 
SER H    H N N 337 
SER H2   H N N 338 
SER HA   H N N 339 
SER HB2  H N N 340 
SER HB3  H N N 341 
SER HG   H N N 342 
SER HXT  H N N 343 
SO4 S    S N N 344 
SO4 O1   O N N 345 
SO4 O2   O N N 346 
SO4 O3   O N N 347 
SO4 O4   O N N 348 
THR N    N N N 349 
THR CA   C N S 350 
THR C    C N N 351 
THR O    O N N 352 
THR CB   C N R 353 
THR OG1  O N N 354 
THR CG2  C N N 355 
THR OXT  O N N 356 
THR H    H N N 357 
THR H2   H N N 358 
THR HA   H N N 359 
THR HB   H N N 360 
THR HG1  H N N 361 
THR HG21 H N N 362 
THR HG22 H N N 363 
THR HG23 H N N 364 
THR HXT  H N N 365 
TRP N    N N N 366 
TRP CA   C N S 367 
TRP C    C N N 368 
TRP O    O N N 369 
TRP CB   C N N 370 
TRP CG   C Y N 371 
TRP CD1  C Y N 372 
TRP CD2  C Y N 373 
TRP NE1  N Y N 374 
TRP CE2  C Y N 375 
TRP CE3  C Y N 376 
TRP CZ2  C Y N 377 
TRP CZ3  C Y N 378 
TRP CH2  C Y N 379 
TRP OXT  O N N 380 
TRP H    H N N 381 
TRP H2   H N N 382 
TRP HA   H N N 383 
TRP HB2  H N N 384 
TRP HB3  H N N 385 
TRP HD1  H N N 386 
TRP HE1  H N N 387 
TRP HE3  H N N 388 
TRP HZ2  H N N 389 
TRP HZ3  H N N 390 
TRP HH2  H N N 391 
TRP HXT  H N N 392 
TYR N    N N N 393 
TYR CA   C N S 394 
TYR C    C N N 395 
TYR O    O N N 396 
TYR CB   C N N 397 
TYR CG   C Y N 398 
TYR CD1  C Y N 399 
TYR CD2  C Y N 400 
TYR CE1  C Y N 401 
TYR CE2  C Y N 402 
TYR CZ   C Y N 403 
TYR OH   O N N 404 
TYR OXT  O N N 405 
TYR H    H N N 406 
TYR H2   H N N 407 
TYR HA   H N N 408 
TYR HB2  H N N 409 
TYR HB3  H N N 410 
TYR HD1  H N N 411 
TYR HD2  H N N 412 
TYR HE1  H N N 413 
TYR HE2  H N N 414 
TYR HH   H N N 415 
TYR HXT  H N N 416 
VAL N    N N N 417 
VAL CA   C N S 418 
VAL C    C N N 419 
VAL O    O N N 420 
VAL CB   C N N 421 
VAL CG1  C N N 422 
VAL CG2  C N N 423 
VAL OXT  O N N 424 
VAL H    H N N 425 
VAL H2   H N N 426 
VAL HA   H N N 427 
VAL HB   H N N 428 
VAL HG11 H N N 429 
VAL HG12 H N N 430 
VAL HG13 H N N 431 
VAL HG21 H N N 432 
VAL HG22 H N N 433 
VAL HG23 H N N 434 
VAL HXT  H N N 435 
# 
loop_
_chem_comp_bond.comp_id 
_chem_comp_bond.atom_id_1 
_chem_comp_bond.atom_id_2 
_chem_comp_bond.value_order 
_chem_comp_bond.pdbx_aromatic_flag 
_chem_comp_bond.pdbx_stereo_config 
_chem_comp_bond.pdbx_ordinal 
ALA N   CA   sing N N 1   
ALA N   H    sing N N 2   
ALA N   H2   sing N N 3   
ALA CA  C    sing N N 4   
ALA CA  CB   sing N N 5   
ALA CA  HA   sing N N 6   
ALA C   O    doub N N 7   
ALA C   OXT  sing N N 8   
ALA CB  HB1  sing N N 9   
ALA CB  HB2  sing N N 10  
ALA CB  HB3  sing N N 11  
ALA OXT HXT  sing N N 12  
ARG N   CA   sing N N 13  
ARG N   H    sing N N 14  
ARG N   H2   sing N N 15  
ARG CA  C    sing N N 16  
ARG CA  CB   sing N N 17  
ARG CA  HA   sing N N 18  
ARG C   O    doub N N 19  
ARG C   OXT  sing N N 20  
ARG CB  CG   sing N N 21  
ARG CB  HB2  sing N N 22  
ARG CB  HB3  sing N N 23  
ARG CG  CD   sing N N 24  
ARG CG  HG2  sing N N 25  
ARG CG  HG3  sing N N 26  
ARG CD  NE   sing N N 27  
ARG CD  HD2  sing N N 28  
ARG CD  HD3  sing N N 29  
ARG NE  CZ   sing N N 30  
ARG NE  HE   sing N N 31  
ARG CZ  NH1  sing N N 32  
ARG CZ  NH2  doub N N 33  
ARG NH1 HH11 sing N N 34  
ARG NH1 HH12 sing N N 35  
ARG NH2 HH21 sing N N 36  
ARG NH2 HH22 sing N N 37  
ARG OXT HXT  sing N N 38  
ASN N   CA   sing N N 39  
ASN N   H    sing N N 40  
ASN N   H2   sing N N 41  
ASN CA  C    sing N N 42  
ASN CA  CB   sing N N 43  
ASN CA  HA   sing N N 44  
ASN C   O    doub N N 45  
ASN C   OXT  sing N N 46  
ASN CB  CG   sing N N 47  
ASN CB  HB2  sing N N 48  
ASN CB  HB3  sing N N 49  
ASN CG  OD1  doub N N 50  
ASN CG  ND2  sing N N 51  
ASN ND2 HD21 sing N N 52  
ASN ND2 HD22 sing N N 53  
ASN OXT HXT  sing N N 54  
ASP N   CA   sing N N 55  
ASP N   H    sing N N 56  
ASP N   H2   sing N N 57  
ASP CA  C    sing N N 58  
ASP CA  CB   sing N N 59  
ASP CA  HA   sing N N 60  
ASP C   O    doub N N 61  
ASP C   OXT  sing N N 62  
ASP CB  CG   sing N N 63  
ASP CB  HB2  sing N N 64  
ASP CB  HB3  sing N N 65  
ASP CG  OD1  doub N N 66  
ASP CG  OD2  sing N N 67  
ASP OD2 HD2  sing N N 68  
ASP OXT HXT  sing N N 69  
CYS N   CA   sing N N 70  
CYS N   H    sing N N 71  
CYS N   H2   sing N N 72  
CYS CA  C    sing N N 73  
CYS CA  CB   sing N N 74  
CYS CA  HA   sing N N 75  
CYS C   O    doub N N 76  
CYS C   OXT  sing N N 77  
CYS CB  SG   sing N N 78  
CYS CB  HB2  sing N N 79  
CYS CB  HB3  sing N N 80  
CYS SG  HG   sing N N 81  
CYS OXT HXT  sing N N 82  
EDO C1  O1   sing N N 83  
EDO C1  C2   sing N N 84  
EDO C1  H11  sing N N 85  
EDO C1  H12  sing N N 86  
EDO O1  HO1  sing N N 87  
EDO C2  O2   sing N N 88  
EDO C2  H21  sing N N 89  
EDO C2  H22  sing N N 90  
EDO O2  HO2  sing N N 91  
GLN N   CA   sing N N 92  
GLN N   H    sing N N 93  
GLN N   H2   sing N N 94  
GLN CA  C    sing N N 95  
GLN CA  CB   sing N N 96  
GLN CA  HA   sing N N 97  
GLN C   O    doub N N 98  
GLN C   OXT  sing N N 99  
GLN CB  CG   sing N N 100 
GLN CB  HB2  sing N N 101 
GLN CB  HB3  sing N N 102 
GLN CG  CD   sing N N 103 
GLN CG  HG2  sing N N 104 
GLN CG  HG3  sing N N 105 
GLN CD  OE1  doub N N 106 
GLN CD  NE2  sing N N 107 
GLN NE2 HE21 sing N N 108 
GLN NE2 HE22 sing N N 109 
GLN OXT HXT  sing N N 110 
GLU N   CA   sing N N 111 
GLU N   H    sing N N 112 
GLU N   H2   sing N N 113 
GLU CA  C    sing N N 114 
GLU CA  CB   sing N N 115 
GLU CA  HA   sing N N 116 
GLU C   O    doub N N 117 
GLU C   OXT  sing N N 118 
GLU CB  CG   sing N N 119 
GLU CB  HB2  sing N N 120 
GLU CB  HB3  sing N N 121 
GLU CG  CD   sing N N 122 
GLU CG  HG2  sing N N 123 
GLU CG  HG3  sing N N 124 
GLU CD  OE1  doub N N 125 
GLU CD  OE2  sing N N 126 
GLU OE2 HE2  sing N N 127 
GLU OXT HXT  sing N N 128 
GLY N   CA   sing N N 129 
GLY N   H    sing N N 130 
GLY N   H2   sing N N 131 
GLY CA  C    sing N N 132 
GLY CA  HA2  sing N N 133 
GLY CA  HA3  sing N N 134 
GLY C   O    doub N N 135 
GLY C   OXT  sing N N 136 
GLY OXT HXT  sing N N 137 
HIS N   CA   sing N N 138 
HIS N   H    sing N N 139 
HIS N   H2   sing N N 140 
HIS CA  C    sing N N 141 
HIS CA  CB   sing N N 142 
HIS CA  HA   sing N N 143 
HIS C   O    doub N N 144 
HIS C   OXT  sing N N 145 
HIS CB  CG   sing N N 146 
HIS CB  HB2  sing N N 147 
HIS CB  HB3  sing N N 148 
HIS CG  ND1  sing Y N 149 
HIS CG  CD2  doub Y N 150 
HIS ND1 CE1  doub Y N 151 
HIS ND1 HD1  sing N N 152 
HIS CD2 NE2  sing Y N 153 
HIS CD2 HD2  sing N N 154 
HIS CE1 NE2  sing Y N 155 
HIS CE1 HE1  sing N N 156 
HIS NE2 HE2  sing N N 157 
HIS OXT HXT  sing N N 158 
HOH O   H1   sing N N 159 
HOH O   H2   sing N N 160 
ILE N   CA   sing N N 161 
ILE N   H    sing N N 162 
ILE N   H2   sing N N 163 
ILE CA  C    sing N N 164 
ILE CA  CB   sing N N 165 
ILE CA  HA   sing N N 166 
ILE C   O    doub N N 167 
ILE C   OXT  sing N N 168 
ILE CB  CG1  sing N N 169 
ILE CB  CG2  sing N N 170 
ILE CB  HB   sing N N 171 
ILE CG1 CD1  sing N N 172 
ILE CG1 HG12 sing N N 173 
ILE CG1 HG13 sing N N 174 
ILE CG2 HG21 sing N N 175 
ILE CG2 HG22 sing N N 176 
ILE CG2 HG23 sing N N 177 
ILE CD1 HD11 sing N N 178 
ILE CD1 HD12 sing N N 179 
ILE CD1 HD13 sing N N 180 
ILE OXT HXT  sing N N 181 
LEU N   CA   sing N N 182 
LEU N   H    sing N N 183 
LEU N   H2   sing N N 184 
LEU CA  C    sing N N 185 
LEU CA  CB   sing N N 186 
LEU CA  HA   sing N N 187 
LEU C   O    doub N N 188 
LEU C   OXT  sing N N 189 
LEU CB  CG   sing N N 190 
LEU CB  HB2  sing N N 191 
LEU CB  HB3  sing N N 192 
LEU CG  CD1  sing N N 193 
LEU CG  CD2  sing N N 194 
LEU CG  HG   sing N N 195 
LEU CD1 HD11 sing N N 196 
LEU CD1 HD12 sing N N 197 
LEU CD1 HD13 sing N N 198 
LEU CD2 HD21 sing N N 199 
LEU CD2 HD22 sing N N 200 
LEU CD2 HD23 sing N N 201 
LEU OXT HXT  sing N N 202 
LYS N   CA   sing N N 203 
LYS N   H    sing N N 204 
LYS N   H2   sing N N 205 
LYS CA  C    sing N N 206 
LYS CA  CB   sing N N 207 
LYS CA  HA   sing N N 208 
LYS C   O    doub N N 209 
LYS C   OXT  sing N N 210 
LYS CB  CG   sing N N 211 
LYS CB  HB2  sing N N 212 
LYS CB  HB3  sing N N 213 
LYS CG  CD   sing N N 214 
LYS CG  HG2  sing N N 215 
LYS CG  HG3  sing N N 216 
LYS CD  CE   sing N N 217 
LYS CD  HD2  sing N N 218 
LYS CD  HD3  sing N N 219 
LYS CE  NZ   sing N N 220 
LYS CE  HE2  sing N N 221 
LYS CE  HE3  sing N N 222 
LYS NZ  HZ1  sing N N 223 
LYS NZ  HZ2  sing N N 224 
LYS NZ  HZ3  sing N N 225 
LYS OXT HXT  sing N N 226 
MET N   CA   sing N N 227 
MET N   H    sing N N 228 
MET N   H2   sing N N 229 
MET CA  C    sing N N 230 
MET CA  CB   sing N N 231 
MET CA  HA   sing N N 232 
MET C   O    doub N N 233 
MET C   OXT  sing N N 234 
MET CB  CG   sing N N 235 
MET CB  HB2  sing N N 236 
MET CB  HB3  sing N N 237 
MET CG  SD   sing N N 238 
MET CG  HG2  sing N N 239 
MET CG  HG3  sing N N 240 
MET SD  CE   sing N N 241 
MET CE  HE1  sing N N 242 
MET CE  HE2  sing N N 243 
MET CE  HE3  sing N N 244 
MET OXT HXT  sing N N 245 
O1M F   C8   sing N N 246 
O1M C8  C9   doub Y N 247 
O1M C8  C7   sing Y N 248 
O1M C9  C10  sing Y N 249 
O1M C7  C6   doub Y N 250 
O1M C10 C5   doub Y N 251 
O1M C6  C5   sing Y N 252 
O1M C5  N2   sing N N 253 
O1M N2  C3   sing N N 254 
O1M N2  C2   sing N N 255 
O1M C3  C4   sing N N 256 
O1M C2  C1   sing N N 257 
O1M C4  N1   sing N N 258 
O1M C1  N1   sing N N 259 
O1M N1  C    sing N N 260 
O1M C   N    sing N N 261 
O1M C   O    doub N N 262 
O1M C4  H1   sing N N 263 
O1M C4  H2   sing N N 264 
O1M C6  H3   sing N N 265 
O1M C7  H4   sing N N 266 
O1M C10 H5   sing N N 267 
O1M N   H6   sing N N 268 
O1M N   H7   sing N N 269 
O1M C1  H8   sing N N 270 
O1M C1  H9   sing N N 271 
O1M C2  H10  sing N N 272 
O1M C2  H11  sing N N 273 
O1M C3  H12  sing N N 274 
O1M C3  H13  sing N N 275 
O1M C9  H14  sing N N 276 
PHE N   CA   sing N N 277 
PHE N   H    sing N N 278 
PHE N   H2   sing N N 279 
PHE CA  C    sing N N 280 
PHE CA  CB   sing N N 281 
PHE CA  HA   sing N N 282 
PHE C   O    doub N N 283 
PHE C   OXT  sing N N 284 
PHE CB  CG   sing N N 285 
PHE CB  HB2  sing N N 286 
PHE CB  HB3  sing N N 287 
PHE CG  CD1  doub Y N 288 
PHE CG  CD2  sing Y N 289 
PHE CD1 CE1  sing Y N 290 
PHE CD1 HD1  sing N N 291 
PHE CD2 CE2  doub Y N 292 
PHE CD2 HD2  sing N N 293 
PHE CE1 CZ   doub Y N 294 
PHE CE1 HE1  sing N N 295 
PHE CE2 CZ   sing Y N 296 
PHE CE2 HE2  sing N N 297 
PHE CZ  HZ   sing N N 298 
PHE OXT HXT  sing N N 299 
PRO N   CA   sing N N 300 
PRO N   CD   sing N N 301 
PRO N   H    sing N N 302 
PRO CA  C    sing N N 303 
PRO CA  CB   sing N N 304 
PRO CA  HA   sing N N 305 
PRO C   O    doub N N 306 
PRO C   OXT  sing N N 307 
PRO CB  CG   sing N N 308 
PRO CB  HB2  sing N N 309 
PRO CB  HB3  sing N N 310 
PRO CG  CD   sing N N 311 
PRO CG  HG2  sing N N 312 
PRO CG  HG3  sing N N 313 
PRO CD  HD2  sing N N 314 
PRO CD  HD3  sing N N 315 
PRO OXT HXT  sing N N 316 
SER N   CA   sing N N 317 
SER N   H    sing N N 318 
SER N   H2   sing N N 319 
SER CA  C    sing N N 320 
SER CA  CB   sing N N 321 
SER CA  HA   sing N N 322 
SER C   O    doub N N 323 
SER C   OXT  sing N N 324 
SER CB  OG   sing N N 325 
SER CB  HB2  sing N N 326 
SER CB  HB3  sing N N 327 
SER OG  HG   sing N N 328 
SER OXT HXT  sing N N 329 
SO4 S   O1   doub N N 330 
SO4 S   O2   doub N N 331 
SO4 S   O3   sing N N 332 
SO4 S   O4   sing N N 333 
THR N   CA   sing N N 334 
THR N   H    sing N N 335 
THR N   H2   sing N N 336 
THR CA  C    sing N N 337 
THR CA  CB   sing N N 338 
THR CA  HA   sing N N 339 
THR C   O    doub N N 340 
THR C   OXT  sing N N 341 
THR CB  OG1  sing N N 342 
THR CB  CG2  sing N N 343 
THR CB  HB   sing N N 344 
THR OG1 HG1  sing N N 345 
THR CG2 HG21 sing N N 346 
THR CG2 HG22 sing N N 347 
THR CG2 HG23 sing N N 348 
THR OXT HXT  sing N N 349 
TRP N   CA   sing N N 350 
TRP N   H    sing N N 351 
TRP N   H2   sing N N 352 
TRP CA  C    sing N N 353 
TRP CA  CB   sing N N 354 
TRP CA  HA   sing N N 355 
TRP C   O    doub N N 356 
TRP C   OXT  sing N N 357 
TRP CB  CG   sing N N 358 
TRP CB  HB2  sing N N 359 
TRP CB  HB3  sing N N 360 
TRP CG  CD1  doub Y N 361 
TRP CG  CD2  sing Y N 362 
TRP CD1 NE1  sing Y N 363 
TRP CD1 HD1  sing N N 364 
TRP CD2 CE2  doub Y N 365 
TRP CD2 CE3  sing Y N 366 
TRP NE1 CE2  sing Y N 367 
TRP NE1 HE1  sing N N 368 
TRP CE2 CZ2  sing Y N 369 
TRP CE3 CZ3  doub Y N 370 
TRP CE3 HE3  sing N N 371 
TRP CZ2 CH2  doub Y N 372 
TRP CZ2 HZ2  sing N N 373 
TRP CZ3 CH2  sing Y N 374 
TRP CZ3 HZ3  sing N N 375 
TRP CH2 HH2  sing N N 376 
TRP OXT HXT  sing N N 377 
TYR N   CA   sing N N 378 
TYR N   H    sing N N 379 
TYR N   H2   sing N N 380 
TYR CA  C    sing N N 381 
TYR CA  CB   sing N N 382 
TYR CA  HA   sing N N 383 
TYR C   O    doub N N 384 
TYR C   OXT  sing N N 385 
TYR CB  CG   sing N N 386 
TYR CB  HB2  sing N N 387 
TYR CB  HB3  sing N N 388 
TYR CG  CD1  doub Y N 389 
TYR CG  CD2  sing Y N 390 
TYR CD1 CE1  sing Y N 391 
TYR CD1 HD1  sing N N 392 
TYR CD2 CE2  doub Y N 393 
TYR CD2 HD2  sing N N 394 
TYR CE1 CZ   doub Y N 395 
TYR CE1 HE1  sing N N 396 
TYR CE2 CZ   sing Y N 397 
TYR CE2 HE2  sing N N 398 
TYR CZ  OH   sing N N 399 
TYR OH  HH   sing N N 400 
TYR OXT HXT  sing N N 401 
VAL N   CA   sing N N 402 
VAL N   H    sing N N 403 
VAL N   H2   sing N N 404 
VAL CA  C    sing N N 405 
VAL CA  CB   sing N N 406 
VAL CA  HA   sing N N 407 
VAL C   O    doub N N 408 
VAL C   OXT  sing N N 409 
VAL CB  CG1  sing N N 410 
VAL CB  CG2  sing N N 411 
VAL CB  HB   sing N N 412 
VAL CG1 HG11 sing N N 413 
VAL CG1 HG12 sing N N 414 
VAL CG1 HG13 sing N N 415 
VAL CG2 HG21 sing N N 416 
VAL CG2 HG22 sing N N 417 
VAL CG2 HG23 sing N N 418 
VAL OXT HXT  sing N N 419 
# 
_pdbx_audit_support.ordinal                1 
_pdbx_audit_support.funding_organization   'European Union (EU)' 
_pdbx_audit_support.grant_number           875510 
_pdbx_audit_support.country                'European Union' 
# 
_pdbx_deposit_group.group_id            G_1002320 
_pdbx_deposit_group.group_description   
;PRYSPRY domain of murine TRIM21 screened against the DSI-poised Fragment Library by X-ray Crystallography at the XChem facility of Diamon Light Source
;
_pdbx_deposit_group.group_title         'PanDDA analysis group deposition' 
_pdbx_deposit_group.group_type          'changed state' 
# 
_pdbx_initial_refinement_model.id               1 
_pdbx_initial_refinement_model.entity_id_list   ? 
_pdbx_initial_refinement_model.type             'experimental model' 
_pdbx_initial_refinement_model.source_name      PDB 
_pdbx_initial_refinement_model.accession_code   2VOK 
_pdbx_initial_refinement_model.details          ? 
# 
_atom_sites.entry_id                    7HMO 
_atom_sites.fract_transf_matrix[1][1]   -0.00973866 
_atom_sites.fract_transf_matrix[1][2]   0.00371670 
_atom_sites.fract_transf_matrix[1][3]   -0.00080730 
_atom_sites.fract_transf_matrix[2][1]   0.00297918 
_atom_sites.fract_transf_matrix[2][2]   0.00607497 
_atom_sites.fract_transf_matrix[2][3]   -0.00797034 
_atom_sites.fract_transf_matrix[3][1]   -0.00493625 
_atom_sites.fract_transf_matrix[3][2]   -0.01598064 
_atom_sites.fract_transf_matrix[3][3]   -0.01402549 
_atom_sites.fract_transf_vector[1]      -0.299143 
_atom_sites.fract_transf_vector[2]      -0.117807 
_atom_sites.fract_transf_vector[3]      -0.503318 
# 
loop_
_atom_type.symbol 
C 
F 
N 
O 
S 
# 
loop_
_atom_site.group_PDB 
_atom_site.id 
_atom_site.type_symbol 
_atom_site.label_atom_id 
_atom_site.label_alt_id 
_atom_site.label_comp_id 
_atom_site.label_asym_id 
_atom_site.label_entity_id 
_atom_site.label_seq_id 
_atom_site.pdbx_PDB_ins_code 
_atom_site.Cartn_x 
_atom_site.Cartn_y 
_atom_site.Cartn_z 
_atom_site.occupancy 
_atom_site.B_iso_or_equiv 
_atom_site.pdbx_formal_charge 
_atom_site.auth_seq_id 
_atom_site.auth_comp_id 
_atom_site.auth_asym_id 
_atom_site.auth_atom_id 
_atom_site.pdbx_PDB_model_num 
ATOM   1    N N   . HIS A 1 2   ? -17.730 -5.096  -8.202  1.00 92.04 ? 8   HIS B N   1 
ATOM   2    C CA  . HIS A 1 2   ? -17.979 -4.263  -6.980  1.00 87.30 ? 8   HIS B CA  1 
ATOM   3    C C   . HIS A 1 2   ? -18.623 -2.927  -7.375  1.00 89.79 ? 8   HIS B C   1 
ATOM   4    O O   . HIS A 1 2   ? -18.401 -2.469  -8.524  1.00 93.59 ? 8   HIS B O   1 
ATOM   5    C CB  . HIS A 1 2   ? -16.678 -4.060  -6.184  1.00 79.16 ? 8   HIS B CB  1 
ATOM   6    C CG  . HIS A 1 2   ? -15.638 -3.245  -6.885  1.00 71.90 ? 8   HIS B CG  1 
ATOM   7    N ND1 . HIS A 1 2   ? -15.625 -1.865  -6.839  1.00 67.01 ? 8   HIS B ND1 1 
ATOM   8    C CD2 . HIS A 1 2   ? -14.573 -3.604  -7.635  1.00 67.15 ? 8   HIS B CD2 1 
ATOM   9    C CE1 . HIS A 1 2   ? -14.606 -1.411  -7.540  1.00 63.82 ? 8   HIS B CE1 1 
ATOM   10   N NE2 . HIS A 1 2   ? -13.938 -2.454  -8.031  1.00 66.02 ? 8   HIS B NE2 1 
ATOM   11   N N   . HIS A 1 3   ? -19.376 -2.327  -6.443  1.00 84.67 ? 9   HIS B N   1 
ATOM   12   C CA  . HIS A 1 3   ? -20.022 -0.989  -6.562  1.00 80.73 ? 9   HIS B CA  1 
ATOM   13   C C   . HIS A 1 3   ? -19.465 -0.062  -5.464  1.00 74.07 ? 9   HIS B C   1 
ATOM   14   O O   . HIS A 1 3   ? -20.277 0.602   -4.774  1.00 68.91 ? 9   HIS B O   1 
ATOM   15   C CB  . HIS A 1 3   ? -21.556 -1.157  -6.541  1.00 85.38 ? 9   HIS B CB  1 
ATOM   16   C CG  . HIS A 1 3   ? -22.078 -2.081  -7.597  1.00 93.21 ? 9   HIS B CG  1 
ATOM   17   N ND1 . HIS A 1 3   ? -22.289 -1.677  -8.908  1.00 93.59 ? 9   HIS B ND1 1 
ATOM   18   C CD2 . HIS A 1 3   ? -22.433 -3.386  -7.550  1.00 94.80 ? 9   HIS B CD2 1 
ATOM   19   C CE1 . HIS A 1 3   ? -22.749 -2.690  -9.616  1.00 91.32 ? 9   HIS B CE1 1 
ATOM   20   N NE2 . HIS A 1 3   ? -22.850 -3.749  -8.805  1.00 92.92 ? 9   HIS B NE2 1 
ATOM   21   N N   . HIS A 1 4   ? -18.126 -0.022  -5.320  1.00 60.62 ? 10  HIS B N   1 
ATOM   22   C CA  . HIS A 1 4   ? -17.371 0.673   -4.236  1.00 49.24 ? 10  HIS B CA  1 
ATOM   23   C C   . HIS A 1 4   ? -16.823 2.016   -4.732  1.00 46.36 ? 10  HIS B C   1 
ATOM   24   O O   . HIS A 1 4   ? -16.491 2.860   -3.872  1.00 44.91 ? 10  HIS B O   1 
ATOM   25   C CB  . HIS A 1 4   ? -16.248 -0.235  -3.702  1.00 44.04 ? 10  HIS B CB  1 
ATOM   26   C CG  . HIS A 1 4   ? -16.746 -1.419  -2.942  1.00 42.24 ? 10  HIS B CG  1 
ATOM   27   N ND1 . HIS A 1 4   ? -17.868 -1.355  -2.107  1.00 42.47 ? 10  HIS B ND1 1 
ATOM   28   C CD2 . HIS A 1 4   ? -16.291 -2.686  -2.859  1.00 40.04 ? 10  HIS B CD2 1 
ATOM   29   C CE1 . HIS A 1 4   ? -18.073 -2.531  -1.550  1.00 44.28 ? 10  HIS B CE1 1 
ATOM   30   N NE2 . HIS A 1 4   ? -17.114 -3.366  -1.990  1.00 42.67 ? 10  HIS B NE2 1 
ATOM   31   N N   . HIS A 1 5   ? -16.748 2.211   -6.057  1.00 46.58 ? 11  HIS B N   1 
ATOM   32   C CA  . HIS A 1 5   ? -16.191 3.418   -6.734  1.00 51.49 ? 11  HIS B CA  1 
ATOM   33   C C   . HIS A 1 5   ? -16.747 4.708   -6.113  1.00 50.63 ? 11  HIS B C   1 
ATOM   34   O O   . HIS A 1 5   ? -15.950 5.680   -5.990  1.00 46.52 ? 11  HIS B O   1 
ATOM   35   C CB  . HIS A 1 5   ? -16.472 3.408   -8.248  1.00 60.69 ? 11  HIS B CB  1 
ATOM   36   C CG  . HIS A 1 5   ? -16.004 2.184   -8.963  1.00 72.19 ? 11  HIS B CG  1 
ATOM   37   N ND1 . HIS A 1 5   ? -16.863 1.145   -9.294  1.00 83.39 ? 11  HIS B ND1 1 
ATOM   38   C CD2 . HIS A 1 5   ? -14.785 1.826   -9.423  1.00 78.25 ? 11  HIS B CD2 1 
ATOM   39   C CE1 . HIS A 1 5   ? -16.186 0.199   -9.921  1.00 85.06 ? 11  HIS B CE1 1 
ATOM   40   N NE2 . HIS A 1 5   ? -14.907 0.593   -10.011 1.00 78.39 ? 11  HIS B NE2 1 
ATOM   41   N N   . HIS A 1 6   ? -18.037 4.721   -5.722  1.00 43.87 ? 12  HIS B N   1 
ATOM   42   C CA  . HIS A 1 6   ? -18.760 5.916   -5.197  1.00 40.51 ? 12  HIS B CA  1 
ATOM   43   C C   . HIS A 1 6   ? -18.234 6.365   -3.825  1.00 38.39 ? 12  HIS B C   1 
ATOM   44   O O   . HIS A 1 6   ? -18.566 7.499   -3.450  1.00 39.47 ? 12  HIS B O   1 
ATOM   45   C CB  . HIS A 1 6   ? -20.286 5.724   -5.202  1.00 45.90 ? 12  HIS B CB  1 
ATOM   46   C CG  . HIS A 1 6   ? -20.830 4.690   -4.277  1.00 48.53 ? 12  HIS B CG  1 
ATOM   47   N ND1 . HIS A 1 6   ? -21.449 5.014   -3.079  1.00 54.41 ? 12  HIS B ND1 1 
ATOM   48   C CD2 . HIS A 1 6   ? -20.927 3.348   -4.403  1.00 54.02 ? 12  HIS B CD2 1 
ATOM   49   C CE1 . HIS A 1 6   ? -21.872 3.913   -2.490  1.00 52.26 ? 12  HIS B CE1 1 
ATOM   50   N NE2 . HIS A 1 6   ? -21.564 2.873   -3.281  1.00 59.37 ? 12  HIS B NE2 1 
ATOM   51   N N   . HIS A 1 7   ? -17.440 5.548   -3.113  1.00 29.65 ? 13  HIS B N   1 
ATOM   52   C CA  . HIS A 1 7   ? -16.722 5.944   -1.863  1.00 26.11 ? 13  HIS B CA  1 
ATOM   53   C C   . HIS A 1 7   ? -15.299 6.373   -2.179  1.00 24.23 ? 13  HIS B C   1 
ATOM   54   O O   . HIS A 1 7   ? -14.444 6.280   -1.277  1.00 20.49 ? 13  HIS B O   1 
ATOM   55   C CB  . HIS A 1 7   ? -16.678 4.782   -0.872  1.00 25.44 ? 13  HIS B CB  1 
ATOM   56   C CG  . HIS A 1 7   ? -18.041 4.295   -0.521  1.00 27.00 ? 13  HIS B CG  1 
ATOM   57   N ND1 . HIS A 1 7   ? -18.922 5.082   0.209   1.00 26.56 ? 13  HIS B ND1 1 
ATOM   58   C CD2 . HIS A 1 7   ? -18.666 3.128   -0.781  1.00 28.10 ? 13  HIS B CD2 1 
ATOM   59   C CE1 . HIS A 1 7   ? -20.049 4.406   0.382   1.00 24.90 ? 13  HIS B CE1 1 
ATOM   60   N NE2 . HIS A 1 7   ? -19.932 3.216   -0.214  1.00 29.53 ? 13  HIS B NE2 1 
ATOM   61   N N   . MET A 1 8   ? -15.047 6.797   -3.411  1.00 23.85 ? 14  MET B N   1 
ATOM   62   C CA  . MET A 1 8   ? -13.699 7.227   -3.858  1.00 26.94 ? 14  MET B CA  1 
ATOM   63   C C   . MET A 1 8   ? -13.194 8.381   -2.976  1.00 27.00 ? 14  MET B C   1 
ATOM   64   O O   . MET A 1 8   ? -13.969 9.326   -2.631  1.00 27.49 ? 14  MET B O   1 
ATOM   65   C CB  . MET A 1 8   ? -13.743 7.659   -5.330  1.00 33.65 ? 14  MET B CB  1 
ATOM   66   C CG  . MET A 1 8   ? -12.392 8.117   -5.918  1.00 40.28 ? 14  MET B CG  1 
ATOM   67   S SD  . MET A 1 8   ? -11.141 6.800   -6.187  1.00 51.71 ? 14  MET B SD  1 
ATOM   68   C CE  . MET A 1 8   ? -11.718 6.069   -7.717  1.00 38.34 ? 14  MET B CE  1 
ATOM   69   N N   . VAL A 1 9   ? -11.907 8.326   -2.613  1.00 21.17 ? 15  VAL B N   1 
ATOM   70   C CA  . VAL A 1 9   ? -11.214 9.354   -1.804  1.00 20.98 ? 15  VAL B CA  1 
ATOM   71   C C   . VAL A 1 9   ? -9.931  9.744   -2.559  1.00 21.32 ? 15  VAL B C   1 
ATOM   72   O O   . VAL A 1 9   ? -9.318  8.869   -3.253  1.00 20.84 ? 15  VAL B O   1 
ATOM   73   C CB  . VAL A 1 9   ? -10.960 8.891   -0.362  1.00 22.46 ? 15  VAL B CB  1 
ATOM   74   C CG1 . VAL A 1 9   ? -12.272 8.745   0.398   1.00 24.86 ? 15  VAL B CG1 1 
ATOM   75   C CG2 . VAL A 1 9   ? -10.165 7.600   -0.262  1.00 22.14 ? 15  VAL B CG2 1 
ATOM   76   N N   . HIS A 1 10  ? -9.539  11.007  -2.446  1.00 20.24 ? 16  HIS B N   1 
ATOM   77   C CA  . HIS A 1 10  ? -8.333  11.563  -3.110  1.00 20.22 ? 16  HIS B CA  1 
ATOM   78   C C   . HIS A 1 10  ? -7.158  11.378  -2.148  1.00 20.42 ? 16  HIS B C   1 
ATOM   79   O O   . HIS A 1 10  ? -7.100  12.053  -1.119  1.00 24.36 ? 16  HIS B O   1 
ATOM   80   C CB  . HIS A 1 10  ? -8.511  13.048  -3.410  1.00 21.19 ? 16  HIS B CB  1 
ATOM   81   C CG  . HIS A 1 10  ? -7.393  13.680  -4.185  1.00 26.52 ? 16  HIS B CG  1 
ATOM   82   N ND1 . HIS A 1 10  ? -7.236  13.497  -5.551  1.00 30.09 ? 16  HIS B ND1 1 
ATOM   83   C CD2 . HIS A 1 10  ? -6.386  14.503  -3.797  1.00 29.04 ? 16  HIS B CD2 1 
ATOM   84   C CE1 . HIS A 1 10  ? -6.171  14.170  -5.973  1.00 26.68 ? 16  HIS B CE1 1 
ATOM   85   N NE2 . HIS A 1 10  ? -5.616  14.784  -4.904  1.00 31.24 ? 16  HIS B NE2 1 
ATOM   86   N N   . ILE A 1 11  ? -6.322  10.393  -2.419  1.00 15.61 ? 17  ILE B N   1 
ATOM   87   C CA  . ILE A 1 11  ? -5.168  10.075  -1.539  1.00 16.01 ? 17  ILE B CA  1 
ATOM   88   C C   . ILE A 1 11  ? -3.929  10.852  -2.041  1.00 16.58 ? 17  ILE B C   1 
ATOM   89   O O   . ILE A 1 11  ? -3.751  10.993  -3.239  1.00 16.57 ? 17  ILE B O   1 
ATOM   90   C CB  . ILE A 1 11  ? -4.937  8.553   -1.524  1.00 16.42 ? 17  ILE B CB  1 
ATOM   91   C CG1 . ILE A 1 11  ? -6.153  7.780   -1.005  1.00 16.61 ? 17  ILE B CG1 1 
ATOM   92   C CG2 . ILE A 1 11  ? -3.674  8.243   -0.743  1.00 15.67 ? 17  ILE B CG2 1 
ATOM   93   C CD1 . ILE A 1 11  ? -6.702  8.273   0.314   1.00 16.95 ? 17  ILE B CD1 1 
ATOM   94   N N   . THR A 1 12  ? -3.162  11.375  -1.118  1.00 15.25 ? 18  THR B N   1 
ATOM   95   C CA  . THR A 1 12  ? -1.838  11.990  -1.408  1.00 15.45 ? 18  THR B CA  1 
ATOM   96   C C   . THR A 1 12  ? -0.816  11.375  -0.477  1.00 15.08 ? 18  THR B C   1 
ATOM   97   O O   . THR A 1 12  ? -1.165  10.852  0.601   1.00 17.06 ? 18  THR B O   1 
ATOM   98   C CB  . THR A 1 12  ? -1.906  13.513  -1.261  1.00 17.75 ? 18  THR B CB  1 
ATOM   99   O OG1 . THR A 1 12  ? -2.248  13.883  0.067   1.00 18.70 ? 18  THR B OG1 1 
ATOM   100  C CG2 . THR A 1 12  ? -2.844  14.159  -2.263  1.00 20.50 ? 18  THR B CG2 1 
ATOM   101  N N   . LEU A 1 13  ? 0.452   11.363  -0.918  1.00 13.69 ? 19  LEU B N   1 
ATOM   102  C CA  . LEU A 1 13  ? 1.537   10.745  -0.131  1.00 14.83 ? 19  LEU B CA  1 
ATOM   103  C C   . LEU A 1 13  ? 2.157   11.748  0.845   1.00 14.19 ? 19  LEU B C   1 
ATOM   104  O O   . LEU A 1 13  ? 2.289   12.944  0.477   1.00 15.54 ? 19  LEU B O   1 
ATOM   105  C CB  . LEU A 1 13  ? 2.548   10.200  -1.138  1.00 14.52 ? 19  LEU B CB  1 
ATOM   106  C CG  . LEU A 1 13  ? 1.992   9.150   -2.084  1.00 16.22 ? 19  LEU B CG  1 
ATOM   107  C CD1 . LEU A 1 13  ? 2.950   8.768   -3.212  1.00 17.22 ? 19  LEU B CD1 1 
ATOM   108  C CD2 . LEU A 1 13  ? 1.620   7.894   -1.307  1.00 16.92 ? 19  LEU B CD2 1 
ATOM   109  N N   . ASP A 1 14  ? 2.545   11.290  1.998   1.00 14.66 ? 20  ASP B N   1 
ATOM   110  C CA  . ASP A 1 14  ? 3.180   12.084  3.065   1.00 15.02 ? 20  ASP B CA  1 
ATOM   111  C C   . ASP A 1 14  ? 4.717   11.901  2.981   1.00 15.52 ? 20  ASP B C   1 
ATOM   112  O O   . ASP A 1 14  ? 5.229   10.873  3.451   1.00 14.07 ? 20  ASP B O   1 
ATOM   113  C CB  . ASP A 1 14  ? 2.612   11.711  4.437   1.00 15.83 ? 20  ASP B CB  1 
ATOM   114  C CG  . ASP A 1 14  ? 3.180   12.481  5.613   1.00 19.45 ? 20  ASP B CG  1 
ATOM   115  O OD1 . ASP A 1 14  ? 4.144   13.232  5.387   1.00 17.63 ? 20  ASP B OD1 1 
ATOM   116  O OD2 . ASP A 1 14  ? 2.655   12.338  6.752   1.00 18.21 ? 20  ASP B OD2 1 
ATOM   117  N N   A ARG A 1 15  ? 5.397   12.902  2.402   0.25 16.17 ? 21  ARG B N   1 
ATOM   118  N N   B ARG A 1 15  ? 5.414   12.891  2.413   0.25 16.74 ? 21  ARG B N   1 
ATOM   119  C CA  A ARG A 1 15  ? 6.875   12.965  2.208   0.25 17.28 ? 21  ARG B CA  1 
ATOM   120  C CA  B ARG A 1 15  ? 6.887   12.864  2.184   0.25 18.17 ? 21  ARG B CA  1 
ATOM   121  C C   A ARG A 1 15  ? 7.617   12.620  3.498   0.25 15.79 ? 21  ARG B C   1 
ATOM   122  C C   B ARG A 1 15  ? 7.637   12.626  3.498   0.25 16.30 ? 21  ARG B C   1 
ATOM   123  O O   A ARG A 1 15  ? 8.670   11.986  3.426   0.25 16.02 ? 21  ARG B O   1 
ATOM   124  O O   B ARG A 1 15  ? 8.716   12.034  3.449   0.25 16.44 ? 21  ARG B O   1 
ATOM   125  C CB  A ARG A 1 15  ? 7.317   14.382  1.817   0.25 18.09 ? 21  ARG B CB  1 
ATOM   126  C CB  B ARG A 1 15  ? 7.371   14.176  1.549   0.25 20.06 ? 21  ARG B CB  1 
ATOM   127  C CG  A ARG A 1 15  ? 6.587   14.977  0.626   0.25 20.10 ? 21  ARG B CG  1 
ATOM   128  C CG  B ARG A 1 15  ? 6.951   14.375  0.100   0.25 22.93 ? 21  ARG B CG  1 
ATOM   129  C CD  A ARG A 1 15  ? 7.241   16.249  0.098   0.25 20.50 ? 21  ARG B CD  1 
ATOM   130  C CD  B ARG A 1 15  ? 5.671   15.187  -0.014  0.25 26.11 ? 21  ARG B CD  1 
ATOM   131  N NE  A ARG A 1 15  ? 6.815   16.474  -1.271  0.25 20.25 ? 21  ARG B NE  1 
ATOM   132  N NE  B ARG A 1 15  ? 5.853   16.566  -0.469  0.25 28.38 ? 21  ARG B NE  1 
ATOM   133  C CZ  A ARG A 1 15  ? 7.362   15.857  -2.301  0.25 19.13 ? 21  ARG B CZ  1 
ATOM   134  C CZ  B ARG A 1 15  ? 5.790   17.651  0.300   0.25 30.57 ? 21  ARG B CZ  1 
ATOM   135  N NH1 A ARG A 1 15  ? 8.374   15.041  -2.094  0.25 20.07 ? 21  ARG B NH1 1 
ATOM   136  N NH1 B ARG A 1 15  ? 5.555   17.555  1.597   0.25 30.87 ? 21  ARG B NH1 1 
ATOM   137  N NH2 A ARG A 1 15  ? 6.918   16.056  -3.525  0.25 19.98 ? 21  ARG B NH2 1 
ATOM   138  N NH2 B ARG A 1 15  ? 5.942   18.842  -0.244  0.25 31.70 ? 21  ARG B NH2 1 
ATOM   139  N N   . ASN A 1 16  ? 7.101   13.074  4.635   1.00 16.53 ? 22  ASN B N   1 
ATOM   140  C CA  . ASN A 1 16  ? 7.825   12.999  5.917   1.00 16.48 ? 22  ASN B CA  1 
ATOM   141  C C   . ASN A 1 16  ? 7.932   11.551  6.401   1.00 14.41 ? 22  ASN B C   1 
ATOM   142  O O   . ASN A 1 16  ? 8.810   11.251  7.195   1.00 14.69 ? 22  ASN B O   1 
ATOM   143  C CB  . ASN A 1 16  ? 7.183   13.974  6.922   1.00 20.66 ? 22  ASN B CB  1 
ATOM   144  C CG  . ASN A 1 16  ? 7.495   15.431  6.592   1.00 27.76 ? 22  ASN B CG  1 
ATOM   145  O OD1 . ASN A 1 16  ? 8.484   15.759  5.920   1.00 34.75 ? 22  ASN B OD1 1 
ATOM   146  N ND2 . ASN A 1 16  ? 6.660   16.333  7.077   1.00 36.43 ? 22  ASN B ND2 1 
ATOM   147  N N   . THR A 1 17  ? 7.034   10.653  5.929   1.00 12.52 ? 23  THR B N   1 
ATOM   148  C CA  . THR A 1 17  ? 7.033   9.225   6.319   1.00 12.86 ? 23  THR B CA  1 
ATOM   149  C C   . THR A 1 17  ? 7.898   8.403   5.367   1.00 11.78 ? 23  THR B C   1 
ATOM   150  O O   . THR A 1 17  ? 8.111   7.222   5.665   1.00 11.94 ? 23  THR B O   1 
ATOM   151  C CB  . THR A 1 17  ? 5.622   8.623   6.385   1.00 12.41 ? 23  THR B CB  1 
ATOM   152  O OG1 . THR A 1 17  ? 5.080   8.537   5.056   1.00 12.25 ? 23  THR B OG1 1 
ATOM   153  C CG2 . THR A 1 17  ? 4.739   9.426   7.324   1.00 12.90 ? 23  THR B CG2 1 
ATOM   154  N N   . ALA A 1 18  ? 8.284   8.962   4.220   1.00 11.78 ? 24  ALA B N   1 
ATOM   155  C CA  . ALA A 1 18  ? 8.949   8.167   3.170   1.00 11.64 ? 24  ALA B CA  1 
ATOM   156  C C   . ALA A 1 18  ? 10.341  7.731   3.594   1.00 12.74 ? 24  ALA B C   1 
ATOM   157  O O   . ALA A 1 18  ? 11.128  8.511   4.135   1.00 12.27 ? 24  ALA B O   1 
ATOM   158  C CB  . ALA A 1 18  ? 9.009   8.952   1.893   1.00 11.98 ? 24  ALA B CB  1 
ATOM   159  N N   . ASN A 1 19  ? 10.707  6.522   3.216   1.00 11.38 ? 25  ASN B N   1 
ATOM   160  C CA  . ASN A 1 19  ? 12.139  6.145   3.187   1.00 12.03 ? 25  ASN B CA  1 
ATOM   161  C C   . ASN A 1 19  ? 12.912  7.212   2.401   1.00 12.18 ? 25  ASN B C   1 
ATOM   162  O O   . ASN A 1 19  ? 12.448  7.732   1.382   1.00 11.42 ? 25  ASN B O   1 
ATOM   163  C CB  . ASN A 1 19  ? 12.243  4.749   2.599   1.00 12.62 ? 25  ASN B CB  1 
ATOM   164  C CG  . ASN A 1 19  ? 13.667  4.285   2.501   1.00 15.93 ? 25  ASN B CG  1 
ATOM   165  O OD1 . ASN A 1 19  ? 14.368  4.651   1.564   1.00 15.20 ? 25  ASN B OD1 1 
ATOM   166  N ND2 . ASN A 1 19  ? 14.081  3.529   3.486   1.00 18.54 ? 25  ASN B ND2 1 
ATOM   167  N N   . SER A 1 20  ? 14.123  7.495   2.856   1.00 12.66 ? 26  SER B N   1 
ATOM   168  C CA  . SER A 1 20  ? 14.951  8.601   2.334   1.00 12.92 ? 26  SER B CA  1 
ATOM   169  C C   . SER A 1 20  ? 15.428  8.375   0.906   1.00 13.20 ? 26  SER B C   1 
ATOM   170  O O   . SER A 1 20  ? 15.921  9.353   0.331   1.00 14.31 ? 26  SER B O   1 
ATOM   171  C CB  . SER A 1 20  ? 16.145  8.846   3.204   1.00 15.08 ? 26  SER B CB  1 
ATOM   172  O OG  . SER A 1 20  ? 16.873  7.650   3.253   1.00 19.49 ? 26  SER B OG  1 
ATOM   173  N N   . TRP A 1 21  ? 15.261  7.185   0.319   1.00 12.25 ? 27  TRP B N   1 
ATOM   174  C CA  . TRP A 1 21  ? 15.579  6.939   -1.112  1.00 12.67 ? 27  TRP B CA  1 
ATOM   175  C C   . TRP A 1 21  ? 14.396  7.149   -2.029  1.00 12.79 ? 27  TRP B C   1 
ATOM   176  O O   . TRP A 1 21  ? 14.609  7.047   -3.224  1.00 13.10 ? 27  TRP B O   1 
ATOM   177  C CB  . TRP A 1 21  ? 16.125  5.546   -1.266  1.00 14.20 ? 27  TRP B CB  1 
ATOM   178  C CG  . TRP A 1 21  ? 17.520  5.403   -0.753  1.00 15.17 ? 27  TRP B CG  1 
ATOM   179  C CD1 . TRP A 1 21  ? 18.008  5.819   0.452   1.00 17.55 ? 27  TRP B CD1 1 
ATOM   180  C CD2 . TRP A 1 21  ? 18.593  4.769   -1.449  1.00 16.74 ? 27  TRP B CD2 1 
ATOM   181  N NE1 . TRP A 1 21  ? 19.330  5.467   0.568   1.00 21.52 ? 27  TRP B NE1 1 
ATOM   182  C CE2 . TRP A 1 21  ? 19.708  4.807   -0.576  1.00 17.64 ? 27  TRP B CE2 1 
ATOM   183  C CE3 . TRP A 1 21  ? 18.710  4.179   -2.704  1.00 18.87 ? 27  TRP B CE3 1 
ATOM   184  C CZ2 . TRP A 1 21  ? 20.940  4.264   -0.966  1.00 20.43 ? 27  TRP B CZ2 1 
ATOM   185  C CZ3 . TRP A 1 21  ? 19.937  3.669   -3.094  1.00 21.20 ? 27  TRP B CZ3 1 
ATOM   186  C CH2 . TRP A 1 21  ? 20.999  3.657   -2.204  1.00 22.21 ? 27  TRP B CH2 1 
ATOM   187  N N   . LEU A 1 22  ? 13.195  7.452   -1.506  1.00 12.18 ? 28  LEU B N   1 
ATOM   188  C CA  . LEU A 1 22  ? 12.009  7.595   -2.373  1.00 12.50 ? 28  LEU B CA  1 
ATOM   189  C C   . LEU A 1 22  ? 11.934  9.006   -2.944  1.00 12.32 ? 28  LEU B C   1 
ATOM   190  O O   . LEU A 1 22  ? 12.232  9.990   -2.274  1.00 13.16 ? 28  LEU B O   1 
ATOM   191  C CB  . LEU A 1 22  ? 10.717  7.260   -1.621  1.00 11.24 ? 28  LEU B CB  1 
ATOM   192  C CG  . LEU A 1 22  ? 10.638  5.834   -1.074  1.00 13.13 ? 28  LEU B CG  1 
ATOM   193  C CD1 . LEU A 1 22  ? 9.314   5.535   -0.400  1.00 12.18 ? 28  LEU B CD1 1 
ATOM   194  C CD2 . LEU A 1 22  ? 10.872  4.822   -2.150  1.00 13.77 ? 28  LEU B CD2 1 
ATOM   195  N N   . ILE A 1 23  ? 11.388  9.046   -4.147  1.00 11.69 ? 29  ILE B N   1 
ATOM   196  C CA  . ILE A 1 23  ? 11.066  10.309  -4.869  1.00 12.63 ? 29  ILE B CA  1 
ATOM   197  C C   . ILE A 1 23  ? 9.558   10.363  -5.078  1.00 13.02 ? 29  ILE B C   1 
ATOM   198  O O   . ILE A 1 23  ? 9.010   9.528   -5.825  1.00 13.50 ? 29  ILE B O   1 
ATOM   199  C CB  . ILE A 1 23  ? 11.798  10.408  -6.196  1.00 13.62 ? 29  ILE B CB  1 
ATOM   200  C CG1 . ILE A 1 23  ? 13.329  10.267  -6.039  1.00 14.53 ? 29  ILE B CG1 1 
ATOM   201  C CG2 . ILE A 1 23  ? 11.424  11.726  -6.894  1.00 14.35 ? 29  ILE B CG2 1 
ATOM   202  C CD1 . ILE A 1 23  ? 14.057  10.216  -7.304  1.00 16.16 ? 29  ILE B CD1 1 
ATOM   203  N N   . ILE A 1 24  ? 8.941   11.317  -4.386  1.00 14.75 ? 30  ILE B N   1 
ATOM   204  C CA  . ILE A 1 24  ? 7.485   11.581  -4.463  1.00 15.81 ? 30  ILE B CA  1 
ATOM   205  C C   . ILE A 1 24  ? 7.284   12.744  -5.423  1.00 16.16 ? 30  ILE B C   1 
ATOM   206  O O   . ILE A 1 24  ? 7.984   13.803  -5.282  1.00 17.55 ? 30  ILE B O   1 
ATOM   207  C CB  . ILE A 1 24  ? 6.912   11.844  -3.073  1.00 16.47 ? 30  ILE B CB  1 
ATOM   208  C CG1 . ILE A 1 24  ? 6.910   10.565  -2.238  1.00 18.89 ? 30  ILE B CG1 1 
ATOM   209  C CG2 . ILE A 1 24  ? 5.494   12.399  -3.198  1.00 16.70 ? 30  ILE B CG2 1 
ATOM   210  C CD1 . ILE A 1 24  ? 6.680   10.789  -0.836  1.00 23.97 ? 30  ILE B CD1 1 
ATOM   211  N N   . SER A 1 25  ? 6.381   12.612  -6.371  1.00 15.54 ? 31  SER B N   1 
ATOM   212  C CA  . SER A 1 25  ? 6.121   13.673  -7.363  1.00 15.75 ? 31  SER B CA  1 
ATOM   213  C C   . SER A 1 25  ? 5.555   14.939  -6.703  1.00 15.56 ? 31  SER B C   1 
ATOM   214  O O   . SER A 1 25  ? 5.057   14.889  -5.568  1.00 16.50 ? 31  SER B O   1 
ATOM   215  C CB  . SER A 1 25  ? 5.194   13.107  -8.399  1.00 15.79 ? 31  SER B CB  1 
ATOM   216  O OG  . SER A 1 25  ? 3.946   12.779  -7.789  1.00 16.04 ? 31  SER B OG  1 
ATOM   217  N N   . LYS A 1 26  ? 5.654   16.069  -7.421  1.00 19.11 ? 32  LYS B N   1 
ATOM   218  C CA  . LYS A 1 26  ? 5.174   17.394  -6.947  1.00 20.37 ? 32  LYS B CA  1 
ATOM   219  C C   . LYS A 1 26  ? 3.715   17.313  -6.490  1.00 18.92 ? 32  LYS B C   1 
ATOM   220  O O   . LYS A 1 26  ? 3.387   17.928  -5.472  1.00 20.27 ? 32  LYS B O   1 
ATOM   221  C CB  . LYS A 1 26  ? 5.354   18.375  -8.113  1.00 24.84 ? 32  LYS B CB  1 
ATOM   222  C CG  . LYS A 1 26  ? 4.806   19.761  -7.863  1.00 30.36 ? 32  LYS B CG  1 
ATOM   223  C CD  . LYS A 1 26  ? 5.370   20.731  -8.862  1.00 29.75 ? 32  LYS B CD  1 
ATOM   224  C CE  . LYS A 1 26  ? 5.254   20.262  -10.287 1.00 34.40 ? 32  LYS B CE  1 
ATOM   225  N NZ  . LYS A 1 26  ? 5.621   21.399  -11.162 1.00 38.29 ? 32  LYS B NZ  1 
ATOM   226  N N   . ASP A 1 27  ? 2.892   16.585  -7.237  1.00 18.50 ? 33  ASP B N   1 
ATOM   227  C CA  . ASP A 1 27  ? 1.438   16.465  -6.937  1.00 18.32 ? 33  ASP B CA  1 
ATOM   228  C C   . ASP A 1 27  ? 1.180   15.467  -5.802  1.00 17.12 ? 33  ASP B C   1 
ATOM   229  O O   . ASP A 1 27  ? -0.015  15.314  -5.414  1.00 17.09 ? 33  ASP B O   1 
ATOM   230  C CB  . ASP A 1 27  ? 0.628   16.131  -8.179  1.00 19.03 ? 33  ASP B CB  1 
ATOM   231  C CG  . ASP A 1 27  ? 0.867   14.770  -8.795  1.00 19.80 ? 33  ASP B CG  1 
ATOM   232  O OD1 . ASP A 1 27  ? 1.672   13.967  -8.248  1.00 19.80 ? 33  ASP B OD1 1 
ATOM   233  O OD2 . ASP A 1 27  ? 0.212   14.509  -9.813  1.00 24.20 ? 33  ASP B OD2 1 
ATOM   234  N N   . ARG A 1 28  ? 2.219   14.805  -5.300  1.00 15.61 ? 34  ARG B N   1 
ATOM   235  C CA  . ARG A 1 28  ? 2.117   13.853  -4.171  1.00 15.21 ? 34  ARG B CA  1 
ATOM   236  C C   . ARG A 1 28  ? 1.229   12.660  -4.583  1.00 12.77 ? 34  ARG B C   1 
ATOM   237  O O   . ARG A 1 28  ? 0.711   11.994  -3.670  1.00 13.78 ? 34  ARG B O   1 
ATOM   238  C CB  . ARG A 1 28  ? 1.682   14.589  -2.884  1.00 19.43 ? 34  ARG B CB  1 
ATOM   239  C CG  . ARG A 1 28  ? 2.703   15.641  -2.454  1.00 24.53 ? 34  ARG B CG  1 
ATOM   240  C CD  . ARG A 1 28  ? 2.408   16.450  -1.197  1.00 34.13 ? 34  ARG B CD  1 
ATOM   241  N NE  . ARG A 1 28  ? 1.076   17.008  -1.123  1.00 45.29 ? 34  ARG B NE  1 
ATOM   242  C CZ  . ARG A 1 28  ? 0.075   16.529  -0.371  1.00 63.33 ? 34  ARG B CZ  1 
ATOM   243  N NH1 . ARG A 1 28  ? 0.241   15.456  0.404   1.00 65.32 ? 34  ARG B NH1 1 
ATOM   244  N NH2 . ARG A 1 28  ? -1.101  17.140  -0.394  1.00 65.34 ? 34  ARG B NH2 1 
ATOM   245  N N   . ARG A 1 29  ? 1.131   12.338  -5.862  1.00 12.28 ? 35  ARG B N   1 
ATOM   246  C CA  . ARG A 1 29  ? 0.311   11.205  -6.325  1.00 13.53 ? 35  ARG B CA  1 
ATOM   247  C C   . ARG A 1 29  ? 1.159   10.059  -6.864  1.00 13.28 ? 35  ARG B C   1 
ATOM   248  O O   . ARG A 1 29  ? 0.561   8.982   -7.195  1.00 14.37 ? 35  ARG B O   1 
ATOM   249  C CB  . ARG A 1 29  ? -0.719  11.644  -7.377  1.00 15.62 ? 35  ARG B CB  1 
ATOM   250  C CG  . ARG A 1 29  ? -1.666  12.695  -6.808  1.00 17.88 ? 35  ARG B CG  1 
ATOM   251  C CD  . ARG A 1 29  ? -2.861  12.086  -6.129  1.00 19.79 ? 35  ARG B CD  1 
ATOM   252  N NE  . ARG A 1 29  ? -3.788  11.573  -7.141  1.00 20.29 ? 35  ARG B NE  1 
ATOM   253  C CZ  . ARG A 1 29  ? -4.867  10.862  -6.865  1.00 20.70 ? 35  ARG B CZ  1 
ATOM   254  N NH1 . ARG A 1 29  ? -5.176  10.612  -5.614  1.00 20.08 ? 35  ARG B NH1 1 
ATOM   255  N NH2 . ARG A 1 29  ? -5.635  10.430  -7.846  1.00 20.74 ? 35  ARG B NH2 1 
ATOM   256  N N   . GLN A 1 30  ? 2.482   10.200  -7.006  1.00 12.36 ? 36  GLN B N   1 
ATOM   257  C CA  . GLN A 1 30  ? 3.354   9.127   -7.522  1.00 13.37 ? 36  GLN B CA  1 
ATOM   258  C C   . GLN A 1 30  ? 4.585   8.999   -6.650  1.00 12.60 ? 36  GLN B C   1 
ATOM   259  O O   . GLN A 1 30  ? 5.039   10.002  -6.040  1.00 12.45 ? 36  GLN B O   1 
ATOM   260  C CB  . GLN A 1 30  ? 3.839   9.362   -8.957  1.00 15.73 ? 36  GLN B CB  1 
ATOM   261  C CG  . GLN A 1 30  ? 2.720   9.737   -9.890  1.00 18.60 ? 36  GLN B CG  1 
ATOM   262  C CD  . GLN A 1 30  ? 3.170   9.786   -11.333 1.00 22.63 ? 36  GLN B CD  1 
ATOM   263  O OE1 . GLN A 1 30  ? 4.248   9.345   -11.700 1.00 25.19 ? 36  GLN B OE1 1 
ATOM   264  N NE2 . GLN A 1 30  ? 2.287   10.309  -12.158 1.00 27.36 ? 36  GLN B NE2 1 
ATOM   265  N N   . VAL A 1 31  ? 5.102   7.774   -6.560  1.00 11.04 ? 37  VAL B N   1 
ATOM   266  C CA  . VAL A 1 31  ? 6.351   7.531   -5.796  1.00 11.52 ? 37  VAL B CA  1 
ATOM   267  C C   . VAL A 1 31  ? 7.179   6.483   -6.535  1.00 11.26 ? 37  VAL B C   1 
ATOM   268  O O   . VAL A 1 31  ? 6.628   5.478   -7.016  1.00 11.48 ? 37  VAL B O   1 
ATOM   269  C CB  . VAL A 1 31  ? 6.061   7.189   -4.323  1.00 10.56 ? 37  VAL B CB  1 
ATOM   270  C CG1 . VAL A 1 31  ? 5.132   5.973   -4.172  1.00 10.61 ? 37  VAL B CG1 1 
ATOM   271  C CG2 . VAL A 1 31  ? 7.350   7.004   -3.513  1.00 12.05 ? 37  VAL B CG2 1 
ATOM   272  N N   . ARG A 1 32  ? 8.479   6.667   -6.552  1.00 11.53 ? 38  ARG B N   1 
ATOM   273  C CA  . ARG A 1 32  ? 9.405   5.665   -7.096  1.00 12.11 ? 38  ARG B CA  1 
ATOM   274  C C   . ARG A 1 32  ? 10.680  5.622   -6.285  1.00 12.68 ? 38  ARG B C   1 
ATOM   275  O O   . ARG A 1 32  ? 11.016  6.573   -5.548  1.00 12.01 ? 38  ARG B O   1 
ATOM   276  C CB  . ARG A 1 32  ? 9.711   5.907   -8.578  1.00 13.16 ? 38  ARG B CB  1 
ATOM   277  C CG  . ARG A 1 32  ? 10.543  7.157   -8.842  1.00 15.54 ? 38  ARG B CG  1 
ATOM   278  C CD  . ARG A 1 32  ? 10.635  7.419   -10.348 1.00 18.92 ? 38  ARG B CD  1 
ATOM   279  N NE  . ARG A 1 32  ? 11.449  8.620   -10.566 1.00 21.56 ? 38  ARG B NE  1 
ATOM   280  C CZ  . ARG A 1 32  ? 12.764  8.659   -10.691 1.00 19.48 ? 38  ARG B CZ  1 
ATOM   281  N NH1 . ARG A 1 32  ? 13.494  7.583   -10.565 1.00 22.60 ? 38  ARG B NH1 1 
ATOM   282  N NH2 . ARG A 1 32  ? 13.377  9.835   -10.894 1.00 25.54 ? 38  ARG B NH2 1 
ATOM   283  N N   A MET A 1 33  ? 11.402  4.517   -6.460  0.25 11.99 ? 39  MET B N   1 
ATOM   284  N N   B MET A 1 33  ? 11.427  4.523   -6.414  0.25 13.57 ? 39  MET B N   1 
ATOM   285  C CA  A MET A 1 33  ? 12.746  4.308   -5.875  0.25 13.18 ? 39  MET B CA  1 
ATOM   286  C CA  B MET A 1 33  ? 12.709  4.350   -5.679  0.25 15.89 ? 39  MET B CA  1 
ATOM   287  C C   A MET A 1 33  ? 13.738  5.229   -6.590  0.25 13.61 ? 39  MET B C   1 
ATOM   288  C C   B MET A 1 33  ? 13.833  5.028   -6.468  0.25 15.46 ? 39  MET B C   1 
ATOM   289  O O   A MET A 1 33  ? 13.765  5.259   -7.834  0.25 13.38 ? 39  MET B O   1 
ATOM   290  O O   B MET A 1 33  ? 14.080  4.595   -7.621  0.25 15.12 ? 39  MET B O   1 
ATOM   291  C CB  A MET A 1 33  ? 13.169  2.847   -6.037  0.25 13.36 ? 39  MET B CB  1 
ATOM   292  C CB  B MET A 1 33  ? 13.057  2.875   -5.455  0.25 18.56 ? 39  MET B CB  1 
ATOM   293  C CG  A MET A 1 33  ? 14.571  2.565   -5.498  0.25 14.11 ? 39  MET B CG  1 
ATOM   294  C CG  B MET A 1 33  ? 14.393  2.704   -4.723  0.25 21.79 ? 39  MET B CG  1 
ATOM   295  S SD  A MET A 1 33  ? 14.711  2.905   -3.701  0.25 14.29 ? 39  MET B SD  1 
ATOM   296  S SD  B MET A 1 33  ? 14.366  1.473   -3.384  0.25 25.92 ? 39  MET B SD  1 
ATOM   297  C CE  A MET A 1 33  ? 15.880  1.665   -3.151  0.25 17.00 ? 39  MET B CE  1 
ATOM   298  C CE  B MET A 1 33  ? 15.617  2.137   -2.285  0.25 24.27 ? 39  MET B CE  1 
ATOM   299  N N   . GLY A 1 34  ? 14.502  5.997   -5.829  1.00 14.57 ? 40  GLY B N   1 
ATOM   300  C CA  . GLY A 1 34  ? 15.632  6.762   -6.398  1.00 16.36 ? 40  GLY B CA  1 
ATOM   301  C C   . GLY A 1 34  ? 16.870  5.871   -6.452  1.00 18.27 ? 40  GLY B C   1 
ATOM   302  O O   . GLY A 1 34  ? 16.885  4.796   -5.861  1.00 17.97 ? 40  GLY B O   1 
ATOM   303  N N   . ASP A 1 35  ? 17.905  6.311   -7.170  0.50 20.83 ? 41  ASP B N   1 
ATOM   304  C CA  . ASP A 1 35  ? 19.148  5.502   -7.314  0.50 22.35 ? 41  ASP B CA  1 
ATOM   305  C C   . ASP A 1 35  ? 20.033  5.713   -6.077  0.50 22.56 ? 41  ASP B C   1 
ATOM   306  O O   . ASP A 1 35  ? 20.939  4.875   -5.849  0.50 20.33 ? 41  ASP B O   1 
ATOM   307  C CB  . ASP A 1 35  ? 19.863  5.792   -8.637  0.50 25.25 ? 41  ASP B CB  1 
ATOM   308  C CG  . ASP A 1 35  ? 20.521  7.154   -8.735  0.50 25.79 ? 41  ASP B CG  1 
ATOM   309  O OD1 . ASP A 1 35  ? 21.661  7.208   -9.257  0.50 30.68 ? 41  ASP B OD1 1 
ATOM   310  O OD2 . ASP A 1 35  ? 19.894  8.142   -8.328  0.50 27.29 ? 41  ASP B OD2 1 
ATOM   311  N N   . THR A 1 36  ? 19.725  6.734   -5.268  1.00 21.16 ? 42  THR B N   1 
ATOM   312  C CA  . THR A 1 36  ? 20.571  7.173   -4.109  1.00 20.21 ? 42  THR B CA  1 
ATOM   313  C C   . THR A 1 36  ? 19.690  7.760   -2.994  1.00 17.23 ? 42  THR B C   1 
ATOM   314  O O   . THR A 1 36  ? 18.447  8.073   -3.187  1.00 15.47 ? 42  THR B O   1 
ATOM   315  C CB  . THR A 1 36  ? 21.599  8.205   -4.604  1.00 21.22 ? 42  THR B CB  1 
ATOM   316  O OG1 . THR A 1 36  ? 22.541  8.469   -3.575  1.00 24.35 ? 42  THR B OG1 1 
ATOM   317  C CG2 . THR A 1 36  ? 20.931  9.509   -4.981  1.00 23.20 ? 42  THR B CG2 1 
ATOM   318  N N   . HIS A 1 37  ? 20.286  8.120   -1.861  1.00 17.81 ? 43  HIS B N   1 
ATOM   319  C CA  . HIS A 1 37  ? 19.644  8.978   -0.834  1.00 16.95 ? 43  HIS B CA  1 
ATOM   320  C C   . HIS A 1 37  ? 19.149  10.270  -1.468  1.00 17.77 ? 43  HIS B C   1 
ATOM   321  O O   . HIS A 1 37  ? 19.951  10.954  -2.168  1.00 18.73 ? 43  HIS B O   1 
ATOM   322  C CB  . HIS A 1 37  ? 20.639  9.205   0.320   1.00 17.99 ? 43  HIS B CB  1 
ATOM   323  C CG  . HIS A 1 37  ? 20.116  9.906   1.530   1.00 16.26 ? 43  HIS B CG  1 
ATOM   324  N ND1 . HIS A 1 37  ? 19.796  11.260  1.558   1.00 17.97 ? 43  HIS B ND1 1 
ATOM   325  C CD2 . HIS A 1 37  ? 19.935  9.427   2.773   1.00 16.15 ? 43  HIS B CD2 1 
ATOM   326  C CE1 . HIS A 1 37  ? 19.422  11.568  2.788   1.00 17.49 ? 43  HIS B CE1 1 
ATOM   327  N NE2 . HIS A 1 37  ? 19.474  10.423  3.558   1.00 17.40 ? 43  HIS B NE2 1 
ATOM   328  N N   . GLN A 1 38  ? 17.926  10.718  -1.148  1.00 15.67 ? 44  GLN B N   1 
ATOM   329  C CA  . GLN A 1 38  ? 17.295  11.889  -1.782  1.00 15.93 ? 44  GLN B CA  1 
ATOM   330  C C   . GLN A 1 38  ? 17.523  13.236  -1.056  1.00 18.90 ? 44  GLN B C   1 
ATOM   331  O O   . GLN A 1 38  ? 16.806  14.239  -1.332  1.00 18.92 ? 44  GLN B O   1 
ATOM   332  C CB  . GLN A 1 38  ? 15.828  11.592  -2.031  1.00 16.95 ? 44  GLN B CB  1 
ATOM   333  C CG  . GLN A 1 38  ? 15.640  10.515  -3.067  1.00 16.16 ? 44  GLN B CG  1 
ATOM   334  C CD  . GLN A 1 38  ? 16.348  10.781  -4.366  1.00 15.94 ? 44  GLN B CD  1 
ATOM   335  O OE1 . GLN A 1 38  ? 17.131  9.971   -4.866  1.00 18.61 ? 44  GLN B OE1 1 
ATOM   336  N NE2 . GLN A 1 38  ? 16.132  11.960  -4.910  1.00 14.86 ? 44  GLN B NE2 1 
ATOM   337  N N   . ASN A 1 39  ? 18.528  13.312  -0.209  1.00 16.30 ? 45  ASN B N   1 
ATOM   338  C CA  . ASN A 1 39  ? 19.057  14.600  0.327   1.00 14.63 ? 45  ASN B CA  1 
ATOM   339  C C   . ASN A 1 39  ? 18.050  15.244  1.280   1.00 17.01 ? 45  ASN B C   1 
ATOM   340  O O   . ASN A 1 39  ? 17.930  16.463  1.311   1.00 18.25 ? 45  ASN B O   1 
ATOM   341  C CB  . ASN A 1 39  ? 19.587  15.524  -0.788  1.00 16.11 ? 45  ASN B CB  1 
ATOM   342  C CG  . ASN A 1 39  ? 20.563  16.556  -0.226  1.00 16.86 ? 45  ASN B CG  1 
ATOM   343  O OD1 . ASN A 1 39  ? 21.294  16.286  0.724   1.00 14.57 ? 45  ASN B OD1 1 
ATOM   344  N ND2 . ASN A 1 39  ? 20.564  17.767  -0.772  1.00 15.90 ? 45  ASN B ND2 1 
ATOM   345  N N   . VAL A 1 40  ? 17.378  14.425  2.077   1.00 18.55 ? 46  VAL B N   1 
ATOM   346  C CA  . VAL A 1 40  ? 16.399  14.853  3.114   1.00 18.44 ? 46  VAL B CA  1 
ATOM   347  C C   . VAL A 1 40  ? 17.008  14.540  4.490   1.00 16.60 ? 46  VAL B C   1 
ATOM   348  O O   . VAL A 1 40  ? 17.807  13.626  4.576   1.00 17.71 ? 46  VAL B O   1 
ATOM   349  C CB  . VAL A 1 40  ? 15.048  14.131  2.916   1.00 19.51 ? 46  VAL B CB  1 
ATOM   350  C CG1 . VAL A 1 40  ? 14.377  14.564  1.619   1.00 21.85 ? 46  VAL B CG1 1 
ATOM   351  C CG2 . VAL A 1 40  ? 15.179  12.597  2.913   1.00 19.95 ? 46  VAL B CG2 1 
ATOM   352  N N   . SER A 1 41  ? 16.586  15.240  5.533   1.00 19.47 ? 47  SER B N   1 
ATOM   353  C CA  . SER A 1 41  ? 16.961  14.906  6.935   1.00 19.53 ? 47  SER B CA  1 
ATOM   354  C C   . SER A 1 41  ? 16.228  13.642  7.399   1.00 19.22 ? 47  SER B C   1 
ATOM   355  O O   . SER A 1 41  ? 15.104  13.334  6.915   1.00 17.07 ? 47  SER B O   1 
ATOM   356  C CB  . SER A 1 41  ? 16.705  16.066  7.878   1.00 23.62 ? 47  SER B CB  1 
ATOM   357  O OG  . SER A 1 41  ? 15.345  16.424  7.881   1.00 25.70 ? 47  SER B OG  1 
ATOM   358  N N   . ASP A 1 42  ? 16.793  12.942  8.377   1.00 18.62 ? 48  ASP B N   1 
ATOM   359  C CA  . ASP A 1 42  ? 16.163  11.751  8.986   1.00 17.72 ? 48  ASP B CA  1 
ATOM   360  C C   . ASP A 1 42  ? 15.209  12.273  10.067  1.00 19.15 ? 48  ASP B C   1 
ATOM   361  O O   . ASP A 1 42  ? 15.288  13.464  10.462  1.00 19.98 ? 48  ASP B O   1 
ATOM   362  C CB  . ASP A 1 42  ? 17.218  10.756  9.481   1.00 19.46 ? 48  ASP B CB  1 
ATOM   363  C CG  . ASP A 1 42  ? 16.727  9.329   9.587   1.00 21.12 ? 48  ASP B CG  1 
ATOM   364  O OD1 . ASP A 1 42  ? 15.503  9.103   9.306   1.00 16.21 ? 48  ASP B OD1 1 
ATOM   365  O OD2 . ASP A 1 42  ? 17.566  8.417   9.866   1.00 21.13 ? 48  ASP B OD2 1 
ATOM   366  N N   . ASN A 1 43  ? 14.237  11.435  10.434  1.00 16.86 ? 49  ASN B N   1 
ATOM   367  C CA  . ASN A 1 43  ? 13.206  11.779  11.448  1.00 18.41 ? 49  ASN B CA  1 
ATOM   368  C C   . ASN A 1 43  ? 12.646  10.459  11.976  1.00 17.99 ? 49  ASN B C   1 
ATOM   369  O O   . ASN A 1 43  ? 12.988  9.388   11.445  1.00 19.66 ? 49  ASN B O   1 
ATOM   370  C CB  . ASN A 1 43  ? 12.210  12.784  10.883  1.00 16.79 ? 49  ASN B CB  1 
ATOM   371  C CG  . ASN A 1 43  ? 11.290  12.201  9.830   1.00 17.73 ? 49  ASN B CG  1 
ATOM   372  O OD1 . ASN A 1 43  ? 10.770  11.120  10.033  1.00 18.95 ? 49  ASN B OD1 1 
ATOM   373  N ND2 . ASN A 1 43  ? 11.112  12.861  8.730   1.00 17.50 ? 49  ASN B ND2 1 
ATOM   374  N N   . LYS A 1 44  ? 11.838  10.516  13.033  1.00 19.14 ? 50  LYS B N   1 
ATOM   375  C CA  . LYS A 1 44  ? 11.316  9.290   13.666  1.00 19.84 ? 50  LYS B CA  1 
ATOM   376  C C   . LYS A 1 44  ? 10.155  8.696   12.837  1.00 15.94 ? 50  LYS B C   1 
ATOM   377  O O   . LYS A 1 44  ? 9.863   7.517   13.077  1.00 17.64 ? 50  LYS B O   1 
ATOM   378  C CB  . LYS A 1 44  ? 10.798  9.642   15.067  1.00 22.80 ? 50  LYS B CB  1 
ATOM   379  C CG  . LYS A 1 44  ? 9.668   10.661  15.047  1.00 29.14 ? 50  LYS B CG  1 
ATOM   380  C CD  . LYS A 1 44  ? 9.538   11.574  16.283  1.00 41.83 ? 50  LYS B CD  1 
ATOM   381  C CE  . LYS A 1 44  ? 8.180   12.244  16.362  1.00 46.76 ? 50  LYS B CE  1 
ATOM   382  N NZ  . LYS A 1 44  ? 7.480   11.884  17.619  1.00 50.07 ? 50  LYS B NZ  1 
ATOM   383  N N   . GLU A 1 45  ? 9.591   9.448   11.888  1.00 16.69 ? 51  GLU B N   1 
ATOM   384  C CA  . GLU A 1 45  ? 8.442   8.958   11.076  1.00 17.37 ? 51  GLU B CA  1 
ATOM   385  C C   . GLU A 1 45  ? 8.934   8.086   9.916   1.00 15.29 ? 51  GLU B C   1 
ATOM   386  O O   . GLU A 1 45  ? 8.147   7.237   9.423   1.00 15.76 ? 51  GLU B O   1 
ATOM   387  C CB  . GLU A 1 45  ? 7.651   10.115  10.502  1.00 20.19 ? 51  GLU B CB  1 
ATOM   388  C CG  . GLU A 1 45  ? 6.954   10.989  11.535  1.00 26.21 ? 51  GLU B CG  1 
ATOM   389  C CD  . GLU A 1 45  ? 6.145   12.078  10.842  1.00 37.09 ? 51  GLU B CD  1 
ATOM   390  O OE1 . GLU A 1 45  ? 6.575   13.251  10.909  1.00 51.21 ? 51  GLU B OE1 1 
ATOM   391  O OE2 . GLU A 1 45  ? 5.138   11.751  10.158  1.00 45.60 ? 51  GLU B OE2 1 
ATOM   392  N N   . ARG A 1 46  ? 10.131  8.326   9.378   1.00 13.67 ? 52  ARG B N   1 
ATOM   393  C CA  . ARG A 1 46  ? 10.515  7.647   8.122   1.00 13.66 ? 52  ARG B CA  1 
ATOM   394  C C   . ARG A 1 46  ? 10.675  6.139   8.272   1.00 12.99 ? 52  ARG B C   1 
ATOM   395  O O   . ARG A 1 46  ? 11.269  5.637   9.245   1.00 14.54 ? 52  ARG B O   1 
ATOM   396  C CB  . ARG A 1 46  ? 11.862  8.152   7.598   1.00 13.27 ? 52  ARG B CB  1 
ATOM   397  C CG  . ARG A 1 46  ? 11.876  9.596   7.185   1.00 14.14 ? 52  ARG B CG  1 
ATOM   398  C CD  . ARG A 1 46  ? 13.065  9.921   6.268   1.00 13.69 ? 52  ARG B CD  1 
ATOM   399  N NE  . ARG A 1 46  ? 13.107  11.341  6.056   1.00 14.66 ? 52  ARG B NE  1 
ATOM   400  C CZ  . ARG A 1 46  ? 12.272  12.013  5.278   1.00 15.25 ? 52  ARG B CZ  1 
ATOM   401  N NH1 . ARG A 1 46  ? 11.361  11.402  4.514   1.00 14.33 ? 52  ARG B NH1 1 
ATOM   402  N NH2 . ARG A 1 46  ? 12.317  13.335  5.271   1.00 19.32 ? 52  ARG B NH2 1 
ATOM   403  N N   . PHE A 1 47  ? 10.146  5.359   7.348   1.00 11.84 ? 53  PHE B N   1 
ATOM   404  C CA  . PHE A 1 47  ? 10.467  3.928   7.309   1.00 11.56 ? 53  PHE B CA  1 
ATOM   405  C C   . PHE A 1 47  ? 11.960  3.755   6.983   1.00 13.68 ? 53  PHE B C   1 
ATOM   406  O O   . PHE A 1 47  ? 12.382  4.212   5.909   1.00 14.14 ? 53  PHE B O   1 
ATOM   407  C CB  . PHE A 1 47  ? 9.596   3.209   6.280   1.00 11.05 ? 53  PHE B CB  1 
ATOM   408  C CG  . PHE A 1 47  ? 8.172   3.044   6.747   1.00 11.84 ? 53  PHE B CG  1 
ATOM   409  C CD1 . PHE A 1 47  ? 7.844   2.027   7.645   1.00 12.11 ? 53  PHE B CD1 1 
ATOM   410  C CD2 . PHE A 1 47  ? 7.176   3.849   6.251   1.00 12.87 ? 53  PHE B CD2 1 
ATOM   411  C CE1 . PHE A 1 47  ? 6.519   1.834   8.043   1.00 13.29 ? 53  PHE B CE1 1 
ATOM   412  C CE2 . PHE A 1 47  ? 5.856   3.658   6.666   1.00 13.01 ? 53  PHE B CE2 1 
ATOM   413  C CZ  . PHE A 1 47  ? 5.545   2.670   7.572   1.00 12.00 ? 53  PHE B CZ  1 
ATOM   414  N N   . SER A 1 48  ? 12.704  3.091   7.846   1.00 14.39 ? 54  SER B N   1 
ATOM   415  C CA  . SER A 1 48  ? 14.176  3.003   7.678   1.00 15.42 ? 54  SER B CA  1 
ATOM   416  C C   . SER A 1 48  ? 14.590  1.823   6.789   1.00 14.39 ? 54  SER B C   1 
ATOM   417  O O   . SER A 1 48  ? 15.543  1.968   5.999   1.00 18.46 ? 54  SER B O   1 
ATOM   418  C CB  . SER A 1 48  ? 14.831  2.928   9.072   1.00 15.65 ? 54  SER B CB  1 
ATOM   419  O OG  . SER A 1 48  ? 14.447  1.778   9.768   1.00 16.50 ? 54  SER B OG  1 
ATOM   420  N N   . ASN A 1 49  ? 14.008  0.669   6.934   1.00 13.62 ? 55  ASN B N   1 
ATOM   421  C CA  . ASN A 1 49  ? 14.583  -0.582  6.398   1.00 14.49 ? 55  ASN B CA  1 
ATOM   422  C C   . ASN A 1 49  ? 14.088  -0.856  4.981   1.00 14.84 ? 55  ASN B C   1 
ATOM   423  O O   . ASN A 1 49  ? 14.687  -1.706  4.274   1.00 16.42 ? 55  ASN B O   1 
ATOM   424  C CB  . ASN A 1 49  ? 14.327  -1.822  7.245   1.00 15.58 ? 55  ASN B CB  1 
ATOM   425  C CG  . ASN A 1 49  ? 15.116  -1.873  8.540   1.00 19.05 ? 55  ASN B CG  1 
ATOM   426  O OD1 . ASN A 1 49  ? 15.189  -0.881  9.255   1.00 20.23 ? 55  ASN B OD1 1 
ATOM   427  N ND2 . ASN A 1 49  ? 15.619  -3.066  8.874   1.00 19.64 ? 55  ASN B ND2 1 
ATOM   428  N N   . TYR A 1 50  ? 12.927  -0.304  4.611   1.00 12.89 ? 56  TYR B N   1 
ATOM   429  C CA  . TYR A 1 50  ? 12.214  -0.725  3.395   1.00 12.44 ? 56  TYR B CA  1 
ATOM   430  C C   . TYR A 1 50  ? 11.755  0.504   2.628   1.00 11.54 ? 56  TYR B C   1 
ATOM   431  O O   . TYR A 1 50  ? 11.504  1.546   3.228   1.00 12.59 ? 56  TYR B O   1 
ATOM   432  C CB  . TYR A 1 50  ? 11.003  -1.592  3.777   1.00 12.54 ? 56  TYR B CB  1 
ATOM   433  C CG  . TYR A 1 50  ? 11.258  -2.697  4.775   1.00 13.37 ? 56  TYR B CG  1 
ATOM   434  C CD1 . TYR A 1 50  ? 11.997  -3.819  4.433   1.00 16.10 ? 56  TYR B CD1 1 
ATOM   435  C CD2 . TYR A 1 50  ? 10.812  -2.606  6.083   1.00 15.08 ? 56  TYR B CD2 1 
ATOM   436  C CE1 . TYR A 1 50  ? 12.258  -4.836  5.360   1.00 17.44 ? 56  TYR B CE1 1 
ATOM   437  C CE2 . TYR A 1 50  ? 11.091  -3.584  7.021   1.00 16.48 ? 56  TYR B CE2 1 
ATOM   438  C CZ  . TYR A 1 50  ? 11.786  -4.725  6.648   1.00 15.52 ? 56  TYR B CZ  1 
ATOM   439  O OH  . TYR A 1 50  ? 12.037  -5.731  7.569   1.00 16.43 ? 56  TYR B OH  1 
ATOM   440  N N   . PRO A 1 51  ? 11.449  0.374   1.316   1.00 10.76 ? 57  PRO B N   1 
ATOM   441  C CA  . PRO A 1 51  ? 11.048  1.523   0.498   1.00 11.22 ? 57  PRO B CA  1 
ATOM   442  C C   . PRO A 1 51  ? 9.548   1.872   0.613   1.00 11.15 ? 57  PRO B C   1 
ATOM   443  O O   . PRO A 1 51  ? 8.810   1.857   -0.355  1.00 11.55 ? 57  PRO B O   1 
ATOM   444  C CB  . PRO A 1 51  ? 11.400  1.083   -0.950  1.00 13.55 ? 57  PRO B CB  1 
ATOM   445  C CG  . PRO A 1 51  ? 12.193  -0.210  -0.801  1.00 14.25 ? 57  PRO B CG  1 
ATOM   446  C CD  . PRO A 1 51  ? 11.744  -0.799  0.499   1.00 12.78 ? 57  PRO B CD  1 
ATOM   447  N N   . MET A 1 52  ? 9.155   2.183   1.846   1.00 11.01 ? 58  MET B N   1 
ATOM   448  C CA  . MET A 1 52  ? 7.750   2.421   2.244   1.00 10.11 ? 58  MET B CA  1 
ATOM   449  C C   . MET A 1 52  ? 7.431   3.883   2.464   1.00 9.86  ? 58  MET B C   1 
ATOM   450  O O   . MET A 1 52  ? 8.307   4.736   2.787   1.00 11.08 ? 58  MET B O   1 
ATOM   451  C CB  . MET A 1 52  ? 7.450   1.621   3.513   1.00 10.46 ? 58  MET B CB  1 
ATOM   452  C CG  . MET A 1 52  ? 7.515   0.148   3.318   1.00 10.46 ? 58  MET B CG  1 
ATOM   453  S SD  . MET A 1 52  ? 7.566   -0.713  4.938   1.00 12.35 ? 58  MET B SD  1 
ATOM   454  C CE  . MET A 1 52  ? 7.604   -2.429  4.463   1.00 13.18 ? 58  MET B CE  1 
ATOM   455  N N   . VAL A 1 53  ? 6.147   4.206   2.308   1.00 9.97  ? 59  VAL B N   1 
ATOM   456  C CA  . VAL A 1 53  ? 5.613   5.572   2.532   1.00 10.15 ? 59  VAL B CA  1 
ATOM   457  C C   . VAL A 1 53  ? 4.122   5.423   2.866   1.00 11.17 ? 59  VAL B C   1 
ATOM   458  O O   . VAL A 1 53  ? 3.481   4.463   2.408   1.00 10.47 ? 59  VAL B O   1 
ATOM   459  C CB  . VAL A 1 53  ? 5.873   6.488   1.317   1.00 10.39 ? 59  VAL B CB  1 
ATOM   460  C CG1 . VAL A 1 53  ? 5.186   6.022   0.046   1.00 11.26 ? 59  VAL B CG1 1 
ATOM   461  C CG2 . VAL A 1 53  ? 5.459   7.922   1.597   1.00 10.56 ? 59  VAL B CG2 1 
ATOM   462  N N   . LEU A 1 54  ? 3.614   6.357   3.659   1.00 10.26 ? 60  LEU B N   1 
ATOM   463  C CA  . LEU A 1 54  ? 2.171   6.438   3.998   1.00 10.71 ? 60  LEU B CA  1 
ATOM   464  C C   . LEU A 1 54  ? 1.451   7.518   3.220   1.00 10.94 ? 60  LEU B C   1 
ATOM   465  O O   . LEU A 1 54  ? 2.041   8.599   2.880   1.00 13.01 ? 60  LEU B O   1 
ATOM   466  C CB  . LEU A 1 54  ? 1.976   6.692   5.482   1.00 11.07 ? 60  LEU B CB  1 
ATOM   467  C CG  . LEU A 1 54  ? 2.644   5.702   6.412   1.00 12.10 ? 60  LEU B CG  1 
ATOM   468  C CD1 . LEU A 1 54  ? 2.282   5.943   7.867   1.00 13.11 ? 60  LEU B CD1 1 
ATOM   469  C CD2 . LEU A 1 54  ? 2.312   4.254   6.087   1.00 12.63 ? 60  LEU B CD2 1 
ATOM   470  N N   . GLY A 1 55  ? 0.148   7.309   3.001   1.00 11.54 ? 61  GLY B N   1 
ATOM   471  C CA  . GLY A 1 55  ? -0.739  8.406   2.600   1.00 11.76 ? 61  GLY B CA  1 
ATOM   472  C C   . GLY A 1 55  ? -0.872  9.424   3.745   1.00 12.68 ? 61  GLY B C   1 
ATOM   473  O O   . GLY A 1 55  ? -0.732  9.054   4.914   1.00 12.79 ? 61  GLY B O   1 
ATOM   474  N N   . ALA A 1 56  ? -1.170  10.667  3.423   1.00 13.10 ? 62  ALA B N   1 
ATOM   475  C CA  . ALA A 1 56  ? -1.400  11.744  4.413   1.00 15.45 ? 62  ALA B CA  1 
ATOM   476  C C   . ALA A 1 56  ? -2.741  11.560  5.114   1.00 15.32 ? 62  ALA B C   1 
ATOM   477  O O   . ALA A 1 56  ? -2.850  11.954  6.293   1.00 19.42 ? 62  ALA B O   1 
ATOM   478  C CB  . ALA A 1 56  ? -1.331  13.055  3.697   1.00 17.14 ? 62  ALA B CB  1 
ATOM   479  N N   . GLN A 1 57  ? -3.703  10.961  4.442   1.00 14.46 ? 63  GLN B N   1 
ATOM   480  C CA  . GLN A 1 57  ? -5.073  10.887  4.999   1.00 15.14 ? 63  GLN B CA  1 
ATOM   481  C C   . GLN A 1 57  ? -5.092  9.887   6.156   1.00 16.15 ? 63  GLN B C   1 
ATOM   482  O O   . GLN A 1 57  ? -4.415  8.850   6.117   1.00 16.09 ? 63  GLN B O   1 
ATOM   483  C CB  . GLN A 1 57  ? -6.068  10.501  3.892   1.00 16.92 ? 63  GLN B CB  1 
ATOM   484  C CG  . GLN A 1 57  ? -6.290  11.568  2.834   1.00 19.17 ? 63  GLN B CG  1 
ATOM   485  C CD  . GLN A 1 57  ? -5.069  11.825  1.966   1.00 19.32 ? 63  GLN B CD  1 
ATOM   486  O OE1 . GLN A 1 57  ? -4.364  10.892  1.581   1.00 17.30 ? 63  GLN B OE1 1 
ATOM   487  N NE2 . GLN A 1 57  ? -4.813  13.063  1.601   1.00 21.65 ? 63  GLN B NE2 1 
ATOM   488  N N   . ARG A 1 58  ? -5.856  10.187  7.226   1.00 16.49 ? 64  ARG B N   1 
ATOM   489  C CA  . ARG A 1 58  ? -6.146  9.258   8.324   1.00 17.02 ? 64  ARG B CA  1 
ATOM   490  C C   . ARG A 1 58  ? -7.644  8.937   8.339   1.00 15.70 ? 64  ARG B C   1 
ATOM   491  O O   . ARG A 1 58  ? -8.460  9.871   8.199   1.00 18.61 ? 64  ARG B O   1 
ATOM   492  C CB  . ARG A 1 58  ? -5.820  9.881   9.689   1.00 21.70 ? 64  ARG B CB  1 
ATOM   493  C CG  . ARG A 1 58  ? -4.346  9.977   10.071  1.00 30.03 ? 64  ARG B CG  1 
ATOM   494  C CD  . ARG A 1 58  ? -3.468  10.715  9.090   1.00 32.96 ? 64  ARG B CD  1 
ATOM   495  N NE  . ARG A 1 58  ? -2.185  11.344  9.481   1.00 40.20 ? 64  ARG B NE  1 
ATOM   496  C CZ  . ARG A 1 58  ? -1.599  11.336  10.675  1.00 36.92 ? 64  ARG B CZ  1 
ATOM   497  N NH1 . ARG A 1 58  ? -0.430  11.931  10.822  1.00 42.52 ? 64  ARG B NH1 1 
ATOM   498  N NH2 . ARG A 1 58  ? -2.133  10.741  11.722  1.00 46.62 ? 64  ARG B NH2 1 
ATOM   499  N N   . PHE A 1 59  ? -8.018  7.684   8.479   1.00 15.37 ? 65  PHE B N   1 
ATOM   500  C CA  . PHE A 1 59  ? -9.443  7.266   8.464   1.00 15.92 ? 65  PHE B CA  1 
ATOM   501  C C   . PHE A 1 59  ? -9.756  6.569   9.779   1.00 14.61 ? 65  PHE B C   1 
ATOM   502  O O   . PHE A 1 59  ? -9.032  5.671   10.190  1.00 13.35 ? 65  PHE B O   1 
ATOM   503  C CB  . PHE A 1 59  ? -9.690  6.298   7.295   1.00 18.46 ? 65  PHE B CB  1 
ATOM   504  C CG  . PHE A 1 59  ? -9.327  6.889   5.963   1.00 19.87 ? 65  PHE B CG  1 
ATOM   505  C CD1 . PHE A 1 59  ? -9.887  8.095   5.557   1.00 21.45 ? 65  PHE B CD1 1 
ATOM   506  C CD2 . PHE A 1 59  ? -8.448  6.249   5.122   1.00 24.51 ? 65  PHE B CD2 1 
ATOM   507  C CE1 . PHE A 1 59  ? -9.584  8.660   4.329   1.00 24.49 ? 65  PHE B CE1 1 
ATOM   508  C CE2 . PHE A 1 59  ? -8.151  6.823   3.888   1.00 19.96 ? 65  PHE B CE2 1 
ATOM   509  C CZ  . PHE A 1 59  ? -8.708  8.007   3.506   1.00 20.93 ? 65  PHE B CZ  1 
ATOM   510  N N   A SER A 1 60  ? -10.840 6.983   10.447  0.25 14.57 ? 66  SER B N   1 
ATOM   511  N N   B SER A 1 60  ? -10.827 6.999   10.458  0.25 15.12 ? 66  SER B N   1 
ATOM   512  C CA  A SER A 1 60  ? -11.295 6.365   11.720  0.25 14.76 ? 66  SER B CA  1 
ATOM   513  C CA  B SER A 1 60  ? -11.313 6.373   11.718  0.25 15.77 ? 66  SER B CA  1 
ATOM   514  C C   A SER A 1 60  ? -12.772 5.938   11.624  0.25 14.58 ? 66  SER B C   1 
ATOM   515  C C   B SER A 1 60  ? -12.813 6.079   11.641  0.25 15.85 ? 66  SER B C   1 
ATOM   516  O O   A SER A 1 60  ? -13.277 5.334   12.587  0.25 13.99 ? 66  SER B O   1 
ATOM   517  O O   B SER A 1 60  ? -13.426 5.886   12.702  0.25 15.16 ? 66  SER B O   1 
ATOM   518  C CB  A SER A 1 60  ? -11.023 7.295   12.876  0.25 15.12 ? 66  SER B CB  1 
ATOM   519  C CB  B SER A 1 60  ? -11.031 7.247   12.889  0.25 16.27 ? 66  SER B CB  1 
ATOM   520  O OG  A SER A 1 60  ? -9.621  7.309   13.204  0.25 15.02 ? 66  SER B OG  1 
ATOM   521  O OG  B SER A 1 60  ? -11.574 8.535   12.686  0.25 16.42 ? 66  SER B OG  1 
ATOM   522  N N   A SER A 1 61  ? -13.426 6.186   10.485  0.25 14.20 ? 67  SER B N   1 
ATOM   523  N N   B SER A 1 61  ? -13.382 6.069   10.438  0.25 16.00 ? 67  SER B N   1 
ATOM   524  C CA  A SER A 1 61  ? -14.837 5.793   10.246  0.25 15.15 ? 67  SER B CA  1 
ATOM   525  C CA  B SER A 1 61  ? -14.825 5.820   10.235  0.25 17.18 ? 67  SER B CA  1 
ATOM   526  C C   A SER A 1 61  ? -15.094 5.651   8.746   0.25 15.87 ? 67  SER B C   1 
ATOM   527  C C   B SER A 1 61  ? -15.146 5.767   8.743   0.25 17.03 ? 67  SER B C   1 
ATOM   528  O O   A SER A 1 61  ? -14.225 6.038   7.970   0.25 16.40 ? 67  SER B O   1 
ATOM   529  O O   B SER A 1 61  ? -14.387 6.370   7.965   0.25 16.95 ? 67  SER B O   1 
ATOM   530  C CB  A SER A 1 61  ? -15.760 6.831   10.847  0.25 15.58 ? 67  SER B CB  1 
ATOM   531  C CB  B SER A 1 61  ? -15.605 6.913   10.922  0.25 18.51 ? 67  SER B CB  1 
ATOM   532  O OG  A SER A 1 61  ? -15.666 8.040   10.119  0.25 15.65 ? 67  SER B OG  1 
ATOM   533  O OG  B SER A 1 61  ? -16.987 6.717   10.714  0.25 21.19 ? 67  SER B OG  1 
ATOM   534  N N   . GLY A 1 62  ? -16.264 5.134   8.376   1.00 17.02 ? 68  GLY B N   1 
ATOM   535  C CA  . GLY A 1 62  ? -16.754 5.242   6.998   1.00 18.22 ? 68  GLY B CA  1 
ATOM   536  C C   . GLY A 1 62  ? -16.171 4.200   6.061   1.00 15.92 ? 68  GLY B C   1 
ATOM   537  O O   . GLY A 1 62  ? -15.525 3.227   6.470   1.00 16.87 ? 68  GLY B O   1 
ATOM   538  N N   . LYS A 1 63  ? -16.509 4.417   4.817   1.00 15.35 ? 69  LYS B N   1 
ATOM   539  C CA  . LYS A 1 63  ? -16.105 3.574   3.693   1.00 15.63 ? 69  LYS B CA  1 
ATOM   540  C C   . LYS A 1 63  ? -15.236 4.437   2.798   1.00 14.95 ? 69  LYS B C   1 
ATOM   541  O O   . LYS A 1 63  ? -15.629 5.550   2.447   1.00 17.02 ? 69  LYS B O   1 
ATOM   542  C CB  . LYS A 1 63  ? -17.338 3.031   2.975   1.00 17.12 ? 69  LYS B CB  1 
ATOM   543  C CG  . LYS A 1 63  ? -18.234 2.110   3.798   1.00 18.75 ? 69  LYS B CG  1 
ATOM   544  C CD  . LYS A 1 63  ? -19.539 1.671   3.063   1.00 22.03 ? 69  LYS B CD  1 
ATOM   545  C CE  . LYS A 1 63  ? -20.385 0.694   3.852   1.00 26.60 ? 69  LYS B CE  1 
ATOM   546  N NZ  . LYS A 1 63  ? -21.623 0.354   3.108   1.00 31.04 ? 69  LYS B NZ  1 
ATOM   547  N N   . MET A 1 64  ? -14.095 3.888   2.356   1.00 14.35 ? 70  MET B N   1 
ATOM   548  C CA  . MET A 1 64  ? -13.087 4.580   1.530   1.00 14.75 ? 70  MET B CA  1 
ATOM   549  C C   . MET A 1 64  ? -12.623 3.659   0.405   1.00 13.32 ? 70  MET B C   1 
ATOM   550  O O   . MET A 1 64  ? -12.480 2.454   0.624   1.00 14.41 ? 70  MET B O   1 
ATOM   551  C CB  . MET A 1 64  ? -11.863 4.913   2.355   1.00 14.53 ? 70  MET B CB  1 
ATOM   552  C CG  . MET A 1 64  ? -12.060 6.020   3.352   1.00 16.37 ? 70  MET B CG  1 
ATOM   553  S SD  . MET A 1 64  ? -13.051 5.729   4.860   1.00 18.72 ? 70  MET B SD  1 
ATOM   554  C CE  . MET A 1 64  ? -12.371 4.232   5.561   1.00 17.87 ? 70  MET B CE  1 
ATOM   555  N N   . TYR A 1 65  ? -12.371 4.199   -0.760  1.00 13.52 ? 71  TYR B N   1 
ATOM   556  C CA  . TYR A 1 65  ? -11.910 3.430   -1.936  1.00 13.58 ? 71  TYR B CA  1 
ATOM   557  C C   . TYR A 1 65  ? -10.876 4.276   -2.651  1.00 14.36 ? 71  TYR B C   1 
ATOM   558  O O   . TYR A 1 65  ? -11.095 5.504   -2.879  1.00 14.85 ? 71  TYR B O   1 
ATOM   559  C CB  . TYR A 1 65  ? -13.096 3.074   -2.832  1.00 15.08 ? 71  TYR B CB  1 
ATOM   560  C CG  . TYR A 1 65  ? -12.725 2.319   -4.075  1.00 14.47 ? 71  TYR B CG  1 
ATOM   561  C CD1 . TYR A 1 65  ? -12.463 0.961   -4.019  1.00 14.67 ? 71  TYR B CD1 1 
ATOM   562  C CD2 . TYR A 1 65  ? -12.559 2.978   -5.280  1.00 15.37 ? 71  TYR B CD2 1 
ATOM   563  C CE1 . TYR A 1 65  ? -12.089 0.244   -5.144  1.00 16.07 ? 71  TYR B CE1 1 
ATOM   564  C CE2 . TYR A 1 65  ? -12.178 2.278   -6.410  1.00 14.64 ? 71  TYR B CE2 1 
ATOM   565  C CZ  . TYR A 1 65  ? -11.961 0.922   -6.346  1.00 14.92 ? 71  TYR B CZ  1 
ATOM   566  O OH  . TYR A 1 65  ? -11.570 0.297   -7.485  1.00 17.10 ? 71  TYR B OH  1 
ATOM   567  N N   . TRP A 1 66  ? -9.798  3.636   -3.086  1.00 12.35 ? 72  TRP B N   1 
ATOM   568  C CA  . TRP A 1 66  ? -8.815  4.280   -3.989  1.00 12.70 ? 72  TRP B CA  1 
ATOM   569  C C   . TRP A 1 66  ? -8.169  3.231   -4.900  1.00 12.06 ? 72  TRP B C   1 
ATOM   570  O O   . TRP A 1 66  ? -8.309  2.010   -4.662  1.00 13.46 ? 72  TRP B O   1 
ATOM   571  C CB  . TRP A 1 66  ? -7.764  5.111   -3.220  1.00 11.94 ? 72  TRP B CB  1 
ATOM   572  C CG  . TRP A 1 66  ? -6.881  4.343   -2.284  1.00 12.15 ? 72  TRP B CG  1 
ATOM   573  C CD1 . TRP A 1 66  ? -5.603  3.875   -2.543  1.00 11.85 ? 72  TRP B CD1 1 
ATOM   574  C CD2 . TRP A 1 66  ? -7.140  4.001   -0.913  1.00 13.10 ? 72  TRP B CD2 1 
ATOM   575  N NE1 . TRP A 1 66  ? -5.079  3.278   -1.424  1.00 12.48 ? 72  TRP B NE1 1 
ATOM   576  C CE2 . TRP A 1 66  ? -6.006  3.330   -0.408  1.00 13.08 ? 72  TRP B CE2 1 
ATOM   577  C CE3 . TRP A 1 66  ? -8.226  4.228   -0.050  1.00 15.18 ? 72  TRP B CE3 1 
ATOM   578  C CZ2 . TRP A 1 66  ? -5.931  2.885   0.908   1.00 13.63 ? 72  TRP B CZ2 1 
ATOM   579  C CZ3 . TRP A 1 66  ? -8.176  3.739   1.228   1.00 16.23 ? 72  TRP B CZ3 1 
ATOM   580  C CH2 . TRP A 1 66  ? -7.055  3.060   1.683   1.00 15.13 ? 72  TRP B CH2 1 
ATOM   581  N N   . GLU A 1 67  ? -7.483  3.681   -5.960  1.00 12.45 ? 73  GLU B N   1 
ATOM   582  C CA  . GLU A 1 67  ? -6.849  2.779   -6.956  1.00 11.89 ? 73  GLU B CA  1 
ATOM   583  C C   . GLU A 1 67  ? -5.385  3.139   -7.118  1.00 11.69 ? 73  GLU B C   1 
ATOM   584  O O   . GLU A 1 67  ? -5.043  4.327   -7.059  1.00 12.38 ? 73  GLU B O   1 
ATOM   585  C CB  . GLU A 1 67  ? -7.578  2.865   -8.290  1.00 13.05 ? 73  GLU B CB  1 
ATOM   586  C CG  . GLU A 1 67  ? -8.973  2.256   -8.175  1.00 15.27 ? 73  GLU B CG  1 
ATOM   587  C CD  . GLU A 1 67  ? -9.798  2.277   -9.452  1.00 19.48 ? 73  GLU B CD  1 
ATOM   588  O OE1 . GLU A 1 67  ? -9.274  2.826   -10.484 1.00 22.27 ? 73  GLU B OE1 1 
ATOM   589  O OE2 . GLU A 1 67  ? -10.946 1.646   -9.460  1.00 17.97 ? 73  GLU B OE2 1 
ATOM   590  N N   . VAL A 1 68  ? -4.571  2.111   -7.318  1.00 11.74 ? 74  VAL B N   1 
ATOM   591  C CA  . VAL A 1 68  ? -3.124  2.294   -7.491  1.00 11.29 ? 74  VAL B CA  1 
ATOM   592  C C   . VAL A 1 68  ? -2.659  1.598   -8.754  1.00 11.43 ? 74  VAL B C   1 
ATOM   593  O O   . VAL A 1 68  ? -2.984  0.423   -8.945  1.00 11.95 ? 74  VAL B O   1 
ATOM   594  C CB  . VAL A 1 68  ? -2.344  1.758   -6.281  1.00 11.90 ? 74  VAL B CB  1 
ATOM   595  C CG1 . VAL A 1 68  ? -0.881  2.150   -6.433  1.00 12.96 ? 74  VAL B CG1 1 
ATOM   596  C CG2 . VAL A 1 68  ? -2.918  2.273   -4.974  1.00 12.86 ? 74  VAL B CG2 1 
ATOM   597  N N   . ASP A 1 69  ? -1.832  2.277   -9.543  1.00 11.32 ? 75  ASP B N   1 
ATOM   598  C CA  . ASP A 1 69  ? -1.220  1.716   -10.769 1.00 12.63 ? 75  ASP B CA  1 
ATOM   599  C C   . ASP A 1 69  ? 0.089   1.043   -10.371 1.00 11.35 ? 75  ASP B C   1 
ATOM   600  O O   . ASP A 1 69  ? 0.939   1.703   -9.667  1.00 11.81 ? 75  ASP B O   1 
ATOM   601  C CB  . ASP A 1 69  ? -1.010  2.824   -11.804 1.00 14.84 ? 75  ASP B CB  1 
ATOM   602  C CG  . ASP A 1 69  ? -0.736  2.287   -13.195 1.00 18.35 ? 75  ASP B CG  1 
ATOM   603  O OD1 . ASP A 1 69  ? 0.221   1.567   -13.352 1.00 16.68 ? 75  ASP B OD1 1 
ATOM   604  O OD2 . ASP A 1 69  ? -1.634  2.431   -14.071 1.00 24.35 ? 75  ASP B OD2 1 
ATOM   605  N N   . VAL A 1 70  ? 0.260   -0.217  -10.789 1.00 11.27 ? 76  VAL B N   1 
ATOM   606  C CA  . VAL A 1 70  ? 1.453   -1.055  -10.532 1.00 11.86 ? 76  VAL B CA  1 
ATOM   607  C C   . VAL A 1 70  ? 2.127   -1.522  -11.831 1.00 11.32 ? 76  VAL B C   1 
ATOM   608  O O   . VAL A 1 70  ? 2.911   -2.485  -11.806 1.00 11.87 ? 76  VAL B O   1 
ATOM   609  C CB  . VAL A 1 70  ? 1.094   -2.245  -9.601  1.00 11.43 ? 76  VAL B CB  1 
ATOM   610  C CG1 . VAL A 1 70  ? 0.540   -1.752  -8.243  1.00 11.15 ? 76  VAL B CG1 1 
ATOM   611  C CG2 . VAL A 1 70  ? 0.139   -3.227  -10.222 1.00 12.10 ? 76  VAL B CG2 1 
ATOM   612  N N   . THR A 1 71  ? 1.799   -0.892  -12.950 1.00 11.97 ? 77  THR B N   1 
ATOM   613  C CA  . THR A 1 71  ? 2.300   -1.286  -14.277 1.00 12.95 ? 77  THR B CA  1 
ATOM   614  C C   . THR A 1 71  ? 3.818   -1.509  -14.251 1.00 13.32 ? 77  THR B C   1 
ATOM   615  O O   . THR A 1 71  ? 4.585   -0.620  -13.825 1.00 13.54 ? 77  THR B O   1 
ATOM   616  C CB  . THR A 1 71  ? 1.925   -0.242  -15.328 1.00 13.80 ? 77  THR B CB  1 
ATOM   617  O OG1 . THR A 1 71  ? 0.504   -0.139  -15.410 1.00 15.85 ? 77  THR B OG1 1 
ATOM   618  C CG2 . THR A 1 71  ? 2.495   -0.677  -16.659 1.00 15.21 ? 77  THR B CG2 1 
ATOM   619  N N   . GLN A 1 72  ? 4.247   -2.677  -14.744 0.78 14.61 ? 78  GLN B N   1 
ATOM   620  C CA  . GLN A 1 72  ? 5.658   -3.093  -14.977 0.78 15.22 ? 78  GLN B CA  1 
ATOM   621  C C   . GLN A 1 72  ? 6.503   -3.155  -13.705 0.78 15.53 ? 78  GLN B C   1 
ATOM   622  O O   . GLN A 1 72  ? 7.745   -3.147  -13.794 0.78 15.82 ? 78  GLN B O   1 
ATOM   623  C CB  . GLN A 1 72  ? 6.278   -2.176  -16.017 0.78 17.96 ? 78  GLN B CB  1 
ATOM   624  C CG  . GLN A 1 72  ? 5.849   -2.626  -17.405 0.78 19.40 ? 78  GLN B CG  1 
ATOM   625  C CD  . GLN A 1 72  ? 6.331   -4.023  -17.734 0.78 19.71 ? 78  GLN B CD  1 
ATOM   626  O OE1 . GLN A 1 72  ? 5.558   -4.980  -17.829 0.78 23.40 ? 78  GLN B OE1 1 
ATOM   627  N NE2 . GLN A 1 72  ? 7.629   -4.162  -17.855 0.78 20.61 ? 78  GLN B NE2 1 
ATOM   628  N N   . LYS A 1 73  ? 5.874   -3.250  -12.542 1.00 12.96 ? 79  LYS B N   1 
ATOM   629  C CA  . LYS A 1 73  ? 6.638   -3.520  -11.321 1.00 12.18 ? 79  LYS B CA  1 
ATOM   630  C C   . LYS A 1 73  ? 6.772   -5.026  -11.077 1.00 11.44 ? 79  LYS B C   1 
ATOM   631  O O   . LYS A 1 73  ? 5.792   -5.790  -11.355 1.00 13.75 ? 79  LYS B O   1 
ATOM   632  C CB  . LYS A 1 73  ? 5.980   -2.831  -10.137 1.00 12.74 ? 79  LYS B CB  1 
ATOM   633  C CG  . LYS A 1 73  ? 6.034   -1.311  -10.253 1.00 12.53 ? 79  LYS B CG  1 
ATOM   634  C CD  . LYS A 1 73  ? 5.697   -0.575  -8.976  1.00 12.82 ? 79  LYS B CD  1 
ATOM   635  C CE  . LYS A 1 73  ? 6.672   -0.816  -7.844  1.00 12.27 ? 79  LYS B CE  1 
ATOM   636  N NZ  . LYS A 1 73  ? 8.096   -0.508  -8.208  1.00 11.97 ? 79  LYS B NZ  1 
ATOM   637  N N   . GLU A 1 74  ? 7.915   -5.442  -10.584 1.00 10.72 ? 80  GLU B N   1 
ATOM   638  C CA  . GLU A 1 74  ? 8.197   -6.848  -10.238 1.00 11.99 ? 80  GLU B CA  1 
ATOM   639  C C   . GLU A 1 74  ? 7.910   -7.099  -8.759  1.00 12.22 ? 80  GLU B C   1 
ATOM   640  O O   . GLU A 1 74  ? 7.818   -8.253  -8.334  1.00 12.51 ? 80  GLU B O   1 
ATOM   641  C CB  . GLU A 1 74  ? 9.701   -7.152  -10.471 1.00 13.84 ? 80  GLU B CB  1 
ATOM   642  C CG  . GLU A 1 74  ? 10.111  -7.080  -11.913 1.00 14.67 ? 80  GLU B CG  1 
ATOM   643  C CD  . GLU A 1 74  ? 11.634  -7.276  -12.057 1.00 15.44 ? 80  GLU B CD  1 
ATOM   644  O OE1 . GLU A 1 74  ? 12.055  -7.566  -13.204 1.00 20.18 ? 80  GLU B OE1 1 
ATOM   645  O OE2 . GLU A 1 74  ? 12.364  -7.208  -11.023 1.00 18.05 ? 80  GLU B OE2 1 
ATOM   646  N N   . ALA A 1 75  ? 7.831   -6.061  -7.940  1.00 11.36 ? 81  ALA B N   1 
ATOM   647  C CA  . ALA A 1 75  ? 7.680   -6.235  -6.483  1.00 11.12 ? 81  ALA B CA  1 
ATOM   648  C C   . ALA A 1 75  ? 7.015   -4.981  -5.944  1.00 11.60 ? 81  ALA B C   1 
ATOM   649  O O   . ALA A 1 75  ? 7.401   -3.859  -6.345  1.00 11.69 ? 81  ALA B O   1 
ATOM   650  C CB  . ALA A 1 75  ? 8.989   -6.488  -5.762  1.00 11.54 ? 81  ALA B CB  1 
ATOM   651  N N   . TRP A 1 76  ? 6.111   -5.140  -4.984  1.00 10.62 ? 82  TRP B N   1 
ATOM   652  C CA  . TRP A 1 76  ? 5.414   -4.010  -4.298  1.00 10.68 ? 82  TRP B CA  1 
ATOM   653  C C   . TRP A 1 76  ? 4.548   -4.578  -3.205  1.00 10.95 ? 82  TRP B C   1 
ATOM   654  O O   . TRP A 1 76  ? 4.216   -5.780  -3.247  1.00 10.85 ? 82  TRP B O   1 
ATOM   655  C CB  . TRP A 1 76  ? 4.558   -3.214  -5.282  1.00 11.27 ? 82  TRP B CB  1 
ATOM   656  C CG  . TRP A 1 76  ? 3.603   -3.971  -6.168  1.00 10.87 ? 82  TRP B CG  1 
ATOM   657  C CD1 . TRP A 1 76  ? 3.802   -4.313  -7.474  1.00 12.96 ? 82  TRP B CD1 1 
ATOM   658  C CD2 . TRP A 1 76  ? 2.317   -4.559  -5.842  1.00 11.36 ? 82  TRP B CD2 1 
ATOM   659  N NE1 . TRP A 1 76  ? 2.750   -4.992  -7.996  1.00 12.55 ? 82  TRP B NE1 1 
ATOM   660  C CE2 . TRP A 1 76  ? 1.835   -5.198  -6.984  1.00 12.37 ? 82  TRP B CE2 1 
ATOM   661  C CE3 . TRP A 1 76  ? 1.534   -4.589  -4.669  1.00 11.79 ? 82  TRP B CE3 1 
ATOM   662  C CZ2 . TRP A 1 76  ? 0.613   -5.839  -7.055  1.00 12.14 ? 82  TRP B CZ2 1 
ATOM   663  C CZ3 . TRP A 1 76  ? 0.325   -5.267  -4.709  1.00 11.68 ? 82  TRP B CZ3 1 
ATOM   664  C CH2 . TRP A 1 76  ? -0.136  -5.861  -5.902  1.00 12.89 ? 82  TRP B CH2 1 
ATOM   665  N N   . ASP A 1 77  ? 4.212   -3.747  -2.214  1.00 10.54 ? 83  ASP B N   1 
ATOM   666  C CA  . ASP A 1 77  ? 3.183   -4.067  -1.176  1.00 10.54 ? 83  ASP B CA  1 
ATOM   667  C C   . ASP A 1 77  ? 2.163   -2.916  -1.201  1.00 9.79  ? 83  ASP B C   1 
ATOM   668  O O   . ASP A 1 77  ? 2.580   -1.747  -1.341  1.00 10.80 ? 83  ASP B O   1 
ATOM   669  C CB  . ASP A 1 77  ? 3.748   -4.223  0.227   1.00 12.43 ? 83  ASP B CB  1 
ATOM   670  C CG  . ASP A 1 77  ? 5.059   -4.951  0.427   1.00 15.20 ? 83  ASP B CG  1 
ATOM   671  O OD1 . ASP A 1 77  ? 5.277   -5.908  -0.264  1.00 19.29 ? 83  ASP B OD1 1 
ATOM   672  O OD2 . ASP A 1 77  ? 5.851   -4.504  1.299   1.00 17.25 ? 83  ASP B OD2 1 
ATOM   673  N N   . LEU A 1 78  ? 0.877   -3.209  -1.045  1.00 8.86  ? 84  LEU B N   1 
ATOM   674  C CA  . LEU A 1 78  ? -0.169  -2.171  -0.969  1.00 9.54  ? 84  LEU B CA  1 
ATOM   675  C C   . LEU A 1 78  ? -1.186  -2.556  0.102   1.00 9.80  ? 84  LEU B C   1 
ATOM   676  O O   . LEU A 1 78  ? -1.536  -3.746  0.254   1.00 9.42  ? 84  LEU B O   1 
ATOM   677  C CB  . LEU A 1 78  ? -0.908  -2.046  -2.300  1.00 10.15 ? 84  LEU B CB  1 
ATOM   678  C CG  . LEU A 1 78  ? -0.158  -1.458  -3.478  1.00 11.58 ? 84  LEU B CG  1 
ATOM   679  C CD1 . LEU A 1 78  ? -1.015  -1.613  -4.719  1.00 11.90 ? 84  LEU B CD1 1 
ATOM   680  C CD2 . LEU A 1 78  ? 0.160   -0.003  -3.222  1.00 12.37 ? 84  LEU B CD2 1 
ATOM   681  N N   . GLY A 1 79  ? -1.757  -1.545  0.707   1.00 9.50  ? 85  GLY B N   1 
ATOM   682  C CA  . GLY A 1 79  ? -2.944  -1.749  1.553   1.00 10.41 ? 85  GLY B CA  1 
ATOM   683  C C   . GLY A 1 79  ? -3.153  -0.571  2.488   1.00 9.54  ? 85  GLY B C   1 
ATOM   684  O O   . GLY A 1 79  ? -3.055  0.578   2.062   1.00 9.61  ? 85  GLY B O   1 
ATOM   685  N N   A VAL A 1 80  ? -3.468  -0.874  3.752   0.25 9.45  ? 86  VAL B N   1 
ATOM   686  N N   B VAL A 1 80  ? -3.377  -0.857  3.764   0.25 9.80  ? 86  VAL B N   1 
ATOM   687  C CA  A VAL A 1 80  ? -3.621  0.116   4.857   0.25 9.78  ? 86  VAL B CA  1 
ATOM   688  C CA  B VAL A 1 80  ? -3.651  0.171   4.801   0.25 10.40 ? 86  VAL B CA  1 
ATOM   689  C C   A VAL A 1 80  ? -2.821  -0.346  6.067   0.25 10.10 ? 86  VAL B C   1 
ATOM   690  C C   B VAL A 1 80  ? -3.005  -0.323  6.098   0.25 10.41 ? 86  VAL B C   1 
ATOM   691  O O   A VAL A 1 80  ? -2.492  -1.556  6.205   0.25 10.40 ? 86  VAL B O   1 
ATOM   692  O O   B VAL A 1 80  ? -2.886  -1.545  6.278   0.25 10.61 ? 86  VAL B O   1 
ATOM   693  C CB  A VAL A 1 80  ? -5.083  0.336   5.290   0.25 9.92  ? 86  VAL B CB  1 
ATOM   694  C CB  B VAL A 1 80  ? -5.172  0.400   4.913   0.25 11.20 ? 86  VAL B CB  1 
ATOM   695  C CG1 A VAL A 1 80  ? -5.836  1.152   4.266   0.25 9.94  ? 86  VAL B CG1 1 
ATOM   696  C CG1 B VAL A 1 80  ? -5.857  -0.763  5.604   0.25 11.37 ? 86  VAL B CG1 1 
ATOM   697  C CG2 A VAL A 1 80  ? -5.796  -0.978  5.552   0.25 10.07 ? 86  VAL B CG2 1 
ATOM   698  C CG2 B VAL A 1 80  ? -5.532  1.705   5.587   0.25 11.78 ? 86  VAL B CG2 1 
ATOM   699  N N   . CYS A 1 81  ? -2.564  0.592   6.963   1.00 10.28 ? 87  CYS B N   1 
ATOM   700  C CA  . CYS A 1 81  ? -1.942  0.236   8.240   1.00 10.62 ? 87  CYS B CA  1 
ATOM   701  C C   . CYS A 1 81  ? -2.383  1.189   9.330   1.00 10.61 ? 87  CYS B C   1 
ATOM   702  O O   . CYS A 1 81  ? -2.895  2.305   9.057   1.00 11.41 ? 87  CYS B O   1 
ATOM   703  C CB  . CYS A 1 81  ? -0.421  0.226   8.109   1.00 11.17 ? 87  CYS B CB  1 
ATOM   704  S SG  . CYS A 1 81  ? 0.346   1.842   7.790   1.00 12.62 ? 87  CYS B SG  1 
ATOM   705  N N   A ARG A 1 82  ? -2.159  0.781   10.569  0.25 11.23 ? 88  ARG B N   1 
ATOM   706  N N   B ARG A 1 82  ? -2.158  0.782   10.568  0.25 10.45 ? 88  ARG B N   1 
ATOM   707  C CA  A ARG A 1 82  ? -2.388  1.684   11.720  0.25 12.16 ? 88  ARG B CA  1 
ATOM   708  C CA  B ARG A 1 82  ? -2.444  1.646   11.738  0.25 10.81 ? 88  ARG B CA  1 
ATOM   709  C C   A ARG A 1 82  ? -1.464  2.895   11.601  0.25 11.78 ? 88  ARG B C   1 
ATOM   710  C C   B ARG A 1 82  ? -1.451  2.826   11.739  0.25 11.14 ? 88  ARG B C   1 
ATOM   711  O O   A ARG A 1 82  ? -0.339  2.775   11.099  0.25 11.87 ? 88  ARG B O   1 
ATOM   712  O O   B ARG A 1 82  ? -0.244  2.603   11.445  0.25 11.34 ? 88  ARG B O   1 
ATOM   713  C CB  A ARG A 1 82  ? -2.095  0.978   13.041  0.25 13.51 ? 88  ARG B CB  1 
ATOM   714  C CB  B ARG A 1 82  ? -2.363  0.781   13.000  0.25 10.96 ? 88  ARG B CB  1 
ATOM   715  C CG  A ARG A 1 82  ? -3.005  -0.206  13.284  0.25 14.64 ? 88  ARG B CG  1 
ATOM   716  C CG  B ARG A 1 82  ? -2.948  1.444   14.234  0.25 10.85 ? 88  ARG B CG  1 
ATOM   717  C CD  A ARG A 1 82  ? -2.749  -0.838  14.635  0.25 16.08 ? 88  ARG B CD  1 
ATOM   718  C CD  B ARG A 1 82  ? -2.752  0.611   15.478  0.25 10.83 ? 88  ARG B CD  1 
ATOM   719  N NE  A ARG A 1 82  ? -3.614  -1.993  14.811  0.25 15.78 ? 88  ARG B NE  1 
ATOM   720  N NE  B ARG A 1 82  ? -3.384  -0.677  15.343  0.25 10.86 ? 88  ARG B NE  1 
ATOM   721  C CZ  A ARG A 1 82  ? -3.221  -3.110  15.383  0.25 15.72 ? 88  ARG B CZ  1 
ATOM   722  C CZ  B ARG A 1 82  ? -2.774  -1.859  15.473  0.25 10.65 ? 88  ARG B CZ  1 
ATOM   723  N NH1 A ARG A 1 82  ? -1.978  -3.228  15.807  0.25 15.43 ? 88  ARG B NH1 1 
ATOM   724  N NH1 B ARG A 1 82  ? -1.515  -1.937  15.828  0.25 11.66 ? 88  ARG B NH1 1 
ATOM   725  N NH2 A ARG A 1 82  ? -4.068  -4.109  15.517  0.25 16.98 ? 88  ARG B NH2 1 
ATOM   726  N NH2 B ARG A 1 82  ? -3.456  -2.969  15.275  0.25 10.62 ? 88  ARG B NH2 1 
ATOM   727  N N   . ASP A 1 83  ? -1.905  4.033   12.107  1.00 12.40 ? 89  ASP B N   1 
ATOM   728  C CA  . ASP A 1 83  ? -1.026  5.216   12.138  1.00 13.73 ? 89  ASP B CA  1 
ATOM   729  C C   . ASP A 1 83  ? 0.179   4.911   13.024  1.00 14.70 ? 89  ASP B C   1 
ATOM   730  O O   . ASP A 1 83  ? 1.232   5.536   12.797  1.00 18.13 ? 89  ASP B O   1 
ATOM   731  C CB  . ASP A 1 83  ? -1.835  6.404   12.648  1.00 15.29 ? 89  ASP B CB  1 
ATOM   732  C CG  . ASP A 1 83  ? -2.394  6.334   14.042  1.00 18.44 ? 89  ASP B CG  1 
ATOM   733  O OD1 . ASP A 1 83  ? -2.382  5.249   14.693  1.00 20.82 ? 89  ASP B OD1 1 
ATOM   734  O OD2 . ASP A 1 83  ? -2.876  7.438   14.481  1.00 21.83 ? 89  ASP B OD2 1 
ATOM   735  N N   . SER A 1 84  ? 0.079   4.036   14.019  1.00 12.95 ? 90  SER B N   1 
ATOM   736  C CA  . SER A 1 84  ? 1.127   3.783   15.042  1.00 14.44 ? 90  SER B CA  1 
ATOM   737  C C   . SER A 1 84  ? 2.058   2.609   14.673  1.00 13.87 ? 90  SER B C   1 
ATOM   738  O O   . SER A 1 84  ? 2.789   2.140   15.551  1.00 14.87 ? 90  SER B O   1 
ATOM   739  C CB  . SER A 1 84  ? 0.478   3.576   16.387  1.00 15.18 ? 90  SER B CB  1 
ATOM   740  O OG  . SER A 1 84  ? -0.445  2.563   16.358  1.00 17.05 ? 90  SER B OG  1 
ATOM   741  N N   . VAL A 1 85  ? 2.048   2.106   13.435  1.00 13.09 ? 91  VAL B N   1 
ATOM   742  C CA  . VAL A 1 85  ? 2.980   1.007   13.074  1.00 12.96 ? 91  VAL B CA  1 
ATOM   743  C C   . VAL A 1 85  ? 4.432   1.429   13.334  1.00 12.04 ? 91  VAL B C   1 
ATOM   744  O O   . VAL A 1 85  ? 4.796   2.595   13.136  1.00 13.33 ? 91  VAL B O   1 
ATOM   745  C CB  . VAL A 1 85  ? 2.794   0.492   11.637  1.00 12.70 ? 91  VAL B CB  1 
ATOM   746  C CG1 . VAL A 1 85  ? 1.452   -0.175  11.484  1.00 12.59 ? 91  VAL B CG1 1 
ATOM   747  C CG2 . VAL A 1 85  ? 3.015   1.525   10.562  1.00 12.76 ? 91  VAL B CG2 1 
ATOM   748  N N   . GLN A 1 86  ? 5.212   0.418   13.659  1.00 14.29 ? 92  GLN B N   1 
ATOM   749  C CA  . GLN A 1 86  ? 6.694   0.529   13.755  1.00 16.56 ? 92  GLN B CA  1 
ATOM   750  C C   . GLN A 1 86  ? 7.278   1.089   12.453  1.00 14.90 ? 92  GLN B C   1 
ATOM   751  O O   . GLN A 1 86  ? 6.875   0.664   11.383  1.00 15.70 ? 92  GLN B O   1 
ATOM   752  C CB  . GLN A 1 86  ? 7.224   -0.868  14.096  1.00 18.33 ? 92  GLN B CB  1 
ATOM   753  C CG  . GLN A 1 86  ? 8.736   -1.046  14.087  1.00 21.04 ? 92  GLN B CG  1 
ATOM   754  C CD  . GLN A 1 86  ? 9.141   -2.493  14.282  1.00 24.17 ? 92  GLN B CD  1 
ATOM   755  O OE1 . GLN A 1 86  ? 8.316   -3.396  14.562  1.00 26.37 ? 92  GLN B OE1 1 
ATOM   756  N NE2 . GLN A 1 86  ? 10.436  -2.759  14.103  1.00 25.22 ? 92  GLN B NE2 1 
ATOM   757  N N   . ARG A 1 87  ? 8.234   2.012   12.567  1.00 13.48 ? 93  ARG B N   1 
ATOM   758  C CA  . ARG A 1 87  ? 8.880   2.665   11.386  1.00 13.42 ? 93  ARG B CA  1 
ATOM   759  C C   . ARG A 1 87  ? 10.321  2.161   11.239  1.00 13.96 ? 93  ARG B C   1 
ATOM   760  O O   . ARG A 1 87  ? 10.796  2.142   10.099  1.00 14.33 ? 93  ARG B O   1 
ATOM   761  C CB  . ARG A 1 87  ? 8.873   4.185   11.422  1.00 14.07 ? 93  ARG B CB  1 
ATOM   762  C CG  . ARG A 1 87  ? 7.515   4.808   11.749  1.00 13.41 ? 93  ARG B CG  1 
ATOM   763  C CD  . ARG A 1 87  ? 6.455   4.383   10.716  1.00 14.27 ? 93  ARG B CD  1 
ATOM   764  N NE  . ARG A 1 87  ? 5.131   4.877   11.126  1.00 15.42 ? 93  ARG B NE  1 
ATOM   765  C CZ  . ARG A 1 87  ? 4.668   6.104   10.933  1.00 14.45 ? 93  ARG B CZ  1 
ATOM   766  N NH1 . ARG A 1 87  ? 5.365   7.022   10.293  1.00 15.46 ? 93  ARG B NH1 1 
ATOM   767  N NH2 . ARG A 1 87  ? 3.486   6.436   11.411  1.00 16.20 ? 93  ARG B NH2 1 
ATOM   768  N N   . LYS A 1 88  ? 10.975  1.780   12.348  1.00 14.09 ? 94  LYS B N   1 
ATOM   769  C CA  . LYS A 1 88  ? 12.431  1.519   12.337  1.00 14.07 ? 94  LYS B CA  1 
ATOM   770  C C   . LYS A 1 88  ? 12.696  0.035   12.498  1.00 15.71 ? 94  LYS B C   1 
ATOM   771  O O   . LYS A 1 88  ? 11.971  -0.631  13.246  1.00 17.67 ? 94  LYS B O   1 
ATOM   772  C CB  . LYS A 1 88  ? 13.087  2.338   13.452  1.00 15.54 ? 94  LYS B CB  1 
ATOM   773  C CG  . LYS A 1 88  ? 12.798  3.821   13.430  1.00 15.55 ? 94  LYS B CG  1 
ATOM   774  C CD  . LYS A 1 88  ? 13.112  4.505   12.111  1.00 16.37 ? 94  LYS B CD  1 
ATOM   775  C CE  . LYS A 1 88  ? 12.999  5.990   12.275  1.00 16.16 ? 94  LYS B CE  1 
ATOM   776  N NZ  . LYS A 1 88  ? 13.143  6.734   11.003  1.00 18.94 ? 94  LYS B NZ  1 
ATOM   777  N N   . GLY A 1 89  ? 13.738  -0.445  11.865  1.00 14.78 ? 95  GLY B N   1 
ATOM   778  C CA  . GLY A 1 89  ? 14.143  -1.836  12.034  1.00 15.81 ? 95  GLY B CA  1 
ATOM   779  C C   . GLY A 1 89  ? 13.325  -2.821  11.234  1.00 16.22 ? 95  GLY B C   1 
ATOM   780  O O   . GLY A 1 89  ? 12.547  -2.379  10.319  1.00 17.86 ? 95  GLY B O   1 
ATOM   781  N N   . GLN A 1 90  ? 13.550  -4.101  11.468  1.00 17.78 ? 96  GLN B N   1 
ATOM   782  C CA  . GLN A 1 90  ? 12.902  -5.180  10.714  1.00 19.98 ? 96  GLN B CA  1 
ATOM   783  C C   . GLN A 1 90  ? 11.538  -5.513  11.310  1.00 17.95 ? 96  GLN B C   1 
ATOM   784  O O   . GLN A 1 90  ? 11.344  -5.463  12.545  1.00 18.55 ? 96  GLN B O   1 
ATOM   785  C CB  . GLN A 1 90  ? 13.777  -6.443  10.680  1.00 22.09 ? 96  GLN B CB  1 
ATOM   786  C CG  . GLN A 1 90  ? 15.128  -6.245  10.023  1.00 26.99 ? 96  GLN B CG  1 
ATOM   787  C CD  . GLN A 1 90  ? 16.124  -7.229  10.586  1.00 36.51 ? 96  GLN B CD  1 
ATOM   788  O OE1 . GLN A 1 90  ? 15.915  -8.449  10.532  1.00 36.90 ? 96  GLN B OE1 1 
ATOM   789  N NE2 . GLN A 1 90  ? 17.201  -6.705  11.162  1.00 35.77 ? 96  GLN B NE2 1 
ATOM   790  N N   . PHE A 1 91  ? 10.588  -5.849  10.439  1.00 15.31 ? 97  PHE B N   1 
ATOM   791  C CA  . PHE A 1 91  ? 9.247   -6.311  10.863  1.00 15.81 ? 97  PHE B CA  1 
ATOM   792  C C   . PHE A 1 91  ? 8.558   -6.998  9.697   1.00 16.14 ? 97  PHE B C   1 
ATOM   793  O O   . PHE A 1 91  ? 8.924   -6.803  8.534   1.00 16.83 ? 97  PHE B O   1 
ATOM   794  C CB  . PHE A 1 91  ? 8.419   -5.122  11.376  1.00 16.09 ? 97  PHE B CB  1 
ATOM   795  C CG  . PHE A 1 91  ? 8.240   -4.011  10.375  1.00 15.12 ? 97  PHE B CG  1 
ATOM   796  C CD1 . PHE A 1 91  ? 7.229   -4.064  9.420   1.00 16.26 ? 97  PHE B CD1 1 
ATOM   797  C CD2 . PHE A 1 91  ? 9.071   -2.911  10.389  1.00 15.76 ? 97  PHE B CD2 1 
ATOM   798  C CE1 . PHE A 1 91  ? 7.065   -3.031  8.502   1.00 14.59 ? 97  PHE B CE1 1 
ATOM   799  C CE2 . PHE A 1 91  ? 8.868   -1.856  9.512   1.00 15.40 ? 97  PHE B CE2 1 
ATOM   800  C CZ  . PHE A 1 91  ? 7.880   -1.924  8.580   1.00 15.16 ? 97  PHE B CZ  1 
ATOM   801  N N   A SER A 1 92  ? 7.583   -7.854  10.001  0.25 16.55 ? 98  SER B N   1 
ATOM   802  N N   B SER A 1 92  ? 7.560   -7.819  10.032  0.25 16.06 ? 98  SER B N   1 
ATOM   803  C CA  A SER A 1 92  ? 6.735   -8.515  8.981   0.25 16.87 ? 98  SER B CA  1 
ATOM   804  C CA  B SER A 1 92  ? 6.686   -8.537  9.076   0.25 16.10 ? 98  SER B CA  1 
ATOM   805  C C   A SER A 1 92  ? 5.440   -7.725  8.812   0.25 15.54 ? 98  SER B C   1 
ATOM   806  C C   B SER A 1 92  ? 5.414   -7.723  8.830   0.25 15.08 ? 98  SER B C   1 
ATOM   807  O O   A SER A 1 92  ? 4.974   -7.081  9.788   0.25 15.64 ? 98  SER B O   1 
ATOM   808  O O   B SER A 1 92  ? 4.931   -7.055  9.781   0.25 15.12 ? 98  SER B O   1 
ATOM   809  C CB  A SER A 1 92  ? 6.435   -9.938  9.344   0.25 19.01 ? 98  SER B CB  1 
ATOM   810  C CB  B SER A 1 92  ? 6.345   -9.913  9.585   0.25 17.41 ? 98  SER B CB  1 
ATOM   811  O OG  A SER A 1 92  ? 6.262   -10.043 10.743  0.25 21.42 ? 98  SER B OG  1 
ATOM   812  O OG  B SER A 1 92  ? 7.500   -10.743 9.573   0.25 18.68 ? 98  SER B OG  1 
ATOM   813  N N   . LEU A 1 93  ? 4.889   -7.784  7.604   1.00 14.83 ? 99  LEU B N   1 
ATOM   814  C CA  . LEU A 1 93  ? 3.567   -7.211  7.307   1.00 15.24 ? 99  LEU B CA  1 
ATOM   815  C C   . LEU A 1 93  ? 2.504   -8.214  7.726   1.00 15.08 ? 99  LEU B C   1 
ATOM   816  O O   . LEU A 1 93  ? 2.285   -9.226  7.071   1.00 17.22 ? 99  LEU B O   1 
ATOM   817  C CB  . LEU A 1 93  ? 3.456   -6.859  5.836   1.00 15.52 ? 99  LEU B CB  1 
ATOM   818  C CG  . LEU A 1 93  ? 4.425   -5.816  5.308   1.00 17.71 ? 99  LEU B CG  1 
ATOM   819  C CD1 . LEU A 1 93  ? 4.212   -5.644  3.814   1.00 17.91 ? 99  LEU B CD1 1 
ATOM   820  C CD2 . LEU A 1 93  ? 4.280   -4.477  6.005   1.00 17.91 ? 99  LEU B CD2 1 
ATOM   821  N N   . SER A 1 94  ? 1.796   -7.943  8.822   1.00 14.09 ? 100 SER B N   1 
ATOM   822  C CA  . SER A 1 94  ? 0.727   -8.823  9.320   1.00 14.41 ? 100 SER B CA  1 
ATOM   823  C C   . SER A 1 94  ? -0.263  -7.982  10.111  1.00 12.59 ? 100 SER B C   1 
ATOM   824  O O   . SER A 1 94  ? 0.087   -6.912  10.616  1.00 12.99 ? 100 SER B O   1 
ATOM   825  C CB  . SER A 1 94  ? 1.276   -9.899  10.242  1.00 16.60 ? 100 SER B CB  1 
ATOM   826  O OG  . SER A 1 94  ? 1.799   -9.281  11.418  1.00 19.19 ? 100 SER B OG  1 
ATOM   827  N N   . PRO A 1 95  ? -1.502  -8.449  10.235  1.00 12.88 ? 101 PRO B N   1 
ATOM   828  C CA  . PRO A 1 95  ? -2.472  -7.758  11.076  1.00 13.52 ? 101 PRO B CA  1 
ATOM   829  C C   . PRO A 1 95  ? -2.004  -7.605  12.522  1.00 13.32 ? 101 PRO B C   1 
ATOM   830  O O   . PRO A 1 95  ? -2.281  -6.560  13.118  1.00 13.84 ? 101 PRO B O   1 
ATOM   831  C CB  . PRO A 1 95  ? -3.748  -8.610  10.953  1.00 15.09 ? 101 PRO B CB  1 
ATOM   832  C CG  . PRO A 1 95  ? -3.599  -9.229  9.570   1.00 14.80 ? 101 PRO B CG  1 
ATOM   833  C CD  . PRO A 1 95  ? -2.119  -9.555  9.491   1.00 14.50 ? 101 PRO B CD  1 
ATOM   834  N N   . GLU A 1 96  ? -1.279  -8.585  13.040  1.00 14.70 ? 102 GLU B N   1 
ATOM   835  C CA  . GLU A 1 96  ? -0.719  -8.496  14.430  1.00 17.61 ? 102 GLU B CA  1 
ATOM   836  C C   . GLU A 1 96  ? 0.166   -7.256  14.575  1.00 18.27 ? 102 GLU B C   1 
ATOM   837  O O   . GLU A 1 96  ? 0.188   -6.635  15.650  1.00 19.56 ? 102 GLU B O   1 
ATOM   838  C CB  . GLU A 1 96  ? -0.014  -9.805  14.780  1.00 21.47 ? 102 GLU B CB  1 
ATOM   839  C CG  . GLU A 1 96  ? -0.901  -11.002 14.538  1.00 30.28 ? 102 GLU B CG  1 
ATOM   840  C CD  . GLU A 1 96  ? -0.686  -11.790 13.240  1.00 37.88 ? 102 GLU B CD  1 
ATOM   841  O OE1 . GLU A 1 96  ? -1.399  -11.516 12.216  1.00 24.88 ? 102 GLU B OE1 1 
ATOM   842  O OE2 . GLU A 1 96  ? 0.154   -12.756 13.277  1.00 47.19 ? 102 GLU B OE2 1 
ATOM   843  N N   . ASN A 1 97  ? 0.895   -6.879  13.529  1.00 15.33 ? 103 ASN B N   1 
ATOM   844  C CA  . ASN A 1 97  ? 1.774   -5.696  13.519  1.00 13.75 ? 103 ASN B CA  1 
ATOM   845  C C   . ASN A 1 97  ? 1.049   -4.459  12.977  1.00 13.29 ? 103 ASN B C   1 
ATOM   846  O O   . ASN A 1 97  ? 1.688   -3.405  12.913  1.00 14.55 ? 103 ASN B O   1 
ATOM   847  C CB  . ASN A 1 97  ? 3.042   -5.957  12.689  1.00 15.47 ? 103 ASN B CB  1 
ATOM   848  C CG  . ASN A 1 97  ? 4.005   -6.898  13.372  1.00 18.56 ? 103 ASN B CG  1 
ATOM   849  O OD1 . ASN A 1 97  ? 3.942   -7.071  14.604  1.00 21.03 ? 103 ASN B OD1 1 
ATOM   850  N ND2 . ASN A 1 97  ? 4.897   -7.520  12.604  1.00 20.08 ? 103 ASN B ND2 1 
ATOM   851  N N   . GLY A 1 98  ? -0.251  -4.517  12.696  1.00 12.03 ? 104 GLY B N   1 
ATOM   852  C CA  . GLY A 1 98  ? -0.991  -3.317  12.275  1.00 11.69 ? 104 GLY B CA  1 
ATOM   853  C C   . GLY A 1 98  ? -1.042  -3.085  10.766  1.00 10.98 ? 104 GLY B C   1 
ATOM   854  O O   . GLY A 1 98  ? -1.257  -1.946  10.359  1.00 11.35 ? 104 GLY B O   1 
ATOM   855  N N   . PHE A 1 99  ? -0.853  -4.130  9.947   1.00 11.96 ? 105 PHE B N   1 
ATOM   856  C CA  . PHE A 1 99  ? -0.893  -3.984  8.465   1.00 10.83 ? 105 PHE B CA  1 
ATOM   857  C C   . PHE A 1 99  ? -1.933  -4.889  7.827   1.00 10.72 ? 105 PHE B C   1 
ATOM   858  O O   . PHE A 1 99  ? -1.948  -6.094  8.201   1.00 11.69 ? 105 PHE B O   1 
ATOM   859  C CB  . PHE A 1 99  ? 0.467   -4.342  7.839   1.00 11.14 ? 105 PHE B CB  1 
ATOM   860  C CG  . PHE A 1 99  ? 1.627   -3.485  8.287   1.00 11.01 ? 105 PHE B CG  1 
ATOM   861  C CD1 . PHE A 1 99  ? 2.356   -3.817  9.430   1.00 11.12 ? 105 PHE B CD1 1 
ATOM   862  C CD2 . PHE A 1 99  ? 1.970   -2.340  7.596   1.00 11.37 ? 105 PHE B CD2 1 
ATOM   863  C CE1 . PHE A 1 99  ? 3.409   -3.024  9.857   1.00 12.23 ? 105 PHE B CE1 1 
ATOM   864  C CE2 . PHE A 1 99  ? 3.063   -1.590  7.983   1.00 11.83 ? 105 PHE B CE2 1 
ATOM   865  C CZ  . PHE A 1 99  ? 3.767   -1.926  9.112   1.00 11.63 ? 105 PHE B CZ  1 
ATOM   866  N N   . TRP A 1 100 ? -2.667  -4.399  6.838   1.00 10.44 ? 106 TRP B N   1 
ATOM   867  C CA  . TRP A 1 100 ? -3.639  -5.173  6.030   1.00 9.96  ? 106 TRP B CA  1 
ATOM   868  C C   . TRP A 1 100 ? -3.281  -4.968  4.558   1.00 9.00  ? 106 TRP B C   1 
ATOM   869  O O   . TRP A 1 100 ? -3.611  -3.892  3.999   1.00 9.59  ? 106 TRP B O   1 
ATOM   870  C CB  . TRP A 1 100 ? -5.087  -4.783  6.371   1.00 10.13 ? 106 TRP B CB  1 
ATOM   871  C CG  . TRP A 1 100 ? -5.416  -5.112  7.807   1.00 10.12 ? 106 TRP B CG  1 
ATOM   872  C CD1 . TRP A 1 100 ? -6.026  -6.252  8.274   1.00 11.20 ? 106 TRP B CD1 1 
ATOM   873  C CD2 . TRP A 1 100 ? -5.182  -4.278  8.968   1.00 10.85 ? 106 TRP B CD2 1 
ATOM   874  N NE1 . TRP A 1 100 ? -6.096  -6.197  9.671   1.00 11.86 ? 106 TRP B NE1 1 
ATOM   875  C CE2 . TRP A 1 100 ? -5.617  -4.988  10.092  1.00 11.79 ? 106 TRP B CE2 1 
ATOM   876  C CE3 . TRP A 1 100 ? -4.650  -3.005  9.115   1.00 11.00 ? 106 TRP B CE3 1 
ATOM   877  C CZ2 . TRP A 1 100 ? -5.473  -4.466  11.385  1.00 12.29 ? 106 TRP B CZ2 1 
ATOM   878  C CZ3 . TRP A 1 100 ? -4.529  -2.490  10.387  1.00 12.22 ? 106 TRP B CZ3 1 
ATOM   879  C CH2 . TRP A 1 100 ? -4.912  -3.224  11.487  1.00 12.26 ? 106 TRP B CH2 1 
ATOM   880  N N   . THR A 1 101 ? -2.465  -5.888  4.017   1.00 9.99  ? 107 THR B N   1 
ATOM   881  C CA  . THR A 1 101 ? -1.753  -5.672  2.744   1.00 10.17 ? 107 THR B CA  1 
ATOM   882  C C   . THR A 1 101 ? -1.793  -6.925  1.858   1.00 10.39 ? 107 THR B C   1 
ATOM   883  O O   . THR A 1 101 ? -1.979  -8.047  2.349   1.00 9.92  ? 107 THR B O   1 
ATOM   884  C CB  . THR A 1 101 ? -0.294  -5.288  3.011   1.00 10.70 ? 107 THR B CB  1 
ATOM   885  O OG1 . THR A 1 101 ? 0.394   -6.368  3.647   1.00 11.68 ? 107 THR B OG1 1 
ATOM   886  C CG2 . THR A 1 101 ? -0.208  -4.006  3.813   1.00 11.04 ? 107 THR B CG2 1 
ATOM   887  N N   . ILE A 1 102 ? -1.537  -6.679  0.580   1.00 9.39  ? 108 ILE B N   1 
ATOM   888  C CA  . ILE A 1 102 ? -1.173  -7.753  -0.383  1.00 9.93  ? 108 ILE B CA  1 
ATOM   889  C C   . ILE A 1 102 ? 0.133   -7.328  -1.030  1.00 9.49  ? 108 ILE B C   1 
ATOM   890  O O   . ILE A 1 102 ? 0.482   -6.134  -0.994  1.00 9.79  ? 108 ILE B O   1 
ATOM   891  C CB  . ILE A 1 102 ? -2.272  -8.022  -1.410  1.00 10.39 ? 108 ILE B CB  1 
ATOM   892  C CG1 . ILE A 1 102 ? -2.496  -6.866  -2.377  1.00 10.76 ? 108 ILE B CG1 1 
ATOM   893  C CG2 . ILE A 1 102 ? -3.574  -8.403  -0.722  1.00 11.33 ? 108 ILE B CG2 1 
ATOM   894  C CD1 . ILE A 1 102 ? -3.424  -7.185  -3.540  1.00 11.94 ? 108 ILE B CD1 1 
ATOM   895  N N   . TRP A 1 103 ? 0.755   -8.272  -1.716  1.00 9.96  ? 109 TRP B N   1 
ATOM   896  C CA  . TRP A 1 103 ? 2.029   -7.979  -2.396  1.00 10.39 ? 109 TRP B CA  1 
ATOM   897  C C   . TRP A 1 103 ? 2.260   -8.873  -3.589  1.00 11.00 ? 109 TRP B C   1 
ATOM   898  O O   . TRP A 1 103 ? 1.662   -9.955  -3.734  1.00 11.05 ? 109 TRP B O   1 
ATOM   899  C CB  . TRP A 1 103 ? 3.181   -8.044  -1.446  1.00 12.66 ? 109 TRP B CB  1 
ATOM   900  C CG  . TRP A 1 103 ? 3.457   -9.368  -0.835  1.00 14.60 ? 109 TRP B CG  1 
ATOM   901  C CD1 . TRP A 1 103 ? 4.072   -10.434 -1.432  1.00 15.03 ? 109 TRP B CD1 1 
ATOM   902  C CD2 . TRP A 1 103 ? 3.374   -9.660  0.555   1.00 16.47 ? 109 TRP B CD2 1 
ATOM   903  N NE1 . TRP A 1 103 ? 4.318   -11.398 -0.511  1.00 18.89 ? 109 TRP B NE1 1 
ATOM   904  C CE2 . TRP A 1 103 ? 3.928   -10.954 0.716   1.00 17.16 ? 109 TRP B CE2 1 
ATOM   905  C CE3 . TRP A 1 103 ? 2.892   -8.957  1.660   1.00 18.51 ? 109 TRP B CE3 1 
ATOM   906  C CZ2 . TRP A 1 103 ? 3.954   -11.588 1.951   1.00 22.34 ? 109 TRP B CZ2 1 
ATOM   907  C CZ3 . TRP A 1 103 ? 2.961   -9.576  2.884   1.00 20.22 ? 109 TRP B CZ3 1 
ATOM   908  C CH2 . TRP A 1 103 ? 3.472   -10.864 3.018   1.00 19.67 ? 109 TRP B CH2 1 
ATOM   909  N N   . LEU A 1 104 ? 3.186   -8.404  -4.429  1.00 10.76 ? 110 LEU B N   1 
ATOM   910  C CA  . LEU A 1 104 ? 3.798   -9.193  -5.507  1.00 10.49 ? 110 LEU B CA  1 
ATOM   911  C C   . LEU A 1 104 ? 5.265   -9.373  -5.131  1.00 10.88 ? 110 LEU B C   1 
ATOM   912  O O   . LEU A 1 104 ? 5.936   -8.399  -4.798  1.00 11.45 ? 110 LEU B O   1 
ATOM   913  C CB  . LEU A 1 104 ? 3.677   -8.437  -6.834  1.00 10.63 ? 110 LEU B CB  1 
ATOM   914  C CG  . LEU A 1 104 ? 4.441   -9.011  -8.040  1.00 11.91 ? 110 LEU B CG  1 
ATOM   915  C CD1 . LEU A 1 104 ? 3.958   -10.404 -8.366  1.00 12.56 ? 110 LEU B CD1 1 
ATOM   916  C CD2 . LEU A 1 104 ? 4.362   -8.085  -9.249  1.00 13.63 ? 110 LEU B CD2 1 
ATOM   917  N N   . TRP A 1 105 ? 5.772   -10.594 -5.319  1.00 12.30 ? 111 TRP B N   1 
ATOM   918  C CA  . TRP A 1 105 ? 7.179   -10.947 -5.069  1.00 13.96 ? 111 TRP B CA  1 
ATOM   919  C C   . TRP A 1 105 ? 7.510   -12.203 -5.855  1.00 14.15 ? 111 TRP B C   1 
ATOM   920  O O   . TRP A 1 105 ? 6.790   -13.207 -5.682  1.00 13.73 ? 111 TRP B O   1 
ATOM   921  C CB  . TRP A 1 105 ? 7.304   -11.208 -3.575  1.00 17.52 ? 111 TRP B CB  1 
ATOM   922  C CG  . TRP A 1 105 ? 8.606   -11.775 -3.169  1.00 21.71 ? 111 TRP B CG  1 
ATOM   923  C CD1 . TRP A 1 105 ? 8.906   -13.051 -2.771  1.00 21.91 ? 111 TRP B CD1 1 
ATOM   924  C CD2 . TRP A 1 105 ? 9.817   -11.040 -3.188  1.00 21.11 ? 111 TRP B CD2 1 
ATOM   925  N NE1 . TRP A 1 105 ? 10.233  -13.129 -2.501  1.00 22.08 ? 111 TRP B NE1 1 
ATOM   926  C CE2 . TRP A 1 105 ? 10.810  -11.914 -2.737  1.00 19.27 ? 111 TRP B CE2 1 
ATOM   927  C CE3 . TRP A 1 105 ? 10.135  -9.733  -3.531  1.00 21.75 ? 111 TRP B CE3 1 
ATOM   928  C CZ2 . TRP A 1 105 ? 12.130  -11.521 -2.601  1.00 24.17 ? 111 TRP B CZ2 1 
ATOM   929  C CZ3 . TRP A 1 105 ? 11.441  -9.333  -3.410  1.00 27.81 ? 111 TRP B CZ3 1 
ATOM   930  C CH2 . TRP A 1 105 ? 12.424  -10.224 -2.976  1.00 26.88 ? 111 TRP B CH2 1 
ATOM   931  N N   . GLN A 1 106 ? 8.524   -12.119 -6.733  1.00 13.57 ? 112 GLN B N   1 
ATOM   932  C CA  . GLN A 1 106 ? 9.023   -13.331 -7.447  1.00 13.98 ? 112 GLN B CA  1 
ATOM   933  C C   . GLN A 1 106 ? 7.875   -14.047 -8.140  1.00 13.63 ? 112 GLN B C   1 
ATOM   934  O O   . GLN A 1 106 ? 7.767   -15.317 -8.028  1.00 15.88 ? 112 GLN B O   1 
ATOM   935  C CB  . GLN A 1 106 ? 9.814   -14.200 -6.473  1.00 15.78 ? 112 GLN B CB  1 
ATOM   936  C CG  . GLN A 1 106 ? 11.065  -13.492 -5.977  1.00 17.75 ? 112 GLN B CG  1 
ATOM   937  C CD  . GLN A 1 106 ? 12.051  -14.358 -5.231  1.00 19.00 ? 112 GLN B CD  1 
ATOM   938  O OE1 . GLN A 1 106 ? 13.185  -13.930 -4.925  1.00 20.80 ? 112 GLN B OE1 1 
ATOM   939  N NE2 . GLN A 1 106 ? 11.656  -15.570 -4.918  1.00 17.22 ? 112 GLN B NE2 1 
ATOM   940  N N   . ASP A 1 107 ? 7.116   -13.317 -8.925  1.00 15.12 ? 113 ASP B N   1 
ATOM   941  C CA  . ASP A 1 107 ? 6.066   -13.833 -9.816  1.00 19.72 ? 113 ASP B CA  1 
ATOM   942  C C   . ASP A 1 107 ? 4.908   -14.484 -9.045  1.00 19.71 ? 113 ASP B C   1 
ATOM   943  O O   . ASP A 1 107 ? 4.080   -15.112 -9.714  1.00 25.99 ? 113 ASP B O   1 
ATOM   944  C CB  . ASP A 1 107 ? 6.683   -14.899 -10.738 1.00 23.81 ? 113 ASP B CB  1 
ATOM   945  C CG  . ASP A 1 107 ? 6.032   -15.075 -12.085 1.00 34.33 ? 113 ASP B CG  1 
ATOM   946  O OD1 . ASP A 1 107 ? 5.330   -14.138 -12.541 1.00 40.19 ? 113 ASP B OD1 1 
ATOM   947  O OD2 . ASP A 1 107 ? 6.300   -16.146 -12.705 1.00 47.33 ? 113 ASP B OD2 1 
ATOM   948  N N   . SER A 1 108 ? 4.797   -14.281 -7.730  1.00 16.54 ? 114 SER B N   1 
ATOM   949  C CA  . SER A 1 108 ? 3.613   -14.751 -6.954  1.00 17.52 ? 114 SER B CA  1 
ATOM   950  C C   . SER A 1 108 ? 2.955   -13.579 -6.196  1.00 14.64 ? 114 SER B C   1 
ATOM   951  O O   . SER A 1 108 ? 3.646   -12.665 -5.679  1.00 14.06 ? 114 SER B O   1 
ATOM   952  C CB  . SER A 1 108 ? 3.945   -15.944 -6.116  1.00 23.79 ? 114 SER B CB  1 
ATOM   953  O OG  . SER A 1 108 ? 4.731   -15.605 -5.012  1.00 32.27 ? 114 SER B OG  1 
ATOM   954  N N   . TYR A 1 109 ? 1.644   -13.615 -6.123  1.00 12.60 ? 115 TYR B N   1 
ATOM   955  C CA  . TYR A 1 109 ? 0.840   -12.632 -5.345  1.00 12.23 ? 115 TYR B CA  1 
ATOM   956  C C   . TYR A 1 109 ? 0.425   -13.293 -4.048  1.00 11.33 ? 115 TYR B C   1 
ATOM   957  O O   . TYR A 1 109 ? 0.014   -14.474 -4.035  1.00 11.43 ? 115 TYR B O   1 
ATOM   958  C CB  . TYR A 1 109 ? -0.362  -12.172 -6.132  1.00 12.08 ? 115 TYR B CB  1 
ATOM   959  C CG  . TYR A 1 109 ? -0.042  -11.458 -7.429  1.00 12.66 ? 115 TYR B CG  1 
ATOM   960  C CD1 . TYR A 1 109 ? 0.074   -12.139 -8.633  1.00 14.28 ? 115 TYR B CD1 1 
ATOM   961  C CD2 . TYR A 1 109 ? 0.127   -10.089 -7.454  1.00 12.58 ? 115 TYR B CD2 1 
ATOM   962  C CE1 . TYR A 1 109 ? 0.327   -11.482 -9.832  1.00 14.66 ? 115 TYR B CE1 1 
ATOM   963  C CE2 . TYR A 1 109 ? 0.416   -9.416  -8.639  1.00 13.32 ? 115 TYR B CE2 1 
ATOM   964  C CZ  . TYR A 1 109 ? 0.510   -10.117 -9.825  1.00 14.16 ? 115 TYR B CZ  1 
ATOM   965  O OH  . TYR A 1 109 ? 0.813   -9.501  -11.022 1.00 14.36 ? 115 TYR B OH  1 
ATOM   966  N N   A GLU A 1 110 ? 0.547   -12.573 -2.934  0.25 12.43 ? 116 GLU B N   1 
ATOM   967  N N   B GLU A 1 110 ? 0.594   -12.577 -2.935  0.25 11.80 ? 116 GLU B N   1 
ATOM   968  C CA  A GLU A 1 110 ? 0.238   -13.116 -1.588  0.25 12.87 ? 116 GLU B CA  1 
ATOM   969  C CA  B GLU A 1 110 ? 0.295   -13.068 -1.567  0.25 11.80 ? 116 GLU B CA  1 
ATOM   970  C C   A GLU A 1 110 ? -0.412  -12.045 -0.713  0.25 11.62 ? 116 GLU B C   1 
ATOM   971  C C   B GLU A 1 110 ? -0.536  -12.020 -0.815  0.25 10.92 ? 116 GLU B C   1 
ATOM   972  O O   A GLU A 1 110 ? -0.022  -10.872 -0.792  0.25 10.94 ? 116 GLU B O   1 
ATOM   973  O O   B GLU A 1 110 ? -0.449  -10.818 -1.120  0.25 10.11 ? 116 GLU B O   1 
ATOM   974  C CB  A GLU A 1 110 ? 1.487   -13.674 -0.916  0.25 15.16 ? 116 GLU B CB  1 
ATOM   975  C CB  B GLU A 1 110 ? 1.567   -13.375 -0.776  0.25 13.10 ? 116 GLU B CB  1 
ATOM   976  C CG  A GLU A 1 110 ? 2.102   -14.827 -1.701  0.25 17.21 ? 116 GLU B CG  1 
ATOM   977  C CG  B GLU A 1 110 ? 2.477   -14.412 -1.426  0.25 14.67 ? 116 GLU B CG  1 
ATOM   978  C CD  A GLU A 1 110 ? 3.411   -15.337 -1.141  0.25 20.51 ? 116 GLU B CD  1 
ATOM   979  C CD  B GLU A 1 110 ? 2.056   -15.859 -1.200  0.25 15.62 ? 116 GLU B CD  1 
ATOM   980  O OE1 A GLU A 1 110 ? 4.210   -14.505 -0.662  0.25 22.75 ? 116 GLU B OE1 1 
ATOM   981  O OE1 B GLU A 1 110 ? 1.445   -16.155 -0.155  0.25 20.15 ? 116 GLU B OE1 1 
ATOM   982  O OE2 A GLU A 1 110 ? 3.625   -16.569 -1.178  0.25 22.39 ? 116 GLU B OE2 1 
ATOM   983  O OE2 B GLU A 1 110 ? 2.366   -16.682 -2.052  0.25 20.68 ? 116 GLU B OE2 1 
ATOM   984  N N   . ALA A 1 111 ? -1.325  -12.475 0.155   1.00 11.31 ? 117 ALA B N   1 
ATOM   985  C CA  . ALA A 1 111 ? -1.910  -11.615 1.191   1.00 10.96 ? 117 ALA B CA  1 
ATOM   986  C C   . ALA A 1 111 ? -1.041  -11.677 2.452   1.00 11.59 ? 117 ALA B C   1 
ATOM   987  O O   . ALA A 1 111 ? -0.562  -12.765 2.866   1.00 12.56 ? 117 ALA B O   1 
ATOM   988  C CB  . ALA A 1 111 ? -3.346  -12.001 1.521   1.00 12.16 ? 117 ALA B CB  1 
ATOM   989  N N   . GLY A 1 112 ? -0.852  -10.517 3.082   1.00 11.92 ? 118 GLY B N   1 
ATOM   990  C CA  . GLY A 1 112 ? -0.008  -10.342 4.274   1.00 12.85 ? 118 GLY B CA  1 
ATOM   991  C C   . GLY A 1 112 ? -0.681  -10.840 5.533   1.00 13.49 ? 118 GLY B C   1 
ATOM   992  O O   . GLY A 1 112 ? -0.812  -10.106 6.485   1.00 15.22 ? 118 GLY B O   1 
ATOM   993  N N   . THR A 1 113 ? -1.127  -12.077 5.542   1.00 15.38 ? 119 THR B N   1 
ATOM   994  C CA  . THR A 1 113 ? -1.537  -12.783 6.770   1.00 16.90 ? 119 THR B CA  1 
ATOM   995  C C   . THR A 1 113 ? -0.282  -13.377 7.421   1.00 17.46 ? 119 THR B C   1 
ATOM   996  O O   . THR A 1 113 ? 0.768   -13.406 6.771   1.00 18.61 ? 119 THR B O   1 
ATOM   997  C CB  . THR A 1 113 ? -2.605  -13.804 6.419   1.00 14.63 ? 119 THR B CB  1 
ATOM   998  O OG1 . THR A 1 113 ? -2.065  -14.635 5.385   1.00 14.12 ? 119 THR B OG1 1 
ATOM   999  C CG2 . THR A 1 113 ? -3.897  -13.223 5.935   1.00 16.14 ? 119 THR B CG2 1 
ATOM   1000 N N   . SER A 1 114 ? -0.409  -13.929 8.627   1.00 20.56 ? 120 SER B N   1 
ATOM   1001 C CA  . SER A 1 114 ? 0.702   -14.633 9.307   1.00 23.99 ? 120 SER B CA  1 
ATOM   1002 C C   . SER A 1 114 ? 0.310   -16.094 9.570   1.00 23.88 ? 120 SER B C   1 
ATOM   1003 O O   . SER A 1 114 ? -0.528  -16.364 10.425  1.00 25.91 ? 120 SER B O   1 
ATOM   1004 C CB  . SER A 1 114 ? 1.112   -13.936 10.590  1.00 29.47 ? 120 SER B CB  1 
ATOM   1005 O OG  . SER A 1 114 ? 2.323   -14.526 11.067  1.00 32.36 ? 120 SER B OG  1 
ATOM   1006 N N   . PRO A 1 115 ? 0.823   -17.081 8.818   1.00 22.32 ? 121 PRO B N   1 
ATOM   1007 C CA  . PRO A 1 115 ? 1.726   -16.870 7.703   1.00 22.27 ? 121 PRO B CA  1 
ATOM   1008 C C   . PRO A 1 115 ? 0.962   -16.399 6.454   1.00 17.71 ? 121 PRO B C   1 
ATOM   1009 O O   . PRO A 1 115 ? -0.255  -16.364 6.416   1.00 16.94 ? 121 PRO B O   1 
ATOM   1010 C CB  . PRO A 1 115 ? 2.318   -18.258 7.462   1.00 24.95 ? 121 PRO B CB  1 
ATOM   1011 C CG  . PRO A 1 115 ? 1.185   -19.196 7.820   1.00 24.59 ? 121 PRO B CG  1 
ATOM   1012 C CD  . PRO A 1 115 ? 0.443   -18.510 8.960   1.00 24.17 ? 121 PRO B CD  1 
ATOM   1013 N N   . GLN A 1 116 ? 1.705   -15.994 5.445   1.00 17.21 ? 122 GLN B N   1 
ATOM   1014 C CA  . GLN A 1 116 ? 1.135   -15.381 4.224   1.00 17.12 ? 122 GLN B CA  1 
ATOM   1015 C C   . GLN A 1 116 ? 0.218   -16.374 3.475   1.00 15.11 ? 122 GLN B C   1 
ATOM   1016 O O   . GLN A 1 116 ? 0.437   -17.610 3.540   1.00 16.08 ? 122 GLN B O   1 
ATOM   1017 C CB  . GLN A 1 116 ? 2.242   -14.797 3.337   1.00 21.18 ? 122 GLN B CB  1 
ATOM   1018 C CG  . GLN A 1 116 ? 2.951   -15.798 2.442   1.00 26.16 ? 122 GLN B CG  1 
ATOM   1019 C CD  . GLN A 1 116 ? 4.353   -16.080 2.910   1.00 38.61 ? 122 GLN B CD  1 
ATOM   1020 O OE1 . GLN A 1 116 ? 4.629   -16.108 4.114   1.00 49.07 ? 122 GLN B OE1 1 
ATOM   1021 N NE2 . GLN A 1 116 ? 5.235   -16.333 1.956   1.00 44.02 ? 122 GLN B NE2 1 
ATOM   1022 N N   . THR A 1 117 ? -0.734  -15.843 2.732   1.00 13.44 ? 123 THR B N   1 
ATOM   1023 C CA  . THR A 1 117 ? -1.750  -16.612 1.988   1.00 12.49 ? 123 THR B CA  1 
ATOM   1024 C C   . THR A 1 117 ? -1.540  -16.443 0.483   1.00 13.29 ? 123 THR B C   1 
ATOM   1025 O O   . THR A 1 117 ? -1.566  -15.306 -0.035  1.00 13.30 ? 123 THR B O   1 
ATOM   1026 C CB  . THR A 1 117 ? -3.161  -16.158 2.395   1.00 12.47 ? 123 THR B CB  1 
ATOM   1027 O OG1 . THR A 1 117 ? -3.290  -16.378 3.793   1.00 13.59 ? 123 THR B OG1 1 
ATOM   1028 C CG2 . THR A 1 117 ? -4.232  -16.913 1.648   1.00 13.84 ? 123 THR B CG2 1 
ATOM   1029 N N   . THR A 1 118 ? -1.428  -17.542 -0.247  1.00 13.72 ? 124 THR B N   1 
ATOM   1030 C CA  . THR A 1 118 ? -1.373  -17.549 -1.724  1.00 14.52 ? 124 THR B CA  1 
ATOM   1031 C C   . THR A 1 118 ? -2.624  -16.959 -2.360  1.00 14.35 ? 124 THR B C   1 
ATOM   1032 O O   . THR A 1 118 ? -3.767  -17.377 -1.985  1.00 16.62 ? 124 THR B O   1 
ATOM   1033 C CB  . THR A 1 118 ? -1.241  -19.011 -2.199  1.00 18.77 ? 124 THR B CB  1 
ATOM   1034 O OG1 . THR A 1 118 ? -0.015  -19.506 -1.648  1.00 22.43 ? 124 THR B OG1 1 
ATOM   1035 C CG2 . THR A 1 118 ? -1.301  -19.102 -3.699  1.00 21.98 ? 124 THR B CG2 1 
ATOM   1036 N N   . LEU A 1 119 ? -2.491  -16.015 -3.298  1.00 12.42 ? 125 LEU B N   1 
ATOM   1037 C CA  . LEU A 1 119 ? -3.597  -15.422 -4.065  1.00 12.33 ? 125 LEU B CA  1 
ATOM   1038 C C   . LEU A 1 119 ? -3.668  -16.127 -5.419  1.00 14.34 ? 125 LEU B C   1 
ATOM   1039 O O   . LEU A 1 119 ? -2.660  -16.738 -5.867  1.00 18.96 ? 125 LEU B O   1 
ATOM   1040 C CB  . LEU A 1 119 ? -3.411  -13.908 -4.245  1.00 12.28 ? 125 LEU B CB  1 
ATOM   1041 C CG  . LEU A 1 119 ? -3.339  -13.134 -2.923  1.00 11.80 ? 125 LEU B CG  1 
ATOM   1042 C CD1 . LEU A 1 119 ? -3.010  -11.663 -3.117  1.00 12.25 ? 125 LEU B CD1 1 
ATOM   1043 C CD2 . LEU A 1 119 ? -4.637  -13.274 -2.123  1.00 13.24 ? 125 LEU B CD2 1 
ATOM   1044 N N   . HIS A 1 120 ? -4.846  -16.178 -5.986  1.00 15.15 ? 126 HIS B N   1 
ATOM   1045 C CA  . HIS A 1 120 ? -5.105  -16.867 -7.264  1.00 15.46 ? 126 HIS B CA  1 
ATOM   1046 C C   . HIS A 1 120 ? -5.504  -15.773 -8.234  1.00 16.39 ? 126 HIS B C   1 
ATOM   1047 O O   . HIS A 1 120 ? -6.679  -15.385 -8.266  1.00 21.55 ? 126 HIS B O   1 
ATOM   1048 C CB  . HIS A 1 120 ? -6.208  -17.930 -7.066  1.00 17.70 ? 126 HIS B CB  1 
ATOM   1049 C CG  . HIS A 1 120 ? -5.886  -18.974 -6.033  1.00 19.24 ? 126 HIS B CG  1 
ATOM   1050 N ND1 . HIS A 1 120 ? -6.308  -18.862 -4.690  1.00 24.46 ? 126 HIS B ND1 1 
ATOM   1051 C CD2 . HIS A 1 120 ? -5.190  -20.132 -6.118  1.00 23.22 ? 126 HIS B CD2 1 
ATOM   1052 C CE1 . HIS A 1 120 ? -5.826  -19.893 -4.005  1.00 26.16 ? 126 HIS B CE1 1 
ATOM   1053 N NE2 . HIS A 1 120 ? -5.191  -20.715 -4.858  1.00 21.17 ? 126 HIS B NE2 1 
ATOM   1054 N N   . ILE A 1 121 ? -4.568  -15.230 -8.974  1.00 18.06 ? 127 ILE B N   1 
ATOM   1055 C CA  . ILE A 1 121 ? -4.887  -14.142 -9.929  1.00 18.95 ? 127 ILE B CA  1 
ATOM   1056 C C   . ILE A 1 121 ? -4.604  -14.668 -11.360 1.00 20.81 ? 127 ILE B C   1 
ATOM   1057 O O   . ILE A 1 121 ? -3.486  -15.065 -11.650 1.00 27.49 ? 127 ILE B O   1 
ATOM   1058 C CB  . ILE A 1 121 ? -4.134  -12.847 -9.563  1.00 20.08 ? 127 ILE B CB  1 
ATOM   1059 C CG1 . ILE A 1 121 ? -4.365  -12.408 -8.110  1.00 18.45 ? 127 ILE B CG1 1 
ATOM   1060 C CG2 . ILE A 1 121 ? -4.597  -11.766 -10.531 1.00 23.93 ? 127 ILE B CG2 1 
ATOM   1061 C CD1 . ILE A 1 121 ? -3.685  -11.104 -7.756  1.00 20.94 ? 127 ILE B CD1 1 
ATOM   1062 N N   . GLN A 1 122 ? -5.620  -14.709 -12.203 1.00 23.66 ? 128 GLN B N   1 
ATOM   1063 C CA  . GLN A 1 122 ? -5.447  -15.245 -13.590 1.00 26.56 ? 128 GLN B CA  1 
ATOM   1064 C C   . GLN A 1 122 ? -4.906  -14.127 -14.497 1.00 23.28 ? 128 GLN B C   1 
ATOM   1065 O O   . GLN A 1 122 ? -4.085  -14.438 -15.407 1.00 22.71 ? 128 GLN B O   1 
ATOM   1066 C CB  . GLN A 1 122 ? -6.781  -15.814 -14.086 1.00 30.49 ? 128 GLN B CB  1 
ATOM   1067 C CG  . GLN A 1 122 ? -6.730  -16.397 -15.502 1.00 41.79 ? 128 GLN B CG  1 
ATOM   1068 C CD  . GLN A 1 122 ? -5.810  -17.593 -15.661 1.00 48.06 ? 128 GLN B CD  1 
ATOM   1069 O OE1 . GLN A 1 122 ? -5.372  -18.223 -14.696 1.00 56.51 ? 128 GLN B OE1 1 
ATOM   1070 N NE2 . GLN A 1 122 ? -5.494  -17.923 -16.905 1.00 56.84 ? 128 GLN B NE2 1 
ATOM   1071 N N   . VAL A 1 123 ? -5.316  -12.887 -14.256 1.00 20.53 ? 129 VAL B N   1 
ATOM   1072 C CA  . VAL A 1 123 ? -4.937  -11.713 -15.102 1.00 19.01 ? 129 VAL B CA  1 
ATOM   1073 C C   . VAL A 1 123 ? -4.021  -10.806 -14.293 1.00 19.43 ? 129 VAL B C   1 
ATOM   1074 O O   . VAL A 1 123 ? -4.510  -10.176 -13.365 1.00 17.00 ? 129 VAL B O   1 
ATOM   1075 C CB  . VAL A 1 123 ? -6.171  -10.942 -15.577 1.00 20.76 ? 129 VAL B CB  1 
ATOM   1076 C CG1 . VAL A 1 123 ? -5.817  -9.703  -16.390 1.00 20.43 ? 129 VAL B CG1 1 
ATOM   1077 C CG2 . VAL A 1 123 ? -7.097  -11.857 -16.391 1.00 22.74 ? 129 VAL B CG2 1 
ATOM   1078 N N   . PRO A 1 124 ? -2.684  -10.796 -14.497 1.00 18.09 ? 130 PRO B N   1 
ATOM   1079 C CA  . PRO A 1 124 ? -1.792  -9.977  -13.666 1.00 17.76 ? 130 PRO B CA  1 
ATOM   1080 C C   . PRO A 1 124 ? -2.291  -8.544  -13.663 1.00 17.04 ? 130 PRO B C   1 
ATOM   1081 O O   . PRO A 1 124 ? -2.515  -7.944  -14.692 1.00 16.07 ? 130 PRO B O   1 
ATOM   1082 C CB  . PRO A 1 124 ? -0.431  -10.126 -14.383 1.00 20.79 ? 130 PRO B CB  1 
ATOM   1083 C CG  . PRO A 1 124 ? -0.526  -11.569 -14.932 1.00 20.71 ? 130 PRO B CG  1 
ATOM   1084 C CD  . PRO A 1 124 ? -1.927  -11.622 -15.467 1.00 19.37 ? 130 PRO B CD  1 
ATOM   1085 N N   . PRO A 1 125 ? -2.586  -7.927  -12.506 1.00 14.21 ? 131 PRO B N   1 
ATOM   1086 C CA  . PRO A 1 125 ? -3.149  -6.587  -12.511 1.00 14.66 ? 131 PRO B CA  1 
ATOM   1087 C C   . PRO A 1 125 ? -2.151  -5.479  -12.867 1.00 13.76 ? 131 PRO B C   1 
ATOM   1088 O O   . PRO A 1 125 ? -1.004  -5.536  -12.380 1.00 14.55 ? 131 PRO B O   1 
ATOM   1089 C CB  . PRO A 1 125 ? -3.659  -6.414  -11.084 1.00 15.64 ? 131 PRO B CB  1 
ATOM   1090 C CG  . PRO A 1 125 ? -2.936  -7.410  -10.255 1.00 16.71 ? 131 PRO B CG  1 
ATOM   1091 C CD  . PRO A 1 125 ? -2.535  -8.533  -11.165 1.00 15.02 ? 131 PRO B CD  1 
ATOM   1092 N N   . CYS A 1 126 ? -2.638  -4.491  -13.599 1.00 13.81 ? 132 CYS B N   1 
ATOM   1093 C CA  . CYS A 1 126 ? -1.887  -3.227  -13.802 1.00 14.68 ? 132 CYS B CA  1 
ATOM   1094 C C   . CYS A 1 126 ? -2.433  -2.142  -12.861 1.00 14.19 ? 132 CYS B C   1 
ATOM   1095 O O   . CYS A 1 126 ? -1.751  -1.151  -12.615 1.00 13.13 ? 132 CYS B O   1 
ATOM   1096 C CB  . CYS A 1 126 ? -1.968  -2.704  -15.217 1.00 17.03 ? 132 CYS B CB  1 
ATOM   1097 S SG  . CYS A 1 126 ? -1.211  -3.850  -16.395 1.00 23.41 ? 132 CYS B SG  1 
ATOM   1098 N N   A GLN A 1 127 ? -3.674  -2.273  -12.370 0.25 14.20 ? 133 GLN B N   1 
ATOM   1099 N N   B GLN A 1 127 ? -3.634  -2.366  -12.325 0.25 14.36 ? 133 GLN B N   1 
ATOM   1100 C CA  A GLN A 1 127 ? -4.221  -1.342  -11.342 0.25 14.81 ? 133 GLN B CA  1 
ATOM   1101 C CA  B GLN A 1 127 ? -4.281  -1.431  -11.376 0.25 15.21 ? 133 GLN B CA  1 
ATOM   1102 C C   A GLN A 1 127 ? -5.048  -2.140  -10.323 0.25 14.08 ? 133 GLN B C   1 
ATOM   1103 C C   B GLN A 1 127 ? -4.974  -2.255  -10.285 0.25 14.34 ? 133 GLN B C   1 
ATOM   1104 O O   A GLN A 1 127 ? -5.824  -3.037  -10.741 0.25 12.52 ? 133 GLN B O   1 
ATOM   1105 O O   B GLN A 1 127 ? -5.535  -3.338  -10.587 0.25 12.48 ? 133 GLN B O   1 
ATOM   1106 C CB  A GLN A 1 127 ? -5.089  -0.215  -11.915 0.25 17.06 ? 133 GLN B CB  1 
ATOM   1107 C CB  B GLN A 1 127 ? -5.245  -0.498  -12.108 0.25 17.97 ? 133 GLN B CB  1 
ATOM   1108 C CG  A GLN A 1 127 ? -4.382  0.697   -12.903 0.25 19.28 ? 133 GLN B CG  1 
ATOM   1109 C CG  B GLN A 1 127 ? -4.548  0.634   -12.839 0.25 20.25 ? 133 GLN B CG  1 
ATOM   1110 C CD  A GLN A 1 127 ? -4.609  0.239   -14.320 0.25 20.32 ? 133 GLN B CD  1 
ATOM   1111 C CD  B GLN A 1 127 ? -5.503  1.644   -13.424 0.25 20.67 ? 133 GLN B CD  1 
ATOM   1112 O OE1 A GLN A 1 127 ? -5.629  -0.376  -14.632 0.25 20.37 ? 133 GLN B OE1 1 
ATOM   1113 O OE1 B GLN A 1 127 ? -6.596  1.895   -12.904 0.25 24.59 ? 133 GLN B OE1 1 
ATOM   1114 N NE2 A GLN A 1 127 ? -3.653  0.535   -15.190 0.25 20.64 ? 133 GLN B NE2 1 
ATOM   1115 N NE2 B GLN A 1 127 ? -5.072  2.245   -14.513 0.25 22.83 ? 133 GLN B NE2 1 
ATOM   1116 N N   . ILE A 1 128 ? -4.879  -1.780  -9.044  1.00 13.53 ? 134 ILE B N   1 
ATOM   1117 C CA  . ILE A 1 128 ? -5.455  -2.470  -7.852  1.00 12.97 ? 134 ILE B CA  1 
ATOM   1118 C C   . ILE A 1 128 ? -6.401  -1.474  -7.198  1.00 13.06 ? 134 ILE B C   1 
ATOM   1119 O O   . ILE A 1 128 ? -6.018  -0.310  -6.978  1.00 12.20 ? 134 ILE B O   1 
ATOM   1120 C CB  . ILE A 1 128 ? -4.329  -2.846  -6.871  1.00 14.18 ? 134 ILE B CB  1 
ATOM   1121 C CG1 . ILE A 1 128 ? -3.270  -3.774  -7.481  1.00 16.98 ? 134 ILE B CG1 1 
ATOM   1122 C CG2 . ILE A 1 128 ? -4.949  -3.419  -5.600  1.00 14.44 ? 134 ILE B CG2 1 
ATOM   1123 C CD1 . ILE A 1 128 ? -3.754  -5.126  -7.678  1.00 16.98 ? 134 ILE B CD1 1 
ATOM   1124 N N   . GLY A 1 129 ? -7.628  -1.891  -6.878  1.00 11.89 ? 135 GLY B N   1 
ATOM   1125 C CA  . GLY A 1 129 ? -8.522  -1.092  -6.041  1.00 12.35 ? 135 GLY B CA  1 
ATOM   1126 C C   . GLY A 1 129 ? -8.515  -1.581  -4.620  1.00 12.06 ? 135 GLY B C   1 
ATOM   1127 O O   . GLY A 1 129 ? -8.452  -2.785  -4.365  1.00 11.84 ? 135 GLY B O   1 
ATOM   1128 N N   . ILE A 1 130 ? -8.504  -0.633  -3.685  1.00 11.99 ? 136 ILE B N   1 
ATOM   1129 C CA  . ILE A 1 130 ? -8.471  -0.927  -2.235  1.00 11.47 ? 136 ILE B CA  1 
ATOM   1130 C C   . ILE A 1 130 ? -9.694  -0.294  -1.585  1.00 12.48 ? 136 ILE B C   1 
ATOM   1131 O O   . ILE A 1 130 ? -9.943  0.903   -1.771  1.00 13.05 ? 136 ILE B O   1 
ATOM   1132 C CB  . ILE A 1 130 ? -7.188  -0.387  -1.601  1.00 13.38 ? 136 ILE B CB  1 
ATOM   1133 C CG1 . ILE A 1 130 ? -5.979  -1.024  -2.287  1.00 14.03 ? 136 ILE B CG1 1 
ATOM   1134 C CG2 . ILE A 1 130 ? -7.164  -0.607  -0.080  1.00 13.31 ? 136 ILE B CG2 1 
ATOM   1135 C CD1 . ILE A 1 130 ? -4.693  -0.445  -1.864  1.00 18.13 ? 136 ILE B CD1 1 
ATOM   1136 N N   . PHE A 1 131 ? -10.480 -1.141  -0.950  1.00 12.15 ? 137 PHE B N   1 
ATOM   1137 C CA  . PHE A 1 131 ? -11.713 -0.736  -0.226  1.00 11.50 ? 137 PHE B CA  1 
ATOM   1138 C C   . PHE A 1 131 ? -11.537 -1.005  1.258   1.00 11.61 ? 137 PHE B C   1 
ATOM   1139 O O   . PHE A 1 131 ? -11.216 -2.116  1.640   1.00 12.23 ? 137 PHE B O   1 
ATOM   1140 C CB  . PHE A 1 131 ? -12.903 -1.538  -0.751  1.00 12.64 ? 137 PHE B CB  1 
ATOM   1141 C CG  . PHE A 1 131 ? -14.216 -1.268  -0.056  1.00 13.74 ? 137 PHE B CG  1 
ATOM   1142 C CD1 . PHE A 1 131 ? -14.839 -0.047  -0.211  1.00 16.09 ? 137 PHE B CD1 1 
ATOM   1143 C CD2 . PHE A 1 131 ? -14.838 -2.241  0.719   1.00 15.85 ? 137 PHE B CD2 1 
ATOM   1144 C CE1 . PHE A 1 131 ? -16.064 0.204   0.404   1.00 18.57 ? 137 PHE B CE1 1 
ATOM   1145 C CE2 . PHE A 1 131 ? -16.042 -1.965  1.367   1.00 17.39 ? 137 PHE B CE2 1 
ATOM   1146 C CZ  . PHE A 1 131 ? -16.648 -0.750  1.202   1.00 15.87 ? 137 PHE B CZ  1 
ATOM   1147 N N   . VAL A 1 132 ? -11.876 -0.011  2.065   1.00 12.20 ? 138 VAL B N   1 
ATOM   1148 C CA  . VAL A 1 132 ? -11.878 -0.116  3.538   1.00 12.18 ? 138 VAL B CA  1 
ATOM   1149 C C   . VAL A 1 132 ? -13.272 0.240   4.066   1.00 11.99 ? 138 VAL B C   1 
ATOM   1150 O O   . VAL A 1 132 ? -13.777 1.327   3.759   1.00 13.72 ? 138 VAL B O   1 
ATOM   1151 C CB  . VAL A 1 132 ? -10.794 0.764   4.192   1.00 11.98 ? 138 VAL B CB  1 
ATOM   1152 C CG1 . VAL A 1 132 ? -10.825 0.639   5.720   1.00 13.96 ? 138 VAL B CG1 1 
ATOM   1153 C CG2 . VAL A 1 132 ? -9.424  0.393   3.639   1.00 13.46 ? 138 VAL B CG2 1 
ATOM   1154 N N   . ASP A 1 133 ? -13.870 -0.676  4.800   1.00 12.49 ? 139 ASP B N   1 
ATOM   1155 C CA  . ASP A 1 133 ? -15.085 -0.358  5.609   1.00 13.71 ? 139 ASP B CA  1 
ATOM   1156 C C   . ASP A 1 133 ? -14.686 -0.381  7.092   1.00 12.02 ? 139 ASP B C   1 
ATOM   1157 O O   . ASP A 1 133 ? -14.464 -1.448  7.662   1.00 12.60 ? 139 ASP B O   1 
ATOM   1158 C CB  . ASP A 1 133 ? -16.227 -1.279  5.239   1.00 13.55 ? 139 ASP B CB  1 
ATOM   1159 C CG  . ASP A 1 133 ? -17.527 -0.936  5.951   1.00 17.04 ? 139 ASP B CG  1 
ATOM   1160 O OD1 . ASP A 1 133 ? -17.485 -0.314  7.060   1.00 18.02 ? 139 ASP B OD1 1 
ATOM   1161 O OD2 . ASP A 1 133 ? -18.558 -1.426  5.419   1.00 19.77 ? 139 ASP B OD2 1 
ATOM   1162 N N   . TYR A 1 134 ? -14.500 0.788   7.679   1.00 13.47 ? 140 TYR B N   1 
ATOM   1163 C CA  . TYR A 1 134 ? -13.948 0.900   9.057   1.00 12.34 ? 140 TYR B CA  1 
ATOM   1164 C C   . TYR A 1 134 ? -14.875 0.207   10.083  1.00 14.62 ? 140 TYR B C   1 
ATOM   1165 O O   . TYR A 1 134 ? -14.472 -0.671  10.804  1.00 16.13 ? 140 TYR B O   1 
ATOM   1166 C CB  . TYR A 1 134 ? -13.712 2.361   9.457   1.00 13.79 ? 140 TYR B CB  1 
ATOM   1167 C CG  . TYR A 1 134 ? -12.777 2.418   10.634  1.00 13.97 ? 140 TYR B CG  1 
ATOM   1168 C CD1 . TYR A 1 134 ? -13.227 2.124   11.915  1.00 14.17 ? 140 TYR B CD1 1 
ATOM   1169 C CD2 . TYR A 1 134 ? -11.415 2.709   10.486  1.00 13.70 ? 140 TYR B CD2 1 
ATOM   1170 C CE1 . TYR A 1 134 ? -12.371 2.072   12.993  1.00 14.19 ? 140 TYR B CE1 1 
ATOM   1171 C CE2 . TYR A 1 134 ? -10.556 2.660   11.572  1.00 12.75 ? 140 TYR B CE2 1 
ATOM   1172 C CZ  . TYR A 1 134 ? -11.034 2.392   12.842  1.00 13.50 ? 140 TYR B CZ  1 
ATOM   1173 O OH  . TYR A 1 134 ? -10.189 2.337   13.930  1.00 13.90 ? 140 TYR B OH  1 
ATOM   1174 N N   . GLU A 1 135 ? -16.159 0.496   9.999   1.00 16.13 ? 141 GLU B N   1 
ATOM   1175 C CA  . GLU A 1 135 ? -17.133 -0.056  10.968  1.00 16.81 ? 141 GLU B CA  1 
ATOM   1176 C C   . GLU A 1 135 ? -17.274 -1.566  10.810  1.00 16.58 ? 141 GLU B C   1 
ATOM   1177 O O   . GLU A 1 135 ? -17.337 -2.260  11.840  1.00 19.67 ? 141 GLU B O   1 
ATOM   1178 C CB  . GLU A 1 135 ? -18.465 0.678   10.898  1.00 18.39 ? 141 GLU B CB  1 
ATOM   1179 C CG  . GLU A 1 135 ? -18.443 1.961   11.737  1.00 22.54 ? 141 GLU B CG  1 
ATOM   1180 C CD  . GLU A 1 135 ? -17.690 3.044   11.041  1.00 24.08 ? 141 GLU B CD  1 
ATOM   1181 O OE1 . GLU A 1 135 ? -17.217 3.919   11.711  1.00 24.82 ? 141 GLU B OE1 1 
ATOM   1182 O OE2 . GLU A 1 135 ? -17.560 2.975   9.778   1.00 28.05 ? 141 GLU B OE2 1 
ATOM   1183 N N   . ALA A 1 136 ? -17.307 -2.087  9.587   1.00 15.87 ? 142 ALA B N   1 
ATOM   1184 C CA  . ALA A 1 136 ? -17.471 -3.526  9.326   1.00 17.59 ? 142 ALA B CA  1 
ATOM   1185 C C   . ALA A 1 136 ? -16.172 -4.278  9.619   1.00 16.12 ? 142 ALA B C   1 
ATOM   1186 O O   . ALA A 1 136 ? -16.217 -5.511  9.802   1.00 18.09 ? 142 ALA B O   1 
ATOM   1187 C CB  . ALA A 1 136 ? -17.929 -3.747  7.916   1.00 17.76 ? 142 ALA B CB  1 
ATOM   1188 N N   . GLY A 1 137 ? -15.018 -3.608  9.728   1.00 13.81 ? 143 GLY B N   1 
ATOM   1189 C CA  . GLY A 1 137 ? -13.752 -4.313  9.921   1.00 12.59 ? 143 GLY B CA  1 
ATOM   1190 C C   . GLY A 1 137 ? -13.314 -5.064  8.652   1.00 11.70 ? 143 GLY B C   1 
ATOM   1191 O O   . GLY A 1 137 ? -12.911 -6.234  8.784   1.00 11.92 ? 143 GLY B O   1 
ATOM   1192 N N   . VAL A 1 138 ? -13.416 -4.441  7.476   1.00 12.23 ? 144 VAL B N   1 
ATOM   1193 C CA  . VAL A 1 138 ? -13.116 -5.093  6.171   1.00 11.71 ? 144 VAL B CA  1 
ATOM   1194 C C   . VAL A 1 138 ? -12.069 -4.274  5.414   1.00 11.36 ? 144 VAL B C   1 
ATOM   1195 O O   . VAL A 1 138 ? -12.206 -3.026  5.267   1.00 12.12 ? 144 VAL B O   1 
ATOM   1196 C CB  . VAL A 1 138 ? -14.412 -5.229  5.361   1.00 13.18 ? 144 VAL B CB  1 
ATOM   1197 C CG1 . VAL A 1 138 ? -14.150 -5.582  3.900   1.00 13.55 ? 144 VAL B CG1 1 
ATOM   1198 C CG2 . VAL A 1 138 ? -15.353 -6.211  6.025   1.00 14.35 ? 144 VAL B CG2 1 
ATOM   1199 N N   . VAL A 1 139 ? -11.118 -4.986  4.817   1.00 11.78 ? 145 VAL B N   1 
ATOM   1200 C CA  . VAL A 1 139 ? -10.216 -4.420  3.776   1.00 11.07 ? 145 VAL B CA  1 
ATOM   1201 C C   . VAL A 1 139 ? -10.233 -5.355  2.569   1.00 9.86  ? 145 VAL B C   1 
ATOM   1202 O O   . VAL A 1 139 ? -9.894  -6.567  2.756   1.00 11.66 ? 145 VAL B O   1 
ATOM   1203 C CB  . VAL A 1 139 ? -8.777  -4.263  4.282   1.00 11.36 ? 145 VAL B CB  1 
ATOM   1204 C CG1 . VAL A 1 139 ? -7.918  -3.606  3.206   1.00 11.02 ? 145 VAL B CG1 1 
ATOM   1205 C CG2 . VAL A 1 139 ? -8.749  -3.520  5.603   1.00 11.26 ? 145 VAL B CG2 1 
ATOM   1206 N N   . SER A 1 140 ? -10.670 -4.867  1.418   1.00 10.70 ? 146 SER B N   1 
ATOM   1207 C CA  . SER A 1 140 ? -10.760 -5.698  0.207   1.00 11.67 ? 146 SER B CA  1 
ATOM   1208 C C   . SER A 1 140 ? -9.927  -5.113  -0.917  1.00 11.18 ? 146 SER B C   1 
ATOM   1209 O O   . SER A 1 140 ? -9.792  -3.897  -1.033  1.00 12.01 ? 146 SER B O   1 
ATOM   1210 C CB  . SER A 1 140 ? -12.195 -5.858  -0.235  1.00 11.90 ? 146 SER B CB  1 
ATOM   1211 O OG  . SER A 1 140 ? -12.965 -6.584  0.730   1.00 12.82 ? 146 SER B OG  1 
ATOM   1212 N N   . PHE A 1 141 ? -9.444  -6.008  -1.757  1.00 10.03 ? 147 PHE B N   1 
ATOM   1213 C CA  . PHE A 1 141 ? -8.579  -5.700  -2.916  1.00 10.93 ? 147 PHE B CA  1 
ATOM   1214 C C   . PHE A 1 141 ? -9.226  -6.216  -4.191  1.00 10.79 ? 147 PHE B C   1 
ATOM   1215 O O   . PHE A 1 141 ? -9.664  -7.413  -4.207  1.00 11.12 ? 147 PHE B O   1 
ATOM   1216 C CB  . PHE A 1 141 ? -7.175  -6.310  -2.743  1.00 10.32 ? 147 PHE B CB  1 
ATOM   1217 C CG  . PHE A 1 141 ? -6.452  -5.820  -1.522  1.00 10.24 ? 147 PHE B CG  1 
ATOM   1218 C CD1 . PHE A 1 141 ? -6.710  -6.336  -0.256  1.00 10.53 ? 147 PHE B CD1 1 
ATOM   1219 C CD2 . PHE A 1 141 ? -5.525  -4.802  -1.648  1.00 10.75 ? 147 PHE B CD2 1 
ATOM   1220 C CE1 . PHE A 1 141 ? -6.060  -5.806  0.859   1.00 10.65 ? 147 PHE B CE1 1 
ATOM   1221 C CE2 . PHE A 1 141 ? -4.885  -4.286  -0.538  1.00 10.15 ? 147 PHE B CE2 1 
ATOM   1222 C CZ  . PHE A 1 141 ? -5.149  -4.785  0.713   1.00 10.01 ? 147 PHE B CZ  1 
ATOM   1223 N N   . TYR A 1 142 ? -9.209  -5.394  -5.228  1.00 11.24 ? 148 TYR B N   1 
ATOM   1224 C CA  . TYR A 1 142 ? -9.878  -5.663  -6.520  1.00 12.39 ? 148 TYR B CA  1 
ATOM   1225 C C   . TYR A 1 142 ? -8.891  -5.528  -7.673  1.00 13.96 ? 148 TYR B C   1 
ATOM   1226 O O   . TYR A 1 142 ? -8.052  -4.648  -7.691  1.00 12.77 ? 148 TYR B O   1 
ATOM   1227 C CB  . TYR A 1 142 ? -11.109 -4.790  -6.678  1.00 13.29 ? 148 TYR B CB  1 
ATOM   1228 C CG  . TYR A 1 142 ? -12.155 -5.018  -5.608  1.00 14.14 ? 148 TYR B CG  1 
ATOM   1229 C CD1 . TYR A 1 142 ? -13.066 -6.035  -5.741  1.00 14.57 ? 148 TYR B CD1 1 
ATOM   1230 C CD2 . TYR A 1 142 ? -12.167 -4.278  -4.441  1.00 14.36 ? 148 TYR B CD2 1 
ATOM   1231 C CE1 . TYR A 1 142 ? -13.986 -6.304  -4.744  1.00 15.21 ? 148 TYR B CE1 1 
ATOM   1232 C CE2 . TYR A 1 142 ? -13.088 -4.523  -3.427  1.00 14.63 ? 148 TYR B CE2 1 
ATOM   1233 C CZ  . TYR A 1 142 ? -14.028 -5.527  -3.599  1.00 15.69 ? 148 TYR B CZ  1 
ATOM   1234 O OH  . TYR A 1 142 ? -14.928 -5.808  -2.586  1.00 18.46 ? 148 TYR B OH  1 
ATOM   1235 N N   . ASN A 1 143 ? -9.089  -6.339  -8.705  1.00 14.26 ? 149 ASN B N   1 
ATOM   1236 C CA  . ASN A 1 143 ? -8.232  -6.397  -9.932  1.00 12.95 ? 149 ASN B CA  1 
ATOM   1237 C C   . ASN A 1 143 ? -8.888  -5.513  -10.987 1.00 13.09 ? 149 ASN B C   1 
ATOM   1238 O O   . ASN A 1 143 ? -9.874  -5.947  -11.636 1.00 14.70 ? 149 ASN B O   1 
ATOM   1239 C CB  . ASN A 1 143 ? -8.027  -7.841  -10.360 1.00 13.96 ? 149 ASN B CB  1 
ATOM   1240 C CG  . ASN A 1 143 ? -7.107  -7.981  -11.568 1.00 13.79 ? 149 ASN B CG  1 
ATOM   1241 O OD1 . ASN A 1 143 ? -6.858  -6.977  -12.237 1.00 16.10 ? 149 ASN B OD1 1 
ATOM   1242 N ND2 . ASN A 1 143 ? -6.613  -9.155  -11.803 1.00 14.66 ? 149 ASN B ND2 1 
ATOM   1243 N N   . ILE A 1 144 ? -8.476  -4.258  -11.137 1.00 14.90 ? 150 ILE B N   1 
ATOM   1244 C CA  . ILE A 1 144 ? -9.180  -3.306  -12.029 1.00 15.73 ? 150 ILE B CA  1 
ATOM   1245 C C   . ILE A 1 144 ? -8.943  -3.771  -13.480 1.00 17.28 ? 150 ILE B C   1 
ATOM   1246 O O   . ILE A 1 144 ? -9.857  -3.572  -14.332 1.00 19.53 ? 150 ILE B O   1 
ATOM   1247 C CB  . ILE A 1 144 ? -8.681  -1.879  -11.795 1.00 16.55 ? 150 ILE B CB  1 
ATOM   1248 C CG1 . ILE A 1 144 ? -8.804  -1.424  -10.332 1.00 17.35 ? 150 ILE B CG1 1 
ATOM   1249 C CG2 . ILE A 1 144 ? -9.369  -0.897  -12.740 1.00 17.56 ? 150 ILE B CG2 1 
ATOM   1250 C CD1 . ILE A 1 144 ? -10.128 -1.667  -9.737  1.00 21.55 ? 150 ILE B CD1 1 
ATOM   1251 N N   . THR A 1 145 ? -7.807  -4.377  -13.769 1.00 16.01 ? 151 THR B N   1 
ATOM   1252 C CA  . THR A 1 145 ? -7.484  -4.873  -15.147 1.00 17.42 ? 151 THR B CA  1 
ATOM   1253 C C   . THR A 1 145 ? -8.507  -5.946  -15.545 1.00 20.71 ? 151 THR B C   1 
ATOM   1254 O O   . THR A 1 145 ? -8.816  -6.046  -16.767 1.00 23.93 ? 151 THR B O   1 
ATOM   1255 C CB  . THR A 1 145 ? -6.039  -5.406  -15.155 1.00 16.26 ? 151 THR B CB  1 
ATOM   1256 O OG1 . THR A 1 145 ? -5.258  -4.325  -14.660 1.00 16.45 ? 151 THR B OG1 1 
ATOM   1257 C CG2 . THR A 1 145 ? -5.584  -5.798  -16.543 1.00 18.54 ? 151 THR B CG2 1 
ATOM   1258 N N   . ASP A 1 146 ? -8.994  -6.739  -14.596 1.00 19.43 ? 152 ASP B N   1 
ATOM   1259 C CA  . ASP A 1 146 ? -9.940  -7.886  -14.813 1.00 20.36 ? 152 ASP B CA  1 
ATOM   1260 C C   . ASP A 1 146 ? -11.353 -7.513  -14.346 1.00 21.23 ? 152 ASP B C   1 
ATOM   1261 O O   . ASP A 1 146 ? -11.924 -8.270  -13.568 1.00 20.22 ? 152 ASP B O   1 
ATOM   1262 C CB  . ASP A 1 146 ? -9.348  -9.131  -14.200 1.00 19.75 ? 152 ASP B CB  1 
ATOM   1263 C CG  . ASP A 1 146 ? -10.148 -10.386 -14.443 1.00 25.51 ? 152 ASP B CG  1 
ATOM   1264 O OD1 . ASP A 1 146 ? -10.555 -10.568 -15.604 1.00 25.29 ? 152 ASP B OD1 1 
ATOM   1265 O OD2 . ASP A 1 146 ? -10.396 -11.132 -13.463 1.00 23.26 ? 152 ASP B OD2 1 
ATOM   1266 N N   . HIS A 1 147 ? -11.873 -6.376  -14.798 1.00 22.19 ? 153 HIS B N   1 
ATOM   1267 C CA  . HIS A 1 147 ? -13.288 -5.959  -14.595 1.00 26.15 ? 153 HIS B CA  1 
ATOM   1268 C C   . HIS A 1 147 ? -13.591 -5.923  -13.094 1.00 25.35 ? 153 HIS B C   1 
ATOM   1269 O O   . HIS A 1 147 ? -14.730 -6.172  -12.701 1.00 25.78 ? 153 HIS B O   1 
ATOM   1270 C CB  . HIS A 1 147 ? -14.280 -6.932  -15.255 1.00 30.52 ? 153 HIS B CB  1 
ATOM   1271 C CG  . HIS A 1 147 ? -14.030 -7.257  -16.693 1.00 37.97 ? 153 HIS B CG  1 
ATOM   1272 N ND1 . HIS A 1 147 ? -14.076 -6.299  -17.690 1.00 49.07 ? 153 HIS B ND1 1 
ATOM   1273 C CD2 . HIS A 1 147 ? -13.771 -8.438  -17.301 1.00 46.57 ? 153 HIS B CD2 1 
ATOM   1274 C CE1 . HIS A 1 147 ? -13.825 -6.871  -18.856 1.00 51.70 ? 153 HIS B CE1 1 
ATOM   1275 N NE2 . HIS A 1 147 ? -13.642 -8.190  -18.647 1.00 50.35 ? 153 HIS B NE2 1 
ATOM   1276 N N   . GLY A 1 148 ? -12.600 -5.637  -12.263 1.00 20.18 ? 154 GLY B N   1 
ATOM   1277 C CA  . GLY A 1 148 ? -12.909 -5.382  -10.846 1.00 17.33 ? 154 GLY B CA  1 
ATOM   1278 C C   . GLY A 1 148 ? -13.009 -6.659  -10.040 1.00 15.90 ? 154 GLY B C   1 
ATOM   1279 O O   . GLY A 1 148 ? -13.648 -6.615  -8.996  1.00 15.82 ? 154 GLY B O   1 
ATOM   1280 N N   . SER A 1 149 ? -12.488 -7.774  -10.512 1.00 14.95 ? 155 SER B N   1 
ATOM   1281 C CA  . SER A 1 149 ? -12.640 -9.080  -9.824  1.00 13.31 ? 155 SER B CA  1 
ATOM   1282 C C   . SER A 1 149 ? -12.013 -9.047  -8.432  1.00 14.36 ? 155 SER B C   1 
ATOM   1283 O O   . SER A 1 149 ? -10.955 -8.424  -8.249  1.00 14.47 ? 155 SER B O   1 
ATOM   1284 C CB  . SER A 1 149 ? -12.103 -10.230 -10.604 1.00 15.61 ? 155 SER B CB  1 
ATOM   1285 O OG  . SER A 1 149 ? -10.749 -10.078 -11.021 1.00 16.14 ? 155 SER B OG  1 
ATOM   1286 N N   . LEU A 1 150 ? -12.595 -9.745  -7.490  1.00 13.09 ? 156 LEU B N   1 
ATOM   1287 C CA  . LEU A 1 150 ? -12.040 -9.782  -6.116  1.00 12.43 ? 156 LEU B CA  1 
ATOM   1288 C C   . LEU A 1 150 ? -10.712 -10.512 -6.103  1.00 12.03 ? 156 LEU B C   1 
ATOM   1289 O O   . LEU A 1 150 ? -10.565 -11.654 -6.609  1.00 13.30 ? 156 LEU B O   1 
ATOM   1290 C CB  . LEU A 1 150 ? -13.010 -10.487 -5.169  1.00 13.15 ? 156 LEU B CB  1 
ATOM   1291 C CG  . LEU A 1 150 ? -12.588 -10.545 -3.697  1.00 13.05 ? 156 LEU B CG  1 
ATOM   1292 C CD1 . LEU A 1 150 ? -12.544 -9.178  -3.068  1.00 13.53 ? 156 LEU B CD1 1 
ATOM   1293 C CD2 . LEU A 1 150 ? -13.607 -11.432 -2.949  1.00 14.94 ? 156 LEU B CD2 1 
ATOM   1294 N N   . ILE A 1 151 ? -9.721  -9.897  -5.434  1.00 10.41 ? 157 ILE B N   1 
ATOM   1295 C CA  . ILE A 1 151 ? -8.421  -10.517 -5.140  1.00 11.75 ? 157 ILE B CA  1 
ATOM   1296 C C   . ILE A 1 151 ? -8.401  -11.119 -3.728  1.00 10.74 ? 157 ILE B C   1 
ATOM   1297 O O   . ILE A 1 151 ? -7.987  -12.278 -3.539  1.00 11.14 ? 157 ILE B O   1 
ATOM   1298 C CB  . ILE A 1 151 ? -7.272  -9.505  -5.332  1.00 11.67 ? 157 ILE B CB  1 
ATOM   1299 C CG1 . ILE A 1 151 ? -7.180  -9.047  -6.774  1.00 12.22 ? 157 ILE B CG1 1 
ATOM   1300 C CG2 . ILE A 1 151 ? -5.944  -10.082 -4.825  1.00 11.43 ? 157 ILE B CG2 1 
ATOM   1301 C CD1 . ILE A 1 151 ? -6.263  -7.849  -6.964  1.00 12.54 ? 157 ILE B CD1 1 
ATOM   1302 N N   . TYR A 1 152 ? -8.811  -10.352 -2.728  1.00 10.52 ? 158 TYR B N   1 
ATOM   1303 C CA  . TYR A 1 152 ? -8.674  -10.798 -1.321  1.00 10.21 ? 158 TYR B CA  1 
ATOM   1304 C C   . TYR A 1 152 ? -9.540  -9.897  -0.449  1.00 10.18 ? 158 TYR B C   1 
ATOM   1305 O O   . TYR A 1 152 ? -9.548  -8.663  -0.655  1.00 10.52 ? 158 TYR B O   1 
ATOM   1306 C CB  . TYR A 1 152 ? -7.222  -10.746 -0.816  1.00 10.58 ? 158 TYR B CB  1 
ATOM   1307 C CG  . TYR A 1 152 ? -7.020  -11.469 0.485   1.00 10.35 ? 158 TYR B CG  1 
ATOM   1308 C CD1 . TYR A 1 152 ? -6.906  -12.855 0.558   1.00 10.97 ? 158 TYR B CD1 1 
ATOM   1309 C CD2 . TYR A 1 152 ? -7.022  -10.780 1.695   1.00 10.57 ? 158 TYR B CD2 1 
ATOM   1310 C CE1 . TYR A 1 152 ? -6.794  -13.513 1.773   1.00 11.67 ? 158 TYR B CE1 1 
ATOM   1311 C CE2 . TYR A 1 152 ? -6.875  -11.441 2.909   1.00 11.70 ? 158 TYR B CE2 1 
ATOM   1312 C CZ  . TYR A 1 152 ? -6.815  -12.807 2.959   1.00 11.79 ? 158 TYR B CZ  1 
ATOM   1313 O OH  . TYR A 1 152 ? -6.714  -13.522 4.123   1.00 14.29 ? 158 TYR B OH  1 
ATOM   1314 N N   . THR A 1 153 ? -10.134 -10.495 0.599   1.00 10.50 ? 159 THR B N   1 
ATOM   1315 C CA  . THR A 1 153 ? -10.853 -9.772  1.681   1.00 10.90 ? 159 THR B CA  1 
ATOM   1316 C C   . THR A 1 153 ? -10.285 -10.182 3.027   1.00 11.12 ? 159 THR B C   1 
ATOM   1317 O O   . THR A 1 153 ? -10.366 -11.363 3.417   1.00 11.98 ? 159 THR B O   1 
ATOM   1318 C CB  . THR A 1 153 ? -12.371 -10.031 1.632   1.00 11.19 ? 159 THR B CB  1 
ATOM   1319 O OG1 . THR A 1 153 ? -12.880 -9.376  0.477   1.00 12.01 ? 159 THR B OG1 1 
ATOM   1320 C CG2 . THR A 1 153 ? -13.090 -9.487  2.851   1.00 12.82 ? 159 THR B CG2 1 
ATOM   1321 N N   . PHE A 1 154 ? -9.745  -9.206  3.778   1.00 11.11 ? 160 PHE B N   1 
ATOM   1322 C CA  . PHE A 1 154 ? -9.527  -9.329  5.236   1.00 10.71 ? 160 PHE B CA  1 
ATOM   1323 C C   . PHE A 1 154 ? -10.841 -8.945  5.930   1.00 11.72 ? 160 PHE B C   1 
ATOM   1324 O O   . PHE A 1 154 ? -11.334 -7.833  5.736   1.00 11.41 ? 160 PHE B O   1 
ATOM   1325 C CB  . PHE A 1 154 ? -8.460  -8.359  5.745   1.00 11.73 ? 160 PHE B CB  1 
ATOM   1326 C CG  . PHE A 1 154 ? -7.035  -8.614  5.288   1.00 10.45 ? 160 PHE B CG  1 
ATOM   1327 C CD1 . PHE A 1 154 ? -6.576  -8.057  4.096   1.00 10.48 ? 160 PHE B CD1 1 
ATOM   1328 C CD2 . PHE A 1 154 ? -6.139  -9.299  6.083   1.00 11.30 ? 160 PHE B CD2 1 
ATOM   1329 C CE1 . PHE A 1 154 ? -5.255  -8.233  3.704   1.00 11.21 ? 160 PHE B CE1 1 
ATOM   1330 C CE2 . PHE A 1 154 ? -4.818  -9.473  5.680   1.00 11.74 ? 160 PHE B CE2 1 
ATOM   1331 C CZ  . PHE A 1 154 ? -4.400  -8.939  4.492   1.00 11.03 ? 160 PHE B CZ  1 
ATOM   1332 N N   . SER A 1 155 ? -11.373 -9.855  6.729   1.00 12.83 ? 161 SER B N   1 
ATOM   1333 C CA  . SER A 1 155 ? -12.572 -9.522  7.515   1.00 14.33 ? 161 SER B CA  1 
ATOM   1334 C C   . SER A 1 155 ? -12.267 -9.732  8.999   1.00 14.26 ? 161 SER B C   1 
ATOM   1335 O O   . SER A 1 155 ? -11.215 -10.270 9.356   1.00 15.82 ? 161 SER B O   1 
ATOM   1336 C CB  . SER A 1 155 ? -13.724 -10.338 6.998   1.00 16.75 ? 161 SER B CB  1 
ATOM   1337 O OG  . SER A 1 155 ? -13.569 -11.683 7.357   1.00 19.80 ? 161 SER B OG  1 
ATOM   1338 N N   . GLU A 1 156 ? -13.187 -9.286  9.860   1.00 15.90 ? 162 GLU B N   1 
ATOM   1339 C CA  . GLU A 1 156 ? -12.971 -9.317  11.339  1.00 18.19 ? 162 GLU B CA  1 
ATOM   1340 C C   . GLU A 1 156 ? -11.689 -8.560  11.694  1.00 17.49 ? 162 GLU B C   1 
ATOM   1341 O O   . GLU A 1 156 ? -10.953 -8.976  12.608  1.00 17.79 ? 162 GLU B O   1 
ATOM   1342 C CB  . GLU A 1 156 ? -12.856 -10.747 11.859  1.00 23.95 ? 162 GLU B CB  1 
ATOM   1343 C CG  . GLU A 1 156 ? -14.015 -11.638 11.492  1.00 27.55 ? 162 GLU B CG  1 
ATOM   1344 C CD  . GLU A 1 156 ? -13.910 -12.974 12.215  1.00 39.16 ? 162 GLU B CD  1 
ATOM   1345 O OE1 . GLU A 1 156 ? -13.073 -13.828 11.806  1.00 38.87 ? 162 GLU B OE1 1 
ATOM   1346 O OE2 . GLU A 1 156 ? -14.595 -13.123 13.248  1.00 48.13 ? 162 GLU B OE2 1 
ATOM   1347 N N   . CYS A 1 157 ? -11.398 -7.488  10.960  1.00 14.76 ? 163 CYS B N   1 
ATOM   1348 C CA  . CYS A 1 157 ? -10.163 -6.730  11.215  1.00 13.82 ? 163 CYS B CA  1 
ATOM   1349 C C   . CYS A 1 157 ? -10.260 -6.002  12.559  1.00 15.36 ? 163 CYS B C   1 
ATOM   1350 O O   . CYS A 1 157 ? -11.326 -5.412  12.868  1.00 17.45 ? 163 CYS B O   1 
ATOM   1351 C CB  . CYS A 1 157 ? -9.881  -5.685  10.141  1.00 13.55 ? 163 CYS B CB  1 
ATOM   1352 S SG  . CYS A 1 157 ? -9.545  -6.394  8.499   1.00 13.97 ? 163 CYS B SG  1 
ATOM   1353 N N   . VAL A 1 158 ? -9.156  -5.975  13.288  1.00 14.50 ? 164 VAL B N   1 
ATOM   1354 C CA  . VAL A 1 158 ? -9.137  -5.241  14.571  1.00 15.28 ? 164 VAL B CA  1 
ATOM   1355 C C   . VAL A 1 158 ? -8.195  -4.060  14.341  1.00 13.05 ? 164 VAL B C   1 
ATOM   1356 O O   . VAL A 1 158 ? -6.967  -4.117  14.585  1.00 15.86 ? 164 VAL B O   1 
ATOM   1357 C CB  . VAL A 1 158 ? -8.807  -6.182  15.745  1.00 16.61 ? 164 VAL B CB  1 
ATOM   1358 C CG1 . VAL A 1 158 ? -8.760  -5.351  17.044  1.00 17.82 ? 164 VAL B CG1 1 
ATOM   1359 C CG2 . VAL A 1 158 ? -9.839  -7.293  15.817  1.00 18.67 ? 164 VAL B CG2 1 
ATOM   1360 N N   . PHE A 1 159 ? -8.703  -2.964  13.787  1.00 12.73 ? 165 PHE B N   1 
ATOM   1361 C CA  . PHE A 1 159 ? -7.858  -1.828  13.355  1.00 12.71 ? 165 PHE B CA  1 
ATOM   1362 C C   . PHE A 1 159 ? -7.131  -1.228  14.553  1.00 15.00 ? 165 PHE B C   1 
ATOM   1363 O O   . PHE A 1 159 ? -5.930  -0.926  14.475  1.00 15.10 ? 165 PHE B O   1 
ATOM   1364 C CB  . PHE A 1 159 ? -8.649  -0.841  12.516  1.00 12.91 ? 165 PHE B CB  1 
ATOM   1365 C CG  . PHE A 1 159 ? -9.221  -1.376  11.218  1.00 12.06 ? 165 PHE B CG  1 
ATOM   1366 C CD1 . PHE A 1 159 ? -8.426  -2.090  10.320  1.00 12.26 ? 165 PHE B CD1 1 
ATOM   1367 C CD2 . PHE A 1 159 ? -10.556 -1.188  10.879  1.00 13.96 ? 165 PHE B CD2 1 
ATOM   1368 C CE1 . PHE A 1 159 ? -8.966  -2.579  9.134   1.00 12.45 ? 165 PHE B CE1 1 
ATOM   1369 C CE2 . PHE A 1 159 ? -11.075 -1.649  9.679   1.00 14.17 ? 165 PHE B CE2 1 
ATOM   1370 C CZ  . PHE A 1 159 ? -10.280 -2.352  8.818   1.00 12.80 ? 165 PHE B CZ  1 
ATOM   1371 N N   . ALA A 1 160 ? -7.872  -0.977  15.626  1.00 13.53 ? 166 ALA B N   1 
ATOM   1372 C CA  . ALA A 1 160 ? -7.290  -0.559  16.927  1.00 13.88 ? 166 ALA B CA  1 
ATOM   1373 C C   . ALA A 1 160 ? -6.630  0.817   16.824  1.00 13.76 ? 166 ALA B C   1 
ATOM   1374 O O   . ALA A 1 160 ? -5.715  1.093   17.644  1.00 15.48 ? 166 ALA B O   1 
ATOM   1375 C CB  . ALA A 1 160 ? -6.381  -1.596  17.507  1.00 14.83 ? 166 ALA B CB  1 
ATOM   1376 N N   . GLY A 1 161 ? -7.066  1.665   15.914  1.00 15.00 ? 167 GLY B N   1 
ATOM   1377 C CA  . GLY A 1 161 ? -6.560  3.024   15.727  1.00 14.99 ? 167 GLY B CA  1 
ATOM   1378 C C   . GLY A 1 161 ? -6.901  3.594   14.370  1.00 13.35 ? 167 GLY B C   1 
ATOM   1379 O O   . GLY A 1 161 ? -7.552  2.905   13.535  1.00 13.55 ? 167 GLY B O   1 
ATOM   1380 N N   . PRO A 1 162 ? -6.522  4.843   14.122  1.00 13.40 ? 168 PRO B N   1 
ATOM   1381 C CA  . PRO A 1 162 ? -6.691  5.446   12.809  1.00 12.69 ? 168 PRO B CA  1 
ATOM   1382 C C   . PRO A 1 162 ? -5.870  4.671   11.777  1.00 12.68 ? 168 PRO B C   1 
ATOM   1383 O O   . PRO A 1 162 ? -4.834  4.119   12.126  1.00 12.84 ? 168 PRO B O   1 
ATOM   1384 C CB  . PRO A 1 162 ? -6.212  6.884   12.912  1.00 13.34 ? 168 PRO B CB  1 
ATOM   1385 C CG  . PRO A 1 162 ? -6.074  7.110   14.440  1.00 13.21 ? 168 PRO B CG  1 
ATOM   1386 C CD  . PRO A 1 162 ? -5.858  5.767   15.057  1.00 13.01 ? 168 PRO B CD  1 
ATOM   1387 N N   . LEU A 1 163 ? -6.393  4.632   10.562  1.00 12.26 ? 169 LEU B N   1 
ATOM   1388 C CA  . LEU A 1 163 ? -5.732  3.924   9.432   1.00 11.56 ? 169 LEU B CA  1 
ATOM   1389 C C   . LEU A 1 163 ? -5.133  4.943   8.474   1.00 12.44 ? 169 LEU B C   1 
ATOM   1390 O O   . LEU A 1 163 ? -5.723  6.013   8.222   1.00 13.04 ? 169 LEU B O   1 
ATOM   1391 C CB  . LEU A 1 163 ? -6.736  3.047   8.682   1.00 12.32 ? 169 LEU B CB  1 
ATOM   1392 C CG  . LEU A 1 163 ? -7.262  1.808   9.402   1.00 12.80 ? 169 LEU B CG  1 
ATOM   1393 C CD1 . LEU A 1 163 ? -8.332  1.157   8.555   1.00 13.48 ? 169 LEU B CD1 1 
ATOM   1394 C CD2 . LEU A 1 163 ? -6.143  0.832   9.746   1.00 13.35 ? 169 LEU B CD2 1 
ATOM   1395 N N   . ARG A 1 164 ? -4.003  4.574   7.855   1.00 11.13 ? 170 ARG B N   1 
ATOM   1396 C CA  . ARG A 1 164 ? -3.394  5.335   6.755   1.00 11.42 ? 170 ARG B CA  1 
ATOM   1397 C C   . ARG A 1 164 ? -3.193  4.429   5.540   1.00 9.89  ? 170 ARG B C   1 
ATOM   1398 O O   . ARG A 1 164 ? -2.832  3.258   5.693   1.00 10.48 ? 170 ARG B O   1 
ATOM   1399 C CB  . ARG A 1 164 ? -2.056  5.909   7.213   1.00 12.45 ? 170 ARG B CB  1 
ATOM   1400 C CG  . ARG A 1 164 ? -2.315  6.923   8.335   1.00 14.51 ? 170 ARG B CG  1 
ATOM   1401 C CD  . ARG A 1 164 ? -1.107  7.643   8.880   1.00 16.33 ? 170 ARG B CD  1 
ATOM   1402 N NE  . ARG A 1 164 ? -0.597  8.518   7.864   1.00 14.95 ? 170 ARG B NE  1 
ATOM   1403 C CZ  . ARG A 1 164 ? 0.466   9.273   8.026   1.00 15.74 ? 170 ARG B CZ  1 
ATOM   1404 N NH1 . ARG A 1 164 ? 1.040   9.336   9.207   1.00 16.24 ? 170 ARG B NH1 1 
ATOM   1405 N NH2 . ARG A 1 164 ? 0.882   10.020  7.033   1.00 14.73 ? 170 ARG B NH2 1 
ATOM   1406 N N   . PRO A 1 165 ? -3.368  4.966   4.324   1.00 9.98  ? 171 PRO B N   1 
ATOM   1407 C CA  . PRO A 1 165 ? -2.948  4.220   3.126   1.00 10.19 ? 171 PRO B CA  1 
ATOM   1408 C C   . PRO A 1 165 ? -1.455  3.896   3.215   1.00 9.76  ? 171 PRO B C   1 
ATOM   1409 O O   . PRO A 1 165 ? -0.650  4.673   3.722   1.00 9.91  ? 171 PRO B O   1 
ATOM   1410 C CB  . PRO A 1 165 ? -3.222  5.168   1.963   1.00 11.36 ? 171 PRO B CB  1 
ATOM   1411 C CG  . PRO A 1 165 ? -4.270  6.143   2.524   1.00 12.48 ? 171 PRO B CG  1 
ATOM   1412 C CD  . PRO A 1 165 ? -3.918  6.288   3.988   1.00 12.03 ? 171 PRO B CD  1 
ATOM   1413 N N   . PHE A 1 166 ? -1.087  2.688   2.797   1.00 9.28  ? 172 PHE B N   1 
ATOM   1414 C CA  . PHE A 1 166 ? 0.264   2.105   2.923   1.00 10.26 ? 172 PHE B CA  1 
ATOM   1415 C C   . PHE A 1 166 ? 0.775   1.671   1.547   1.00 9.11  ? 172 PHE B C   1 
ATOM   1416 O O   . PHE A 1 166 ? 0.043   1.036   0.761   1.00 9.50  ? 172 PHE B O   1 
ATOM   1417 C CB  . PHE A 1 166 ? 0.235   0.908   3.872   1.00 10.28 ? 172 PHE B CB  1 
ATOM   1418 C CG  . PHE A 1 166 ? 1.551   0.176   3.972   1.00 10.50 ? 172 PHE B CG  1 
ATOM   1419 C CD1 . PHE A 1 166 ? 2.586   0.716   4.745   1.00 11.44 ? 172 PHE B CD1 1 
ATOM   1420 C CD2 . PHE A 1 166 ? 1.803   -0.958  3.213   1.00 11.16 ? 172 PHE B CD2 1 
ATOM   1421 C CE1 . PHE A 1 166 ? 3.815   0.059   4.780   1.00 11.88 ? 172 PHE B CE1 1 
ATOM   1422 C CE2 . PHE A 1 166 ? 3.043   -1.584  3.249   1.00 10.50 ? 172 PHE B CE2 1 
ATOM   1423 C CZ  . PHE A 1 166 ? 4.030   -1.077  4.040   1.00 11.33 ? 172 PHE B CZ  1 
ATOM   1424 N N   . PHE A 1 167 ? 2.043   1.977   1.276   1.00 9.20  ? 173 PHE B N   1 
ATOM   1425 C CA  . PHE A 1 167 ? 2.695   1.698   -0.027  1.00 9.61  ? 173 PHE B CA  1 
ATOM   1426 C C   . PHE A 1 167 ? 4.112   1.195   0.208   1.00 10.23 ? 173 PHE B C   1 
ATOM   1427 O O   . PHE A 1 167 ? 4.847   1.774   1.053   1.00 10.16 ? 173 PHE B O   1 
ATOM   1428 C CB  . PHE A 1 167 ? 2.768   2.959   -0.889  1.00 9.94  ? 173 PHE B CB  1 
ATOM   1429 C CG  . PHE A 1 167 ? 1.443   3.667   -1.036  1.00 9.73  ? 173 PHE B CG  1 
ATOM   1430 C CD1 . PHE A 1 167 ? 1.040   4.607   -0.106  1.00 10.45 ? 173 PHE B CD1 1 
ATOM   1431 C CD2 . PHE A 1 167 ? 0.611   3.410   -2.126  1.00 11.30 ? 173 PHE B CD2 1 
ATOM   1432 C CE1 . PHE A 1 167 ? -0.212  5.211   -0.187  1.00 10.89 ? 173 PHE B CE1 1 
ATOM   1433 C CE2 . PHE A 1 167 ? -0.586  4.083   -2.248  1.00 11.66 ? 173 PHE B CE2 1 
ATOM   1434 C CZ  . PHE A 1 167 ? -0.988  4.978   -1.283  1.00 11.31 ? 173 PHE B CZ  1 
ATOM   1435 N N   . ASN A 1 168 ? 4.555   0.242   -0.598  1.00 9.97  ? 174 ASN B N   1 
ATOM   1436 C CA  . ASN A 1 168 ? 5.978   -0.161  -0.704  1.00 9.82  ? 174 ASN B CA  1 
ATOM   1437 C C   . ASN A 1 168 ? 6.294   -0.288  -2.192  1.00 10.56 ? 174 ASN B C   1 
ATOM   1438 O O   . ASN A 1 168 ? 5.706   -1.143  -2.826  1.00 10.71 ? 174 ASN B O   1 
ATOM   1439 C CB  . ASN A 1 168 ? 6.258   -1.466  0.051   1.00 10.16 ? 174 ASN B CB  1 
ATOM   1440 C CG  . ASN A 1 168 ? 7.712   -1.862  0.113   1.00 12.04 ? 174 ASN B CG  1 
ATOM   1441 O OD1 . ASN A 1 168 ? 8.552   -1.255  -0.517  1.00 12.46 ? 174 ASN B OD1 1 
ATOM   1442 N ND2 . ASN A 1 168 ? 8.021   -2.857  0.925   1.00 14.26 ? 174 ASN B ND2 1 
ATOM   1443 N N   . VAL A 1 169 ? 7.241   0.515   -2.697  1.00 9.98  ? 175 VAL B N   1 
ATOM   1444 C CA  . VAL A 1 169 ? 7.597   0.428   -4.143  1.00 10.15 ? 175 VAL B CA  1 
ATOM   1445 C C   . VAL A 1 169 ? 8.506   -0.783  -4.400  1.00 11.31 ? 175 VAL B C   1 
ATOM   1446 O O   . VAL A 1 169 ? 8.772   -1.061  -5.593  1.00 11.28 ? 175 VAL B O   1 
ATOM   1447 C CB  . VAL A 1 169 ? 8.251   1.723   -4.670  1.00 11.32 ? 175 VAL B CB  1 
ATOM   1448 C CG1 . VAL A 1 169 ? 7.293   2.883   -4.546  1.00 11.51 ? 175 VAL B CG1 1 
ATOM   1449 C CG2 . VAL A 1 169 ? 9.577   2.027   -3.964  1.00 11.05 ? 175 VAL B CG2 1 
ATOM   1450 N N   . GLY A 1 170 ? 9.052   -1.394  -3.347  1.00 10.90 ? 176 GLY B N   1 
ATOM   1451 C CA  . GLY A 1 170 ? 10.021  -2.508  -3.511  1.00 11.34 ? 176 GLY B CA  1 
ATOM   1452 C C   . GLY A 1 170 ? 11.411  -2.026  -3.869  1.00 11.75 ? 176 GLY B C   1 
ATOM   1453 O O   . GLY A 1 170 ? 11.625  -0.881  -4.278  1.00 11.53 ? 176 GLY B O   1 
ATOM   1454 N N   . PHE A 1 171 ? 12.379  -2.914  -3.637  1.00 13.01 ? 177 PHE B N   1 
ATOM   1455 C CA  . PHE A 1 171 ? 13.790  -2.681  -4.023  1.00 12.48 ? 177 PHE B CA  1 
ATOM   1456 C C   . PHE A 1 171 ? 13.902  -2.836  -5.530  1.00 11.91 ? 177 PHE B C   1 
ATOM   1457 O O   . PHE A 1 171 ? 12.980  -3.304  -6.219  1.00 12.39 ? 177 PHE B O   1 
ATOM   1458 C CB  . PHE A 1 171 ? 14.733  -3.608  -3.259  1.00 13.29 ? 177 PHE B CB  1 
ATOM   1459 C CG  . PHE A 1 171 ? 14.865  -3.298  -1.782  1.00 14.62 ? 177 PHE B CG  1 
ATOM   1460 C CD1 . PHE A 1 171 ? 15.619  -2.222  -1.353  1.00 16.48 ? 177 PHE B CD1 1 
ATOM   1461 C CD2 . PHE A 1 171 ? 14.225  -4.100  -0.862  1.00 16.46 ? 177 PHE B CD2 1 
ATOM   1462 C CE1 . PHE A 1 171 ? 15.715  -1.938  0.013   1.00 17.22 ? 177 PHE B CE1 1 
ATOM   1463 C CE2 . PHE A 1 171 ? 14.334  -3.818  0.492   1.00 16.69 ? 177 PHE B CE2 1 
ATOM   1464 C CZ  . PHE A 1 171 ? 15.096  -2.773  0.910   1.00 16.33 ? 177 PHE B CZ  1 
ATOM   1465 N N   . ASN A 1 172 ? 15.041  -2.415  -6.029  1.00 12.62 ? 178 ASN B N   1 
ATOM   1466 C CA  . ASN A 1 172 ? 15.291  -2.523  -7.486  1.00 11.31 ? 178 ASN B CA  1 
ATOM   1467 C C   . ASN A 1 172 ? 16.694  -3.125  -7.674  1.00 11.68 ? 178 ASN B C   1 
ATOM   1468 O O   . ASN A 1 172 ? 17.508  -2.564  -8.455  1.00 13.89 ? 178 ASN B O   1 
ATOM   1469 C CB  . ASN A 1 172 ? 15.147  -1.181  -8.179  1.00 12.33 ? 178 ASN B CB  1 
ATOM   1470 C CG  . ASN A 1 172 ? 15.274  -1.280  -9.677  1.00 11.65 ? 178 ASN B CG  1 
ATOM   1471 O OD1 . ASN A 1 172 ? 14.918  -2.298  -10.266 1.00 12.95 ? 178 ASN B OD1 1 
ATOM   1472 N ND2 . ASN A 1 172 ? 15.671  -0.181  -10.311 1.00 13.68 ? 178 ASN B ND2 1 
ATOM   1473 N N   . TYR A 1 173 ? 16.968  -4.241  -7.037  1.00 12.49 ? 179 TYR B N   1 
ATOM   1474 C CA  . TYR A 1 173 ? 18.259  -4.965  -7.245  1.00 12.41 ? 179 TYR B CA  1 
ATOM   1475 C C   . TYR A 1 173 ? 18.378  -5.435  -8.693  1.00 13.74 ? 179 TYR B C   1 
ATOM   1476 O O   . TYR A 1 173 ? 19.533  -5.588  -9.215  1.00 14.37 ? 179 TYR B O   1 
ATOM   1477 C CB  . TYR A 1 173 ? 18.359  -6.160  -6.291  1.00 13.16 ? 179 TYR B CB  1 
ATOM   1478 C CG  . TYR A 1 173 ? 18.468  -5.805  -4.836  1.00 15.52 ? 179 TYR B CG  1 
ATOM   1479 C CD1 . TYR A 1 173 ? 19.630  -5.239  -4.328  1.00 19.96 ? 179 TYR B CD1 1 
ATOM   1480 C CD2 . TYR A 1 173 ? 17.412  -6.037  -3.969  1.00 17.00 ? 179 TYR B CD2 1 
ATOM   1481 C CE1 . TYR A 1 173 ? 19.746  -4.871  -2.993  1.00 19.73 ? 179 TYR B CE1 1 
ATOM   1482 C CE2 . TYR A 1 173 ? 17.517  -5.674  -2.622  1.00 18.11 ? 179 TYR B CE2 1 
ATOM   1483 C CZ  . TYR A 1 173 ? 18.674  -5.092  -2.151  1.00 20.01 ? 179 TYR B CZ  1 
ATOM   1484 O OH  . TYR A 1 173 ? 18.793  -4.767  -0.824  1.00 25.81 ? 179 TYR B OH  1 
ATOM   1485 N N   . SER A 1 174 ? 17.268  -5.809  -9.334  1.00 12.68 ? 180 SER B N   1 
ATOM   1486 C CA  . SER A 1 174 ? 17.245  -6.467  -10.662 1.00 13.17 ? 180 SER B CA  1 
ATOM   1487 C C   . SER A 1 174 ? 17.361  -5.456  -11.798 1.00 13.08 ? 180 SER B C   1 
ATOM   1488 O O   . SER A 1 174 ? 17.598  -5.902  -12.958 1.00 15.42 ? 180 SER B O   1 
ATOM   1489 C CB  . SER A 1 174 ? 15.966  -7.218  -10.889 1.00 14.34 ? 180 SER B CB  1 
ATOM   1490 O OG  . SER A 1 174 ? 14.872  -6.284  -10.859 1.00 15.31 ? 180 SER B OG  1 
ATOM   1491 N N   . GLY A 1 175 ? 17.091  -4.189  -11.536 1.00 12.78 ? 181 GLY B N   1 
ATOM   1492 C CA  . GLY A 1 175 ? 16.941  -3.186  -12.602 1.00 13.04 ? 181 GLY B CA  1 
ATOM   1493 C C   . GLY A 1 175 ? 15.634  -3.308  -13.330 1.00 14.04 ? 181 GLY B C   1 
ATOM   1494 O O   . GLY A 1 175 ? 15.420  -2.541  -14.286 1.00 18.24 ? 181 GLY B O   1 
ATOM   1495 N N   . GLY A 1 176 ? 14.739  -4.194  -12.893 1.00 13.02 ? 182 GLY B N   1 
ATOM   1496 C CA  . GLY A 1 176 ? 13.445  -4.338  -13.544 1.00 13.33 ? 182 GLY B CA  1 
ATOM   1497 C C   . GLY A 1 176 ? 12.293  -3.798  -12.695 1.00 13.13 ? 182 GLY B C   1 
ATOM   1498 O O   . GLY A 1 176 ? 11.130  -4.018  -13.116 1.00 14.93 ? 182 GLY B O   1 
ATOM   1499 N N   . ASN A 1 177 ? 12.572  -3.121  -11.583 1.00 11.15 ? 183 ASN B N   1 
ATOM   1500 C CA  . ASN A 1 177 ? 11.486  -2.657  -10.702 1.00 10.73 ? 183 ASN B CA  1 
ATOM   1501 C C   . ASN A 1 177 ? 11.567  -1.148  -10.465 1.00 11.00 ? 183 ASN B C   1 
ATOM   1502 O O   . ASN A 1 177 ? 11.099  -0.676  -9.410  1.00 12.14 ? 183 ASN B O   1 
ATOM   1503 C CB  . ASN A 1 177 ? 11.497  -3.418  -9.387  1.00 11.03 ? 183 ASN B CB  1 
ATOM   1504 C CG  . ASN A 1 177 ? 10.209  -3.223  -8.627  1.00 11.36 ? 183 ASN B CG  1 
ATOM   1505 O OD1 . ASN A 1 177 ? 9.145   -3.209  -9.241  1.00 11.94 ? 183 ASN B OD1 1 
ATOM   1506 N ND2 . ASN A 1 177 ? 10.316  -3.197  -7.314  1.00 11.70 ? 183 ASN B ND2 1 
ATOM   1507 N N   . ALA A 1 178 ? 12.041  -0.356  -11.413 1.00 11.54 ? 184 ALA B N   1 
ATOM   1508 C CA  . ALA A 1 178 ? 12.152  1.113   -11.214 1.00 11.29 ? 184 ALA B CA  1 
ATOM   1509 C C   . ALA A 1 178 ? 10.807  1.829   -11.328 1.00 11.54 ? 184 ALA B C   1 
ATOM   1510 O O   . ALA A 1 178 ? 10.718  2.980   -10.881 1.00 13.19 ? 184 ALA B O   1 
ATOM   1511 C CB  . ALA A 1 178 ? 13.133  1.691   -12.238 1.00 11.94 ? 184 ALA B CB  1 
ATOM   1512 N N   . ALA A 1 179 ? 9.803   1.196   -11.957 1.00 11.78 ? 185 ALA B N   1 
ATOM   1513 C CA  . ALA A 1 179 ? 8.529   1.894   -12.248 1.00 11.37 ? 185 ALA B CA  1 
ATOM   1514 C C   . ALA A 1 179 ? 7.884   2.399   -10.942 1.00 11.74 ? 185 ALA B C   1 
ATOM   1515 O O   . ALA A 1 179 ? 8.028   1.795   -9.868  1.00 11.46 ? 185 ALA B O   1 
ATOM   1516 C CB  . ALA A 1 179 ? 7.582   1.018   -13.026 1.00 11.62 ? 185 ALA B CB  1 
ATOM   1517 N N   . PRO A 1 180 ? 7.128   3.504   -11.025 1.00 11.54 ? 186 PRO B N   1 
ATOM   1518 C CA  . PRO A 1 180 ? 6.470   4.070   -9.855  1.00 10.95 ? 186 PRO B CA  1 
ATOM   1519 C C   . PRO A 1 180 ? 5.189   3.310   -9.475  1.00 10.64 ? 186 PRO B C   1 
ATOM   1520 O O   . PRO A 1 180 ? 4.571   2.608   -10.274 1.00 11.54 ? 186 PRO B O   1 
ATOM   1521 C CB  . PRO A 1 180 ? 6.101   5.479   -10.317 1.00 12.48 ? 186 PRO B CB  1 
ATOM   1522 C CG  . PRO A 1 180 ? 5.840   5.324   -11.809 1.00 14.05 ? 186 PRO B CG  1 
ATOM   1523 C CD  . PRO A 1 180 ? 6.884   4.297   -12.238 1.00 12.88 ? 186 PRO B CD  1 
ATOM   1524 N N   . LEU A 1 181 ? 4.769   3.533   -8.218  1.00 10.65 ? 187 LEU B N   1 
ATOM   1525 C CA  . LEU A 1 181 ? 3.351   3.399   -7.829  1.00 10.60 ? 187 LEU B CA  1 
ATOM   1526 C C   . LEU A 1 181 ? 2.673   4.745   -8.113  1.00 11.00 ? 187 LEU B C   1 
ATOM   1527 O O   . LEU A 1 181 ? 3.257   5.791   -7.750  1.00 11.96 ? 187 LEU B O   1 
ATOM   1528 C CB  . LEU A 1 181 ? 3.259   3.026   -6.357  1.00 10.99 ? 187 LEU B CB  1 
ATOM   1529 C CG  . LEU A 1 181 ? 3.791   1.647   -5.959  1.00 11.52 ? 187 LEU B CG  1 
ATOM   1530 C CD1 . LEU A 1 181 ? 3.756   1.476   -4.442  1.00 11.88 ? 187 LEU B CD1 1 
ATOM   1531 C CD2 . LEU A 1 181 ? 3.013   0.519   -6.607  1.00 13.34 ? 187 LEU B CD2 1 
ATOM   1532 N N   . LYS A 1 182 ? 1.486   4.719   -8.708  1.00 11.42 ? 188 LYS B N   1 
ATOM   1533 C CA  . LYS A 1 182 ? 0.749   5.976   -9.006  1.00 12.14 ? 188 LYS B CA  1 
ATOM   1534 C C   . LYS A 1 182 ? -0.666  5.883   -8.482  1.00 12.58 ? 188 LYS B C   1 
ATOM   1535 O O   . LYS A 1 182 ? -1.372  4.884   -8.791  1.00 13.35 ? 188 LYS B O   1 
ATOM   1536 C CB  . LYS A 1 182 ? 0.695   6.244   -10.514 1.00 14.95 ? 188 LYS B CB  1 
ATOM   1537 C CG  . LYS A 1 182 ? 1.997   6.159   -11.268 1.00 18.05 ? 188 LYS B CG  1 
ATOM   1538 C CD  . LYS A 1 182 ? 1.807   6.543   -12.731 1.00 21.38 ? 188 LYS B CD  1 
ATOM   1539 C CE  . LYS A 1 182 ? 3.061   6.376   -13.555 1.00 26.71 ? 188 LYS B CE  1 
ATOM   1540 N NZ  . LYS A 1 182 ? 2.823   6.811   -14.955 1.00 31.97 ? 188 LYS B NZ  1 
ATOM   1541 N N   . LEU A 1 183 ? -1.121  6.909   -7.803  1.00 13.21 ? 189 LEU B N   1 
ATOM   1542 C CA  . LEU A 1 183 ? -2.555  6.988   -7.425  1.00 13.47 ? 189 LEU B CA  1 
ATOM   1543 C C   . LEU A 1 183 ? -3.346  7.401   -8.667  1.00 15.00 ? 189 LEU B C   1 
ATOM   1544 O O   . LEU A 1 183 ? -3.071  8.485   -9.227  1.00 18.33 ? 189 LEU B O   1 
ATOM   1545 C CB  . LEU A 1 183 ? -2.716  7.943   -6.246  1.00 14.96 ? 189 LEU B CB  1 
ATOM   1546 C CG  . LEU A 1 183 ? -2.249  7.283   -4.949  1.00 15.62 ? 189 LEU B CG  1 
ATOM   1547 C CD1 . LEU A 1 183 ? -1.645  8.236   -3.922  1.00 20.09 ? 189 LEU B CD1 1 
ATOM   1548 C CD2 . LEU A 1 183 ? -3.343  6.376   -4.373  1.00 13.43 ? 189 LEU B CD2 1 
ATOM   1549 N N   . CYS A 1 184 ? -4.316  6.585   -9.043  1.00 16.20 ? 190 CYS B N   1 
ATOM   1550 C CA  . CYS A 1 184 ? -5.105  6.787   -10.296 1.00 18.11 ? 190 CYS B CA  1 
ATOM   1551 C C   . CYS A 1 184 ? -6.193  7.810   -10.062 1.00 21.40 ? 190 CYS B C   1 
ATOM   1552 O O   . CYS A 1 184 ? -6.832  7.859   -9.020  1.00 19.47 ? 190 CYS B O   1 
ATOM   1553 C CB  . CYS A 1 184 ? -5.843  5.531   -10.709 1.00 18.87 ? 190 CYS B CB  1 
ATOM   1554 S SG  . CYS A 1 184 ? -4.813  4.068   -10.781 1.00 21.38 ? 190 CYS B SG  1 
ATOM   1555 N N   . PRO A 1 185 ? -6.519  8.593   -11.107 1.00 25.34 ? 191 PRO B N   1 
ATOM   1556 C CA  . PRO A 1 185 ? -7.596  9.559   -11.000 1.00 28.71 ? 191 PRO B CA  1 
ATOM   1557 C C   . PRO A 1 185 ? -8.945  8.848   -10.841 1.00 27.52 ? 191 PRO B C   1 
ATOM   1558 O O   . PRO A 1 185 ? -9.111  7.748   -11.348 1.00 28.78 ? 191 PRO B O   1 
ATOM   1559 C CB  . PRO A 1 185 ? -7.463  10.341  -12.327 1.00 29.21 ? 191 PRO B CB  1 
ATOM   1560 C CG  . PRO A 1 185 ? -6.781  9.398   -13.290 1.00 30.40 ? 191 PRO B CG  1 
ATOM   1561 C CD  . PRO A 1 185 ? -5.861  8.567   -12.427 1.00 27.19 ? 191 PRO B CD  1 
ATOM   1562 N N   . LEU A 1 186 ? -9.820  9.492   -10.074 1.00 31.91 ? 192 LEU B N   1 
ATOM   1563 C CA  . LEU A 1 186 ? -11.262 9.209   -9.853  1.00 38.68 ? 192 LEU B CA  1 
ATOM   1564 C C   . LEU A 1 186 ? -12.037 9.303   -11.173 1.00 42.43 ? 192 LEU B C   1 
ATOM   1565 O O   . LEU A 1 186 ? -13.132 8.713   -11.248 1.00 45.05 ? 192 LEU B O   1 
ATOM   1566 C CB  . LEU A 1 186 ? -11.793 10.260  -8.868  1.00 41.25 ? 192 LEU B CB  1 
HETATM 1567 C C1  . EDO B 2 .   ? 18.141  -1.705  -4.637  1.00 35.37 ? 201 EDO B C1  1 
HETATM 1568 O O1  . EDO B 2 .   ? 17.037  -0.848  -4.757  1.00 23.56 ? 201 EDO B O1  1 
HETATM 1569 C C2  . EDO B 2 .   ? 18.909  -1.563  -3.373  1.00 41.04 ? 201 EDO B C2  1 
HETATM 1570 O O2  . EDO B 2 .   ? 19.463  -0.276  -3.167  1.00 52.07 ? 201 EDO B O2  1 
HETATM 1571 N N1  . O1M C 3 .   ? 11.781  6.389   -14.161 0.78 27.23 ? 202 O1M B N1  1 
HETATM 1572 C C4  . O1M C 3 .   ? 10.403  6.836   -14.314 0.78 26.57 ? 202 O1M B C4  1 
HETATM 1573 C C5  . O1M C 3 .   ? 8.924   3.587   -15.560 0.78 22.36 ? 202 O1M B C5  1 
HETATM 1574 C C6  . O1M C 3 .   ? 7.554   3.887   -15.688 0.78 20.80 ? 202 O1M B C6  1 
HETATM 1575 C C7  . O1M C 3 .   ? 6.652   2.942   -16.165 0.78 21.97 ? 202 O1M B C7  1 
HETATM 1576 C C8  . O1M C 3 .   ? 7.125   1.705   -16.511 0.78 19.96 ? 202 O1M B C8  1 
HETATM 1577 C C10 . O1M C 3 .   ? 9.351   2.307   -15.956 0.78 21.61 ? 202 O1M B C10 1 
HETATM 1578 N N   . O1M C 3 .   ? 12.845  8.366   -14.642 0.78 30.68 ? 202 O1M B N   1 
HETATM 1579 C C   . O1M C 3 .   ? 12.920  7.085   -14.300 0.78 28.29 ? 202 O1M B C   1 
HETATM 1580 O O   . O1M C 3 .   ? 14.004  6.551   -14.051 0.78 32.54 ? 202 O1M B O   1 
HETATM 1581 C C1  . O1M C 3 .   ? 11.824  5.006   -13.722 0.78 27.43 ? 202 O1M B C1  1 
HETATM 1582 C C2  . O1M C 3 .   ? 11.215  4.126   -14.783 0.78 24.95 ? 202 O1M B C2  1 
HETATM 1583 C C3  . O1M C 3 .   ? 9.602   5.957   -15.256 0.78 25.35 ? 202 O1M B C3  1 
HETATM 1584 C C9  . O1M C 3 .   ? 8.452   1.375   -16.438 0.78 21.25 ? 202 O1M B C9  1 
HETATM 1585 F F   . O1M C 3 .   ? 6.262   0.764   -16.976 0.78 26.75 ? 202 O1M B F   1 
HETATM 1586 N N2  . O1M C 3 .   ? 9.841   4.510   -15.133 0.78 22.90 ? 202 O1M B N2  1 
HETATM 1587 C C1  . EDO D 2 .   ? 21.398  -3.605  12.342  1.00 32.46 ? 203 EDO B C1  1 
HETATM 1588 O O1  . EDO D 2 .   ? 20.186  -2.959  12.007  1.00 24.56 ? 203 EDO B O1  1 
HETATM 1589 C C2  . EDO D 2 .   ? 21.451  -4.969  11.791  1.00 30.84 ? 203 EDO B C2  1 
HETATM 1590 O O2  . EDO D 2 .   ? 21.862  -4.950  10.452  1.00 40.62 ? 203 EDO B O2  1 
HETATM 1591 S S   . SO4 E 4 .   ? 7.914   -9.782  13.276  1.00 40.38 ? 204 SO4 B S   1 
HETATM 1592 O O1  . SO4 E 4 .   ? 7.706   -8.391  12.976  1.00 24.35 ? 204 SO4 B O1  1 
HETATM 1593 O O2  . SO4 E 4 .   ? 8.797   -9.906  14.392  1.00 45.35 ? 204 SO4 B O2  1 
HETATM 1594 O O3  . SO4 E 4 .   ? 6.644   -10.410 13.582  1.00 44.54 ? 204 SO4 B O3  1 
HETATM 1595 O O4  . SO4 E 4 .   ? 8.512   -10.442 12.135  1.00 42.81 ? 204 SO4 B O4  1 
HETATM 1596 O O   . HOH F 5 .   ? 5.778   -14.386 -3.364  1.00 32.51 ? 301 HOH B O   1 
HETATM 1597 O O   . HOH F 5 .   ? -5.641  -2.115  -16.150 1.00 26.52 ? 302 HOH B O   1 
HETATM 1598 O O   . HOH F 5 .   ? 22.781  10.698  -2.935  1.00 26.15 ? 303 HOH B O   1 
HETATM 1599 O O   . HOH F 5 .   ? 17.726  9.154   -8.287  1.00 32.00 ? 304 HOH B O   1 
HETATM 1600 O O   . HOH F 5 .   ? -5.501  -6.004  16.076  1.00 23.89 ? 305 HOH B O   1 
HETATM 1601 O O   . HOH F 5 .   ? -18.462 7.169   1.423   1.00 42.80 ? 306 HOH B O   1 
HETATM 1602 O O   . HOH F 5 .   ? 21.458  2.559   -6.575  1.00 47.83 ? 307 HOH B O   1 
HETATM 1603 O O   . HOH F 5 .   ? -18.389 7.628   8.877   1.00 44.27 ? 308 HOH B O   1 
HETATM 1604 O O   . HOH F 5 .   ? 10.680  -8.050  -15.221 1.00 34.28 ? 309 HOH B O   1 
HETATM 1605 O O   . HOH F 5 .   ? 4.027   9.568   10.624  1.00 21.37 ? 310 HOH B O   1 
HETATM 1606 O O   . HOH F 5 .   ? -12.554 1.264   -11.384 1.00 30.54 ? 311 HOH B O   1 
HETATM 1607 O O   . HOH F 5 .   ? 10.073  13.141  -2.256  1.00 18.54 ? 312 HOH B O   1 
HETATM 1608 O O   . HOH F 5 .   ? -9.402  6.473   15.608  1.00 17.14 ? 313 HOH B O   1 
HETATM 1609 O O   . HOH F 5 .   ? 2.842   -11.753 7.049   1.00 24.34 ? 314 HOH B O   1 
HETATM 1610 O O   . HOH F 5 .   ? -9.831  -10.846 14.014  1.00 39.00 ? 315 HOH B O   1 
HETATM 1611 O O   . HOH F 5 .   ? -3.505  -0.163  -17.690 1.00 33.84 ? 316 HOH B O   1 
HETATM 1612 O O   . HOH F 5 .   ? -15.610 4.439   13.693  1.00 16.07 ? 317 HOH B O   1 
HETATM 1613 O O   . HOH F 5 .   ? 12.733  4.644   -10.144 1.00 17.42 ? 318 HOH B O   1 
HETATM 1614 O O   . HOH F 5 .   ? -15.548 -12.949 8.491   1.00 29.15 ? 319 HOH B O   1 
HETATM 1615 O O   . HOH F 5 .   ? 16.503  -7.682  -14.546 1.00 26.61 ? 320 HOH B O   1 
HETATM 1616 O O   . HOH F 5 .   ? 21.655  -4.545  -8.063  1.00 26.02 ? 321 HOH B O   1 
HETATM 1617 O O   . HOH F 5 .   ? -2.850  3.558   16.751  1.00 26.98 ? 322 HOH B O   1 
HETATM 1618 O O   . HOH F 5 .   ? 17.670  19.080  1.457   1.00 29.41 ? 323 HOH B O   1 
HETATM 1619 O O   . HOH F 5 .   ? 5.769   -4.102  14.638  1.00 30.83 ? 324 HOH B O   1 
HETATM 1620 O O   . HOH F 5 .   ? -10.156 -9.711  -18.085 1.00 39.15 ? 325 HOH B O   1 
HETATM 1621 O O   . HOH F 5 .   ? -18.641 -3.354  3.593   1.00 28.55 ? 326 HOH B O   1 
HETATM 1622 O O   . HOH F 5 .   ? -15.459 -9.780  -0.067  1.00 17.09 ? 327 HOH B O   1 
HETATM 1623 O O   . HOH F 5 .   ? -15.739 -8.110  9.441   1.00 20.39 ? 328 HOH B O   1 
HETATM 1624 O O   . HOH F 5 .   ? 0.858   -6.838  -10.850 1.00 13.77 ? 329 HOH B O   1 
HETATM 1625 O O   . HOH F 5 .   ? 10.038  5.808   15.138  1.00 26.31 ? 330 HOH B O   1 
HETATM 1626 O O   . HOH F 5 .   ? 2.747   -13.565 -12.080 1.00 45.59 ? 331 HOH B O   1 
HETATM 1627 O O   . HOH F 5 .   ? 0.290   -0.210  16.825  1.00 24.20 ? 332 HOH B O   1 
HETATM 1628 O O   . HOH F 5 .   ? -15.534 -5.792  0.589   1.00 25.76 ? 333 HOH B O   1 
HETATM 1629 O O   . HOH F 5 .   ? 20.026  7.791   8.965   1.00 17.28 ? 334 HOH B O   1 
HETATM 1630 O O   . HOH F 5 .   ? 11.649  0.156   -6.904  1.00 13.97 ? 335 HOH B O   1 
HETATM 1631 O O   . HOH F 5 .   ? -0.862  -7.444  6.005   1.00 12.74 ? 336 HOH B O   1 
HETATM 1632 O O   . HOH F 5 .   ? -7.047  8.624   -4.712  1.00 18.84 ? 337 HOH B O   1 
HETATM 1633 O O   . HOH F 5 .   ? -20.814 -1.606  6.912   1.00 32.44 ? 338 HOH B O   1 
HETATM 1634 O O   . HOH F 5 .   ? 1.462   -20.099 3.888   1.00 37.16 ? 339 HOH B O   1 
HETATM 1635 O O   . HOH F 5 .   ? -4.766  -7.066  14.084  1.00 29.71 ? 340 HOH B O   1 
HETATM 1636 O O   . HOH F 5 .   ? -6.756  6.538   -6.646  1.00 16.01 ? 341 HOH B O   1 
HETATM 1637 O O   . HOH F 5 .   ? 3.580   -11.063 12.438  1.00 35.99 ? 342 HOH B O   1 
HETATM 1638 O O   . HOH F 5 .   ? 9.775   -4.957  -15.280 1.00 31.90 ? 343 HOH B O   1 
HETATM 1639 O O   . HOH F 5 .   ? 15.928  -4.123  4.408   1.00 32.50 ? 344 HOH B O   1 
HETATM 1640 O O   . HOH F 5 .   ? 7.628   -10.529 -9.814  1.00 15.87 ? 345 HOH B O   1 
HETATM 1641 O O   . HOH F 5 .   ? 10.341  15.172  -5.419  1.00 20.56 ? 346 HOH B O   1 
HETATM 1642 O O   . HOH F 5 .   ? -0.656  -0.265  -17.882 1.00 22.85 ? 347 HOH B O   1 
HETATM 1643 O O   . HOH F 5 .   ? -7.511  -12.695 6.603   1.00 17.87 ? 348 HOH B O   1 
HETATM 1644 O O   . HOH F 5 .   ? -19.092 5.459   9.471   1.00 49.19 ? 349 HOH B O   1 
HETATM 1645 O O   . HOH F 5 .   ? -18.998 1.959   7.420   1.00 29.72 ? 350 HOH B O   1 
HETATM 1646 O O   . HOH F 5 .   ? 6.110   -1.980  11.497  1.00 35.02 ? 351 HOH B O   1 
HETATM 1647 O O   . HOH F 5 .   ? 9.846   -1.376  -13.555 1.00 15.70 ? 352 HOH B O   1 
HETATM 1648 O O   . HOH F 5 .   ? 3.920   -2.266  14.069  1.00 18.58 ? 353 HOH B O   1 
HETATM 1649 O O   . HOH F 5 .   ? -2.604  16.246  -5.668  1.00 33.42 ? 354 HOH B O   1 
HETATM 1650 O O   . HOH F 5 .   ? 0.055   12.102  -11.171 1.00 29.06 ? 355 HOH B O   1 
HETATM 1651 O O   . HOH F 5 .   ? 15.290  6.351   9.102   1.00 28.45 ? 356 HOH B O   1 
HETATM 1652 O O   . HOH F 5 .   ? -7.538  -16.579 -3.712  1.00 16.51 ? 357 HOH B O   1 
HETATM 1653 O O   . HOH F 5 .   ? 12.319  10.494  0.451   1.00 20.48 ? 358 HOH B O   1 
HETATM 1654 O O   . HOH F 5 .   ? 4.235   2.026   -13.071 1.00 22.26 ? 359 HOH B O   1 
HETATM 1655 O O   . HOH F 5 .   ? -12.432 -2.562  -14.095 1.00 32.14 ? 360 HOH B O   1 
HETATM 1656 O O   . HOH F 5 .   ? 5.138   18.219  -3.336  1.00 32.48 ? 361 HOH B O   1 
HETATM 1657 O O   . HOH F 5 .   ? 7.267   -17.014 -5.884  1.00 25.32 ? 362 HOH B O   1 
HETATM 1658 O O   . HOH F 5 .   ? 18.754  11.323  6.096   1.00 24.64 ? 363 HOH B O   1 
HETATM 1659 O O   . HOH F 5 .   ? -11.744 10.429  14.726  1.00 29.40 ? 364 HOH B O   1 
HETATM 1660 O O   . HOH F 5 .   ? 17.572  -3.692  11.352  1.00 14.16 ? 365 HOH B O   1 
HETATM 1661 O O   . HOH F 5 .   ? 11.879  -0.060  8.753   1.00 13.86 ? 366 HOH B O   1 
HETATM 1662 O O   . HOH F 5 .   ? -9.041  9.339   15.045  1.00 30.52 ? 367 HOH B O   1 
HETATM 1663 O O   . HOH F 5 .   ? -14.005 8.542   14.078  1.00 30.25 ? 368 HOH B O   1 
HETATM 1664 O O   . HOH F 5 .   ? 10.165  2.372   -7.781  1.00 12.68 ? 369 HOH B O   1 
HETATM 1665 O O   . HOH F 5 .   ? -11.743 -4.834  -17.149 1.00 35.64 ? 370 HOH B O   1 
HETATM 1666 O O   . HOH F 5 .   ? 3.080   -5.195  -10.934 1.00 11.79 ? 371 HOH B O   1 
HETATM 1667 O O   . HOH F 5 .   ? 8.565   -17.000 -14.130 1.00 38.17 ? 372 HOH B O   1 
HETATM 1668 O O   . HOH F 5 .   ? -10.889 0.977   16.291  1.00 19.15 ? 373 HOH B O   1 
HETATM 1669 O O   . HOH F 5 .   ? -0.997  9.695   -10.706 1.00 30.43 ? 374 HOH B O   1 
HETATM 1670 O O   . HOH F 5 .   ? -12.498 -13.124 -8.047  1.00 17.19 ? 375 HOH B O   1 
HETATM 1671 O O   . HOH F 5 .   ? -6.955  -14.276 -5.247  1.00 16.43 ? 376 HOH B O   1 
HETATM 1672 O O   . HOH F 5 .   ? 15.492  -4.772  13.406  1.00 23.20 ? 377 HOH B O   1 
HETATM 1673 O O   . HOH F 5 .   ? -8.406  9.690   12.240  1.00 29.36 ? 378 HOH B O   1 
HETATM 1674 O O   . HOH F 5 .   ? 20.696  5.655   3.058   1.00 25.64 ? 379 HOH B O   1 
HETATM 1675 O O   . HOH F 5 .   ? -8.249  -11.098 -10.096 1.00 18.85 ? 380 HOH B O   1 
HETATM 1676 O O   . HOH F 5 .   ? 14.936  17.445  4.778   1.00 34.70 ? 381 HOH B O   1 
HETATM 1677 O O   . HOH F 5 .   ? -8.343  -14.854 -10.546 1.00 30.92 ? 382 HOH B O   1 
HETATM 1678 O O   . HOH F 5 .   ? 10.480  -10.085 -7.274  1.00 20.54 ? 383 HOH B O   1 
HETATM 1679 O O   . HOH F 5 .   ? 17.672  5.657   9.064   1.00 33.44 ? 384 HOH B O   1 
HETATM 1680 O O   . HOH F 5 .   ? -15.881 -8.617  -11.713 1.00 41.73 ? 385 HOH B O   1 
HETATM 1681 O O   . HOH F 5 .   ? -12.229 9.327   9.509   1.00 28.61 ? 386 HOH B O   1 
HETATM 1682 O O   . HOH F 5 .   ? 12.718  15.245  7.977   1.00 24.54 ? 387 HOH B O   1 
HETATM 1683 O O   . HOH F 5 .   ? 12.217  -9.850  -9.867  1.00 25.43 ? 388 HOH B O   1 
HETATM 1684 O O   . HOH F 5 .   ? 7.873   10.235  -8.389  1.00 21.98 ? 389 HOH B O   1 
HETATM 1685 O O   . HOH F 5 .   ? 15.211  4.656   -12.225 1.00 28.00 ? 390 HOH B O   1 
HETATM 1686 O O   . HOH F 5 .   ? -6.984  -7.614  12.293  1.00 17.41 ? 391 HOH B O   1 
HETATM 1687 O O   . HOH F 5 .   ? -2.660  1.885   -0.494  1.00 13.07 ? 392 HOH B O   1 
HETATM 1688 O O   . HOH F 5 .   ? 4.989   4.931   14.841  1.00 34.70 ? 393 HOH B O   1 
HETATM 1689 O O   . HOH F 5 .   ? 5.084   1.642   17.258  1.00 40.51 ? 394 HOH B O   1 
HETATM 1690 O O   . HOH F 5 .   ? 15.938  -5.123  6.841   1.00 31.07 ? 395 HOH B O   1 
HETATM 1691 O O   . HOH F 5 .   ? -18.464 6.534   4.375   1.00 29.23 ? 396 HOH B O   1 
HETATM 1692 O O   . HOH F 5 .   ? -10.310 -12.575 6.713   1.00 22.71 ? 397 HOH B O   1 
HETATM 1693 O O   . HOH F 5 .   ? 17.722  1.662   -6.104  1.00 31.85 ? 398 HOH B O   1 
HETATM 1694 O O   . HOH F 5 .   ? 16.473  2.168   -8.742  1.00 38.49 ? 399 HOH B O   1 
HETATM 1695 O O   . HOH F 5 .   ? 7.426   -6.813  2.216   1.00 34.61 ? 400 HOH B O   1 
HETATM 1696 O O   . HOH F 5 .   ? 6.943   8.892   -10.596 1.00 25.01 ? 401 HOH B O   1 
HETATM 1697 O O   . HOH F 5 .   ? -7.726  -12.392 -12.627 1.00 24.54 ? 402 HOH B O   1 
HETATM 1698 O O   . HOH F 5 .   ? -8.168  -12.822 -7.887  1.00 15.82 ? 403 HOH B O   1 
HETATM 1699 O O   . HOH F 5 .   ? -0.079  -15.784 -7.166  1.00 22.85 ? 404 HOH B O   1 
HETATM 1700 O O   . HOH F 5 .   ? 1.286   15.402  3.178   1.00 38.44 ? 405 HOH B O   1 
HETATM 1701 O O   . HOH F 5 .   ? 19.364  13.745  9.634   1.00 24.73 ? 406 HOH B O   1 
HETATM 1702 O O   . HOH F 5 .   ? -14.036 -6.632  12.890  1.00 28.57 ? 407 HOH B O   1 
HETATM 1703 O O   . HOH F 5 .   ? -11.438 12.796  -1.015  1.00 34.45 ? 408 HOH B O   1 
HETATM 1704 O O   . HOH F 5 .   ? -14.976 -11.449 -8.084  1.00 24.06 ? 409 HOH B O   1 
HETATM 1705 O O   . HOH F 5 .   ? 10.818  14.687  3.061   1.00 23.89 ? 410 HOH B O   1 
HETATM 1706 O O   . HOH F 5 .   ? -6.961  12.970  7.253   1.00 26.21 ? 411 HOH B O   1 
HETATM 1707 O O   . HOH F 5 .   ? 10.568  -4.418  1.160   1.00 29.51 ? 412 HOH B O   1 
HETATM 1708 O O   . HOH F 5 .   ? 21.066  6.250   -12.038 1.00 40.63 ? 413 HOH B O   1 
HETATM 1709 O O   . HOH F 5 .   ? 17.033  0.342   -12.957 1.00 22.91 ? 414 HOH B O   1 
HETATM 1710 O O   . HOH F 5 .   ? 3.168   -10.876 -12.384 1.00 29.50 ? 415 HOH B O   1 
HETATM 1711 O O   . HOH F 5 .   ? -15.910 -8.116  -7.606  1.00 35.69 ? 416 HOH B O   1 
HETATM 1712 O O   . HOH F 5 .   ? -14.060 10.073  11.808  1.00 37.08 ? 417 HOH B O   1 
HETATM 1713 O O   . HOH F 5 .   ? 7.469   15.964  -9.912  1.00 32.10 ? 418 HOH B O   1 
HETATM 1714 O O   . HOH F 5 .   ? 14.806  6.255   5.612   1.00 21.31 ? 419 HOH B O   1 
HETATM 1715 O O   . HOH F 5 .   ? 3.526   15.938  -10.210 1.00 27.87 ? 420 HOH B O   1 
HETATM 1716 O O   . HOH F 5 .   ? 23.118  6.841   -0.977  0.50 32.41 ? 421 HOH B O   1 
HETATM 1717 O O   . HOH F 5 .   ? 11.552  -5.897  -3.188  1.00 13.32 ? 422 HOH B O   1 
HETATM 1718 O O   . HOH F 5 .   ? -3.879  11.599  -10.366 1.00 39.16 ? 423 HOH B O   1 
HETATM 1719 O O   . HOH F 5 .   ? 4.848   9.987   17.541  1.00 37.75 ? 424 HOH B O   1 
HETATM 1720 O O   . HOH F 5 .   ? 18.907  13.259  -6.041  1.00 32.79 ? 425 HOH B O   1 
HETATM 1721 O O   . HOH F 5 .   ? 2.769   -1.056  16.465  1.00 32.70 ? 426 HOH B O   1 
HETATM 1722 O O   . HOH F 5 .   ? 5.790   -10.761 -11.928 1.00 29.94 ? 427 HOH B O   1 
HETATM 1723 O O   . HOH F 5 .   ? -13.190 -1.950  -11.674 1.00 36.07 ? 428 HOH B O   1 
HETATM 1724 O O   . HOH F 5 .   ? 1.021   19.628  -8.465  1.00 35.36 ? 429 HOH B O   1 
HETATM 1725 O O   . HOH F 5 .   ? -20.813 5.345   12.097  1.00 34.25 ? 430 HOH B O   1 
HETATM 1726 O O   . HOH F 5 .   ? -7.277  -10.250 11.807  1.00 37.34 ? 431 HOH B O   1 
HETATM 1727 O O   . HOH F 5 .   ? -1.704  8.623   -13.136 1.00 39.87 ? 432 HOH B O   1 
HETATM 1728 O O   . HOH F 5 .   ? 15.669  19.501  3.166   1.00 41.12 ? 433 HOH B O   1 
HETATM 1729 O O   . HOH F 5 .   ? 12.380  6.304   16.352  1.00 43.61 ? 434 HOH B O   1 
HETATM 1730 O O   . HOH F 5 .   ? -16.839 -8.187  1.935   1.00 30.77 ? 435 HOH B O   1 
HETATM 1731 O O   . HOH F 5 .   ? -6.363  -14.243 8.485   1.00 27.84 ? 436 HOH B O   1 
HETATM 1732 O O   . HOH F 5 .   ? 3.842   5.599   18.324  1.00 38.75 ? 437 HOH B O   1 
HETATM 1733 O O   . HOH F 5 .   ? -7.640  -10.211 15.666  1.00 30.53 ? 438 HOH B O   1 
HETATM 1734 O O   . HOH F 5 .   ? 11.945  -6.441  1.935   1.00 35.86 ? 439 HOH B O   1 
# 
